data_1B22
#
_entry.id   1B22
#
_cell.length_a   1.000
_cell.length_b   1.000
_cell.length_c   1.000
_cell.angle_alpha   90.00
_cell.angle_beta   90.00
_cell.angle_gamma   90.00
#
_symmetry.space_group_name_H-M   'P 1'
#
_entity_poly.entity_id   1
_entity_poly.type   'polypeptide(L)'
_entity_poly.pdbx_seq_one_letter_code
;MAMQMQLEANADTSVEEESFGPQPISRLEQCGINANDVKKLEEAGFHTVEAVAYAPKKELINIKGISEAKADKILAEAAK
LVPMGFTTATEFHQRRSEIIQITTGSKELDKLLQ
;
_entity_poly.pdbx_strand_id   A
#
# COMPACT_ATOMS: atom_id res chain seq x y z
N GLU A 16 11.45 5.44 -9.43
CA GLU A 16 10.38 6.25 -8.78
C GLU A 16 10.36 5.99 -7.28
N GLU A 17 9.90 6.93 -6.51
CA GLU A 17 9.85 6.74 -5.02
C GLU A 17 8.56 7.33 -4.46
N GLU A 18 7.83 6.58 -3.68
CA GLU A 18 6.57 7.11 -3.09
C GLU A 18 5.60 7.49 -4.22
N SER A 19 4.54 8.18 -3.90
CA SER A 19 3.57 8.58 -4.95
C SER A 19 2.80 9.83 -4.50
N PHE A 20 2.42 10.67 -5.43
CA PHE A 20 1.66 11.90 -5.07
C PHE A 20 0.32 11.93 -5.80
N GLY A 21 -0.17 10.79 -6.21
CA GLY A 21 -1.48 10.76 -6.92
C GLY A 21 -2.49 9.97 -6.10
N PRO A 22 -3.21 9.11 -6.77
CA PRO A 22 -4.23 8.28 -6.10
C PRO A 22 -3.59 7.08 -5.41
N GLN A 23 -4.23 6.55 -4.41
CA GLN A 23 -3.63 5.36 -3.70
C GLN A 23 -4.70 4.30 -3.42
N PRO A 24 -5.59 4.11 -4.36
CA PRO A 24 -6.62 3.07 -4.19
C PRO A 24 -5.96 1.70 -4.19
N ILE A 25 -5.08 1.48 -3.24
CA ILE A 25 -4.37 0.18 -3.17
C ILE A 25 -5.34 -0.91 -2.73
N SER A 26 -6.54 -0.53 -2.39
CA SER A 26 -7.53 -1.53 -1.94
C SER A 26 -7.47 -2.79 -2.83
N ARG A 27 -8.05 -2.73 -4.00
CA ARG A 27 -8.04 -3.92 -4.90
C ARG A 27 -6.61 -4.48 -5.02
N LEU A 28 -5.62 -3.64 -4.96
CA LEU A 28 -4.22 -4.13 -5.10
C LEU A 28 -3.88 -5.15 -4.00
N GLU A 29 -3.61 -4.70 -2.81
CA GLU A 29 -3.26 -5.65 -1.71
C GLU A 29 -4.50 -6.24 -1.05
N GLN A 30 -5.60 -5.54 -1.04
CA GLN A 30 -6.82 -6.09 -0.39
C GLN A 30 -7.29 -7.34 -1.14
N CYS A 31 -7.07 -7.38 -2.43
CA CYS A 31 -7.48 -8.58 -3.21
C CYS A 31 -6.46 -9.70 -2.99
N GLY A 32 -5.33 -9.37 -2.44
CA GLY A 32 -4.29 -10.40 -2.18
C GLY A 32 -3.05 -10.13 -3.04
N ILE A 33 -2.37 -9.04 -2.82
CA ILE A 33 -1.15 -8.77 -3.62
C ILE A 33 0.01 -9.54 -2.99
N ASN A 34 1.11 -8.90 -2.76
CA ASN A 34 2.27 -9.61 -2.13
C ASN A 34 2.08 -9.71 -0.62
N ALA A 35 3.13 -9.54 0.14
CA ALA A 35 3.00 -9.62 1.63
C ALA A 35 2.02 -8.57 2.14
N ASN A 36 1.91 -7.48 1.45
CA ASN A 36 0.99 -6.40 1.91
C ASN A 36 -0.30 -6.97 2.46
N ASP A 37 -1.20 -7.41 1.60
CA ASP A 37 -2.51 -7.95 2.07
C ASP A 37 -2.37 -8.52 3.47
N VAL A 38 -1.52 -9.48 3.64
CA VAL A 38 -1.32 -10.09 4.97
C VAL A 38 -1.07 -9.03 6.04
N LYS A 39 0.06 -8.38 6.01
CA LYS A 39 0.36 -7.38 7.07
C LYS A 39 -0.16 -5.98 6.75
N LYS A 40 0.06 -5.50 5.56
CA LYS A 40 -0.40 -4.11 5.24
C LYS A 40 -1.83 -3.88 5.70
N LEU A 41 -2.75 -4.70 5.31
CA LEU A 41 -4.18 -4.47 5.72
C LEU A 41 -4.53 -5.12 7.07
N GLU A 42 -3.79 -6.10 7.52
CA GLU A 42 -4.19 -6.77 8.80
C GLU A 42 -3.85 -5.96 10.05
N GLU A 43 -2.60 -5.73 10.34
CA GLU A 43 -2.26 -4.97 11.59
C GLU A 43 -3.23 -3.81 11.80
N ALA A 44 -3.83 -3.31 10.76
CA ALA A 44 -4.80 -2.19 10.93
C ALA A 44 -5.86 -2.23 9.81
N GLY A 45 -5.46 -1.94 8.60
CA GLY A 45 -6.43 -1.98 7.48
C GLY A 45 -6.02 -0.99 6.38
N PHE A 46 -4.74 -0.82 6.16
CA PHE A 46 -4.29 0.14 5.09
C PHE A 46 -4.65 -0.35 3.68
N HIS A 47 -5.39 -1.43 3.56
CA HIS A 47 -5.74 -1.93 2.19
C HIS A 47 -6.59 -0.91 1.43
N THR A 48 -6.05 0.24 1.15
CA THR A 48 -6.81 1.28 0.39
C THR A 48 -6.04 2.59 0.37
N VAL A 49 -6.62 3.61 -0.21
CA VAL A 49 -5.94 4.95 -0.28
C VAL A 49 -5.14 5.24 1.00
N GLU A 50 -5.53 4.67 2.11
CA GLU A 50 -4.79 4.89 3.38
C GLU A 50 -3.28 4.99 3.13
N ALA A 51 -2.79 4.34 2.12
CA ALA A 51 -1.33 4.39 1.82
C ALA A 51 -0.80 5.83 1.97
N VAL A 52 -1.50 6.79 1.44
CA VAL A 52 -1.04 8.20 1.55
C VAL A 52 -2.18 9.11 2.01
N ALA A 53 -2.77 8.81 3.14
CA ALA A 53 -3.88 9.66 3.65
C ALA A 53 -3.51 10.30 4.99
N TYR A 54 -3.25 9.50 5.98
CA TYR A 54 -2.88 10.05 7.31
C TYR A 54 -1.43 9.65 7.66
N ALA A 55 -1.11 8.39 7.54
CA ALA A 55 0.28 7.94 7.86
C ALA A 55 1.00 7.50 6.60
N PRO A 56 2.28 7.76 6.58
CA PRO A 56 3.12 7.38 5.41
C PRO A 56 3.33 5.87 5.40
N LYS A 57 3.30 5.26 4.24
CA LYS A 57 3.50 3.80 4.15
C LYS A 57 4.65 3.37 5.06
N LYS A 58 5.60 4.25 5.29
CA LYS A 58 6.75 3.91 6.17
C LYS A 58 6.28 3.75 7.62
N GLU A 59 5.18 4.35 7.95
CA GLU A 59 4.65 4.25 9.34
C GLU A 59 3.85 2.96 9.50
N LEU A 60 2.95 2.70 8.60
CA LEU A 60 2.16 1.45 8.71
C LEU A 60 3.14 0.28 8.73
N ILE A 61 3.93 0.15 7.70
CA ILE A 61 4.91 -0.97 7.65
C ILE A 61 5.63 -1.08 8.98
N ASN A 62 5.90 0.02 9.62
CA ASN A 62 6.59 -0.04 10.92
C ASN A 62 5.90 -1.06 11.83
N ILE A 63 4.69 -1.48 11.50
CA ILE A 63 4.01 -2.48 12.36
C ILE A 63 4.88 -3.73 12.46
N LYS A 64 4.67 -4.66 11.58
CA LYS A 64 5.49 -5.90 11.61
C LYS A 64 6.96 -5.53 11.52
N GLY A 65 7.27 -4.37 11.00
CA GLY A 65 8.69 -3.95 10.89
C GLY A 65 9.10 -3.88 9.42
N ILE A 66 8.17 -3.82 8.51
CA ILE A 66 8.54 -3.75 7.07
C ILE A 66 8.90 -2.32 6.67
N SER A 67 8.48 -1.92 5.50
CA SER A 67 8.78 -0.56 4.98
C SER A 67 8.41 -0.55 3.50
N GLU A 68 9.24 -0.01 2.65
CA GLU A 68 8.92 -0.04 1.21
C GLU A 68 8.71 -1.50 0.78
N ALA A 69 9.16 -2.43 1.58
CA ALA A 69 9.00 -3.86 1.24
C ALA A 69 7.61 -4.12 0.62
N LYS A 70 6.62 -4.24 1.45
CA LYS A 70 5.25 -4.49 0.92
C LYS A 70 4.62 -3.16 0.51
N ALA A 71 4.76 -2.15 1.33
CA ALA A 71 4.15 -0.83 0.97
C ALA A 71 4.57 -0.43 -0.45
N ASP A 72 5.85 -0.23 -0.68
CA ASP A 72 6.30 0.18 -2.03
C ASP A 72 5.76 -0.78 -3.10
N LYS A 73 5.96 -2.07 -2.92
CA LYS A 73 5.46 -3.03 -3.93
C LYS A 73 4.03 -2.68 -4.36
N ILE A 74 3.28 -2.03 -3.51
CA ILE A 74 1.88 -1.66 -3.88
C ILE A 74 1.83 -0.30 -4.60
N LEU A 75 2.09 0.77 -3.89
CA LEU A 75 2.04 2.11 -4.54
C LEU A 75 2.71 2.07 -5.93
N ALA A 76 3.59 1.13 -6.15
CA ALA A 76 4.26 1.06 -7.47
C ALA A 76 3.38 0.30 -8.47
N GLU A 77 3.00 -0.90 -8.13
CA GLU A 77 2.13 -1.70 -9.05
C GLU A 77 0.75 -1.04 -9.16
N ALA A 78 0.28 -0.40 -8.12
CA ALA A 78 -1.05 0.25 -8.18
C ALA A 78 -1.02 1.44 -9.14
N ALA A 79 -0.18 2.41 -8.86
CA ALA A 79 -0.10 3.61 -9.75
C ALA A 79 0.06 3.17 -11.21
N LYS A 80 0.61 2.02 -11.45
CA LYS A 80 0.81 1.56 -12.87
C LYS A 80 -0.38 0.70 -13.33
N LEU A 81 -1.26 0.34 -12.44
CA LEU A 81 -2.42 -0.51 -12.86
C LEU A 81 -3.75 0.15 -12.47
N VAL A 82 -3.75 1.00 -11.48
CA VAL A 82 -5.02 1.66 -11.06
C VAL A 82 -4.85 3.18 -11.06
N PRO A 83 -4.49 3.71 -12.20
CA PRO A 83 -4.29 5.17 -12.36
C PRO A 83 -5.65 5.88 -12.43
N MET A 84 -5.88 6.83 -11.55
CA MET A 84 -7.17 7.57 -11.58
C MET A 84 -8.34 6.59 -11.83
N GLY A 85 -8.75 6.44 -13.06
CA GLY A 85 -9.88 5.52 -13.36
C GLY A 85 -10.83 6.18 -14.34
N GLU A 16 9.80 10.20 -2.39
CA GLU A 16 9.97 8.72 -2.21
C GLU A 16 8.60 8.05 -2.10
N GLU A 17 7.62 8.56 -2.80
CA GLU A 17 6.25 7.94 -2.74
C GLU A 17 5.53 8.13 -4.08
N GLU A 18 5.34 7.08 -4.82
CA GLU A 18 4.65 7.20 -6.13
C GLU A 18 3.28 7.85 -5.96
N SER A 19 3.13 9.08 -6.35
CA SER A 19 1.81 9.76 -6.22
C SER A 19 1.09 9.77 -7.56
N PHE A 20 1.11 8.67 -8.26
CA PHE A 20 0.41 8.63 -9.59
C PHE A 20 -1.10 8.51 -9.40
N GLY A 21 -1.68 9.39 -8.63
CA GLY A 21 -3.16 9.35 -8.41
C GLY A 21 -3.56 8.01 -7.79
N PRO A 22 -2.82 7.61 -6.79
CA PRO A 22 -3.12 6.33 -6.09
C PRO A 22 -4.38 6.47 -5.23
N GLN A 23 -5.31 5.57 -5.36
CA GLN A 23 -6.56 5.65 -4.55
C GLN A 23 -7.13 4.26 -4.29
N PRO A 24 -7.56 3.61 -5.34
CA PRO A 24 -8.14 2.25 -5.18
C PRO A 24 -7.02 1.27 -4.83
N ILE A 25 -6.32 1.52 -3.76
CA ILE A 25 -5.22 0.61 -3.35
C ILE A 25 -5.82 -0.66 -2.75
N SER A 26 -7.09 -0.62 -2.43
CA SER A 26 -7.75 -1.81 -1.82
C SER A 26 -7.68 -3.03 -2.76
N ARG A 27 -8.40 -2.98 -3.85
CA ARG A 27 -8.42 -4.14 -4.80
C ARG A 27 -7.04 -4.80 -4.93
N LEU A 28 -5.98 -4.05 -4.96
CA LEU A 28 -4.63 -4.67 -5.11
C LEU A 28 -4.03 -5.05 -3.75
N GLU A 29 -3.58 -4.10 -3.00
CA GLU A 29 -2.95 -4.43 -1.69
C GLU A 29 -3.86 -5.32 -0.83
N GLN A 30 -5.16 -5.18 -0.95
CA GLN A 30 -6.06 -6.00 -0.09
C GLN A 30 -6.48 -7.34 -0.74
N CYS A 31 -6.56 -7.42 -2.04
CA CYS A 31 -7.02 -8.70 -2.66
C CYS A 31 -5.91 -9.74 -2.71
N GLY A 32 -4.77 -9.47 -2.14
CA GLY A 32 -3.68 -10.48 -2.16
C GLY A 32 -2.49 -9.93 -2.94
N ILE A 33 -1.98 -8.79 -2.53
CA ILE A 33 -0.82 -8.20 -3.23
C ILE A 33 0.46 -8.89 -2.73
N ASN A 34 1.42 -8.14 -2.27
CA ASN A 34 2.67 -8.78 -1.75
C ASN A 34 2.52 -9.03 -0.25
N ALA A 35 3.60 -9.16 0.47
CA ALA A 35 3.48 -9.40 1.94
C ALA A 35 2.51 -8.38 2.53
N ASN A 36 2.58 -7.17 2.06
CA ASN A 36 1.70 -6.10 2.60
C ASN A 36 0.30 -6.63 2.90
N ASP A 37 -0.43 -7.02 1.89
CA ASP A 37 -1.82 -7.52 2.10
C ASP A 37 -1.98 -8.10 3.52
N VAL A 38 -1.40 -9.23 3.74
CA VAL A 38 -1.49 -9.88 5.07
C VAL A 38 -1.13 -8.92 6.21
N LYS A 39 0.08 -8.42 6.25
CA LYS A 39 0.47 -7.53 7.40
C LYS A 39 0.05 -6.07 7.20
N LYS A 40 0.52 -5.44 6.15
CA LYS A 40 0.19 -4.00 5.94
C LYS A 40 -1.26 -3.69 6.33
N LEU A 41 -2.22 -4.33 5.73
CA LEU A 41 -3.64 -3.99 6.04
C LEU A 41 -4.23 -4.77 7.24
N GLU A 42 -3.70 -5.91 7.59
CA GLU A 42 -4.34 -6.65 8.72
C GLU A 42 -4.35 -5.83 10.01
N GLU A 43 -3.29 -5.15 10.34
CA GLU A 43 -3.30 -4.36 11.59
C GLU A 43 -4.25 -3.17 11.46
N ALA A 44 -3.96 -2.26 10.58
CA ALA A 44 -4.83 -1.06 10.40
C ALA A 44 -5.92 -1.34 9.37
N GLY A 45 -5.51 -1.67 8.17
CA GLY A 45 -6.51 -1.93 7.10
C GLY A 45 -6.33 -0.87 6.01
N PHE A 46 -5.13 -0.76 5.48
CA PHE A 46 -4.88 0.27 4.41
C PHE A 46 -5.40 -0.19 3.05
N HIS A 47 -6.41 -1.02 3.03
CA HIS A 47 -6.95 -1.49 1.71
C HIS A 47 -7.72 -0.36 1.02
N THR A 48 -7.02 0.65 0.57
CA THR A 48 -7.67 1.81 -0.12
C THR A 48 -6.73 3.03 -0.12
N VAL A 49 -7.21 4.14 -0.62
CA VAL A 49 -6.37 5.37 -0.64
C VAL A 49 -5.48 5.47 0.61
N GLU A 50 -5.94 4.93 1.71
CA GLU A 50 -5.15 4.98 2.96
C GLU A 50 -3.66 4.72 2.67
N ALA A 51 -3.38 4.00 1.62
CA ALA A 51 -1.96 3.70 1.28
C ALA A 51 -1.20 4.98 0.92
N VAL A 52 -1.91 6.06 0.70
CA VAL A 52 -1.22 7.33 0.34
C VAL A 52 -1.89 8.53 1.01
N ALA A 53 -1.18 9.62 1.13
CA ALA A 53 -1.77 10.84 1.79
C ALA A 53 -2.38 10.48 3.15
N TYR A 54 -1.56 10.07 4.08
CA TYR A 54 -2.10 9.73 5.43
C TYR A 54 -0.96 9.33 6.39
N ALA A 55 -0.55 8.09 6.38
CA ALA A 55 0.55 7.66 7.29
C ALA A 55 1.83 7.41 6.49
N PRO A 56 2.95 7.55 7.15
CA PRO A 56 4.26 7.33 6.48
C PRO A 56 4.43 5.84 6.17
N LYS A 57 4.60 5.50 4.93
CA LYS A 57 4.77 4.08 4.54
C LYS A 57 5.71 3.35 5.50
N LYS A 58 6.61 4.05 6.14
CA LYS A 58 7.55 3.37 7.07
C LYS A 58 6.88 3.04 8.41
N GLU A 59 5.89 3.79 8.81
CA GLU A 59 5.21 3.49 10.11
C GLU A 59 4.25 2.33 9.93
N LEU A 60 3.37 2.41 8.96
CA LEU A 60 2.43 1.29 8.75
C LEU A 60 3.23 0.00 8.58
N ILE A 61 4.08 -0.07 7.59
CA ILE A 61 4.89 -1.30 7.37
C ILE A 61 5.52 -1.73 8.68
N ASN A 62 5.77 -0.79 9.56
CA ASN A 62 6.36 -1.15 10.86
C ASN A 62 5.51 -2.26 11.51
N ILE A 63 4.33 -2.50 10.99
CA ILE A 63 3.49 -3.58 11.61
C ILE A 63 4.34 -4.81 11.88
N LYS A 64 4.59 -5.58 10.87
CA LYS A 64 5.41 -6.80 11.03
C LYS A 64 6.90 -6.43 11.09
N GLY A 65 7.26 -5.33 10.51
CA GLY A 65 8.69 -4.91 10.54
C GLY A 65 9.21 -4.68 9.13
N ILE A 66 8.37 -4.26 8.22
CA ILE A 66 8.84 -4.04 6.83
C ILE A 66 9.21 -2.57 6.62
N SER A 67 8.94 -2.06 5.45
CA SER A 67 9.24 -0.65 5.12
C SER A 67 8.77 -0.41 3.69
N GLU A 68 9.49 0.36 2.92
CA GLU A 68 9.05 0.55 1.52
C GLU A 68 8.98 -0.83 0.85
N ALA A 69 9.60 -1.82 1.47
CA ALA A 69 9.58 -3.19 0.91
C ALA A 69 8.21 -3.53 0.32
N LYS A 70 7.28 -3.88 1.15
CA LYS A 70 5.93 -4.24 0.64
C LYS A 70 5.08 -2.98 0.45
N ALA A 71 5.19 -2.03 1.33
CA ALA A 71 4.37 -0.79 1.15
C ALA A 71 4.55 -0.27 -0.27
N ASP A 72 5.76 -0.01 -0.68
CA ASP A 72 5.99 0.51 -2.05
C ASP A 72 5.50 -0.52 -3.07
N LYS A 73 5.77 -1.78 -2.83
CA LYS A 73 5.31 -2.82 -3.79
C LYS A 73 3.85 -2.58 -4.18
N ILE A 74 3.07 -2.01 -3.31
CA ILE A 74 1.64 -1.76 -3.65
C ILE A 74 1.52 -0.41 -4.38
N LEU A 75 2.05 0.63 -3.83
CA LEU A 75 1.96 1.95 -4.50
C LEU A 75 2.57 1.87 -5.89
N ALA A 76 3.40 0.88 -6.11
CA ALA A 76 4.02 0.73 -7.46
C ALA A 76 3.12 -0.10 -8.36
N GLU A 77 2.70 -1.25 -7.90
CA GLU A 77 1.80 -2.11 -8.73
C GLU A 77 0.42 -1.45 -8.86
N ALA A 78 0.03 -0.67 -7.90
CA ALA A 78 -1.30 -0.01 -7.97
C ALA A 78 -1.21 1.24 -8.86
N ALA A 79 -0.09 1.91 -8.84
CA ALA A 79 0.06 3.13 -9.68
C ALA A 79 0.26 2.74 -11.16
N LYS A 80 0.59 1.51 -11.41
CA LYS A 80 0.80 1.08 -12.83
C LYS A 80 -0.23 0.01 -13.24
N LEU A 81 -1.08 -0.40 -12.33
CA LEU A 81 -2.09 -1.44 -12.68
C LEU A 81 -3.51 -0.92 -12.40
N VAL A 82 -3.70 -0.24 -11.30
CA VAL A 82 -5.06 0.28 -10.99
C VAL A 82 -5.00 1.79 -10.74
N PRO A 83 -4.38 2.47 -11.67
CA PRO A 83 -4.24 3.95 -11.56
C PRO A 83 -5.59 4.63 -11.83
N MET A 84 -5.59 5.93 -11.97
CA MET A 84 -6.89 6.65 -12.22
C MET A 84 -7.18 6.67 -13.73
N GLY A 85 -6.43 7.42 -14.49
CA GLY A 85 -6.69 7.48 -15.95
C GLY A 85 -5.39 7.18 -16.71
N GLU A 16 11.49 3.93 -6.70
CA GLU A 16 10.28 4.44 -7.42
C GLU A 16 9.23 4.91 -6.41
N GLU A 17 9.53 5.93 -5.67
CA GLU A 17 8.54 6.44 -4.67
C GLU A 17 7.77 7.63 -5.25
N GLU A 18 6.47 7.62 -5.15
CA GLU A 18 5.66 8.73 -5.69
C GLU A 18 4.19 8.54 -5.34
N SER A 19 3.30 9.11 -6.09
CA SER A 19 1.84 8.95 -5.80
C SER A 19 1.00 9.45 -6.97
N PHE A 20 1.01 8.73 -8.06
CA PHE A 20 0.19 9.15 -9.24
C PHE A 20 -1.30 9.09 -8.89
N GLY A 21 -1.74 7.96 -8.40
CA GLY A 21 -3.18 7.82 -8.05
C GLY A 21 -3.30 6.91 -6.82
N PRO A 22 -2.71 7.36 -5.74
CA PRO A 22 -2.73 6.57 -4.48
C PRO A 22 -4.10 6.65 -3.79
N GLN A 23 -5.10 6.03 -4.36
CA GLN A 23 -6.44 6.06 -3.71
C GLN A 23 -7.07 4.65 -3.70
N PRO A 24 -7.47 4.17 -4.84
CA PRO A 24 -8.07 2.81 -4.89
C PRO A 24 -6.98 1.76 -4.68
N ILE A 25 -6.29 1.84 -3.58
CA ILE A 25 -5.20 0.86 -3.31
C ILE A 25 -5.81 -0.43 -2.75
N SER A 26 -7.06 -0.38 -2.37
CA SER A 26 -7.70 -1.61 -1.81
C SER A 26 -7.65 -2.75 -2.82
N ARG A 27 -8.31 -2.60 -3.94
CA ARG A 27 -8.30 -3.69 -4.97
C ARG A 27 -6.91 -4.30 -5.11
N LEU A 28 -5.88 -3.52 -4.95
CA LEU A 28 -4.51 -4.06 -5.09
C LEU A 28 -4.06 -4.75 -3.80
N GLU A 29 -3.67 -3.98 -2.83
CA GLU A 29 -3.19 -4.57 -1.56
C GLU A 29 -4.25 -5.49 -0.91
N GLN A 30 -5.51 -5.20 -1.11
CA GLN A 30 -6.58 -6.04 -0.45
C GLN A 30 -6.99 -7.26 -1.28
N CYS A 31 -6.97 -7.18 -2.59
CA CYS A 31 -7.41 -8.35 -3.41
C CYS A 31 -6.32 -9.42 -3.49
N GLY A 32 -5.27 -9.28 -2.74
CA GLY A 32 -4.17 -10.29 -2.79
C GLY A 32 -2.97 -9.69 -3.50
N ILE A 33 -2.27 -8.82 -2.84
CA ILE A 33 -1.08 -8.18 -3.47
C ILE A 33 0.20 -8.92 -3.02
N ASN A 34 1.18 -8.21 -2.55
CA ASN A 34 2.43 -8.88 -2.09
C ASN A 34 2.33 -9.20 -0.59
N ALA A 35 3.41 -9.08 0.12
CA ALA A 35 3.40 -9.35 1.59
C ALA A 35 2.46 -8.40 2.30
N ASN A 36 2.11 -7.33 1.65
CA ASN A 36 1.24 -6.32 2.29
C ASN A 36 -0.05 -6.91 2.83
N ASP A 37 -0.94 -7.30 1.96
CA ASP A 37 -2.26 -7.84 2.40
C ASP A 37 -2.18 -8.42 3.81
N VAL A 38 -1.36 -9.42 3.99
CA VAL A 38 -1.22 -10.05 5.32
C VAL A 38 -0.92 -9.03 6.43
N LYS A 39 0.25 -8.45 6.43
CA LYS A 39 0.60 -7.50 7.53
C LYS A 39 0.18 -6.06 7.22
N LYS A 40 0.24 -5.64 6.00
CA LYS A 40 -0.15 -4.24 5.71
C LYS A 40 -1.61 -3.98 6.08
N LEU A 41 -2.53 -4.70 5.47
CA LEU A 41 -3.97 -4.46 5.77
C LEU A 41 -4.45 -5.09 7.08
N GLU A 42 -3.89 -6.18 7.52
CA GLU A 42 -4.41 -6.79 8.77
C GLU A 42 -3.92 -6.02 10.00
N GLU A 43 -2.80 -5.38 9.93
CA GLU A 43 -2.30 -4.62 11.12
C GLU A 43 -3.01 -3.27 11.21
N ALA A 44 -3.97 -3.05 10.35
CA ALA A 44 -4.71 -1.75 10.37
C ALA A 44 -5.81 -1.77 9.31
N GLY A 45 -5.49 -2.21 8.13
CA GLY A 45 -6.51 -2.27 7.06
C GLY A 45 -6.35 -1.07 6.12
N PHE A 46 -5.17 -0.86 5.58
CA PHE A 46 -4.98 0.29 4.64
C PHE A 46 -5.49 -0.07 3.23
N HIS A 47 -6.32 -1.06 3.12
CA HIS A 47 -6.83 -1.48 1.78
C HIS A 47 -7.58 -0.32 1.11
N THR A 48 -6.84 0.67 0.65
CA THR A 48 -7.44 1.86 -0.02
C THR A 48 -6.46 3.03 0.06
N VAL A 49 -6.90 4.21 -0.26
CA VAL A 49 -5.99 5.40 -0.21
C VAL A 49 -5.03 5.29 0.99
N GLU A 50 -5.46 4.67 2.05
CA GLU A 50 -4.59 4.51 3.24
C GLU A 50 -3.15 4.17 2.81
N ALA A 51 -3.01 3.52 1.69
CA ALA A 51 -1.64 3.15 1.22
C ALA A 51 -0.67 4.32 1.42
N VAL A 52 -1.15 5.53 1.33
CA VAL A 52 -0.25 6.70 1.52
C VAL A 52 -0.90 7.72 2.46
N ALA A 53 -2.18 7.94 2.31
CA ALA A 53 -2.87 8.93 3.19
C ALA A 53 -3.01 8.37 4.60
N TYR A 54 -3.60 9.11 5.50
CA TYR A 54 -3.79 8.61 6.89
C TYR A 54 -2.44 8.50 7.62
N ALA A 55 -1.69 7.46 7.34
CA ALA A 55 -0.37 7.29 8.02
C ALA A 55 0.74 7.10 6.97
N PRO A 56 1.95 7.36 7.39
CA PRO A 56 3.12 7.20 6.50
C PRO A 56 3.41 5.72 6.25
N LYS A 57 3.63 5.34 5.03
CA LYS A 57 3.90 3.91 4.73
C LYS A 57 5.04 3.38 5.61
N LYS A 58 5.90 4.24 6.08
CA LYS A 58 7.03 3.77 6.94
C LYS A 58 6.53 3.44 8.35
N GLU A 59 5.52 4.11 8.81
CA GLU A 59 5.00 3.83 10.18
C GLU A 59 4.17 2.56 10.18
N LEU A 60 3.25 2.45 9.27
CA LEU A 60 2.42 1.23 9.22
C LEU A 60 3.35 0.01 9.06
N ILE A 61 4.13 -0.02 8.01
CA ILE A 61 5.05 -1.17 7.80
C ILE A 61 5.82 -1.41 9.08
N ASN A 62 6.00 -0.38 9.86
CA ASN A 62 6.72 -0.56 11.14
C ASN A 62 6.04 -1.68 11.94
N ILE A 63 4.84 -2.08 11.54
CA ILE A 63 4.17 -3.18 12.29
C ILE A 63 5.07 -4.40 12.30
N LYS A 64 4.98 -5.19 11.29
CA LYS A 64 5.85 -6.40 11.21
C LYS A 64 7.31 -5.94 11.24
N GLY A 65 7.57 -4.74 10.80
CA GLY A 65 8.96 -4.21 10.81
C GLY A 65 9.45 -4.04 9.37
N ILE A 66 8.57 -3.78 8.44
CA ILE A 66 9.01 -3.61 7.03
C ILE A 66 9.29 -2.13 6.72
N SER A 67 8.86 -1.69 5.57
CA SER A 67 9.07 -0.28 5.13
C SER A 67 8.57 -0.19 3.70
N GLU A 68 9.30 0.46 2.84
CA GLU A 68 8.84 0.52 1.42
C GLU A 68 8.76 -0.92 0.89
N ALA A 69 9.37 -1.84 1.58
CA ALA A 69 9.34 -3.27 1.12
C ALA A 69 7.95 -3.65 0.62
N LYS A 70 7.05 -3.93 1.52
CA LYS A 70 5.68 -4.31 1.09
C LYS A 70 4.89 -3.05 0.75
N ALA A 71 5.00 -2.02 1.56
CA ALA A 71 4.24 -0.77 1.28
C ALA A 71 4.52 -0.28 -0.15
N ASP A 72 5.73 0.11 -0.43
CA ASP A 72 6.06 0.61 -1.80
C ASP A 72 5.67 -0.43 -2.84
N LYS A 73 6.00 -1.68 -2.61
CA LYS A 73 5.64 -2.73 -3.60
C LYS A 73 4.18 -2.56 -4.03
N ILE A 74 3.34 -2.05 -3.17
CA ILE A 74 1.92 -1.86 -3.54
C ILE A 74 1.79 -0.69 -4.52
N LEU A 75 2.31 0.45 -4.16
CA LEU A 75 2.22 1.63 -5.07
C LEU A 75 2.79 1.26 -6.45
N ALA A 76 3.56 0.22 -6.53
CA ALA A 76 4.13 -0.19 -7.84
C ALA A 76 3.05 -0.83 -8.70
N GLU A 77 2.46 -1.91 -8.24
CA GLU A 77 1.39 -2.57 -9.04
C GLU A 77 0.20 -1.62 -9.24
N ALA A 78 -0.18 -0.93 -8.20
CA ALA A 78 -1.33 0.01 -8.32
C ALA A 78 -1.05 1.10 -9.37
N ALA A 79 0.08 1.73 -9.27
CA ALA A 79 0.42 2.80 -10.26
C ALA A 79 0.43 2.23 -11.68
N LYS A 80 0.58 0.93 -11.80
CA LYS A 80 0.59 0.32 -13.16
C LYS A 80 -0.58 -0.64 -13.32
N LEU A 81 -1.58 -0.53 -12.49
CA LEU A 81 -2.75 -1.46 -12.60
C LEU A 81 -4.06 -0.76 -12.20
N VAL A 82 -4.01 0.25 -11.38
CA VAL A 82 -5.26 0.95 -10.95
C VAL A 82 -5.75 1.94 -12.04
N PRO A 83 -4.83 2.55 -12.74
CA PRO A 83 -5.23 3.51 -13.80
C PRO A 83 -5.67 2.77 -15.06
N MET A 84 -6.94 2.42 -15.14
CA MET A 84 -7.43 1.70 -16.34
C MET A 84 -8.96 1.51 -16.26
N GLY A 85 -9.66 2.51 -15.78
CA GLY A 85 -11.14 2.40 -15.68
C GLY A 85 -11.53 1.98 -14.26
N GLU A 16 7.54 3.27 -9.60
CA GLU A 16 8.54 3.23 -8.50
C GLU A 16 7.87 3.55 -7.16
N GLU A 17 7.22 4.68 -7.07
CA GLU A 17 6.55 5.06 -5.80
C GLU A 17 5.76 6.37 -5.98
N GLU A 18 5.80 7.23 -5.01
CA GLU A 18 5.06 8.53 -5.13
C GLU A 18 3.55 8.29 -5.14
N SER A 19 2.78 9.34 -5.24
CA SER A 19 1.30 9.18 -5.25
C SER A 19 0.72 9.63 -6.59
N PHE A 20 0.57 8.73 -7.53
CA PHE A 20 0.00 9.12 -8.85
C PHE A 20 -1.53 8.93 -8.82
N GLY A 21 -2.21 9.72 -8.03
CA GLY A 21 -3.69 9.58 -7.94
C GLY A 21 -4.05 8.18 -7.41
N PRO A 22 -3.34 7.77 -6.39
CA PRO A 22 -3.59 6.43 -5.78
C PRO A 22 -4.88 6.45 -4.97
N GLN A 23 -5.89 5.75 -5.40
CA GLN A 23 -7.17 5.74 -4.63
C GLN A 23 -7.64 4.30 -4.40
N PRO A 24 -8.06 3.63 -5.45
CA PRO A 24 -8.50 2.23 -5.30
C PRO A 24 -7.29 1.33 -5.04
N ILE A 25 -6.54 1.61 -4.02
CA ILE A 25 -5.35 0.78 -3.71
C ILE A 25 -5.80 -0.50 -2.99
N SER A 26 -7.02 -0.52 -2.54
CA SER A 26 -7.52 -1.73 -1.83
C SER A 26 -7.47 -2.95 -2.75
N ARG A 27 -8.21 -2.93 -3.82
CA ARG A 27 -8.21 -4.10 -4.77
C ARG A 27 -6.79 -4.67 -4.92
N LEU A 28 -5.79 -3.85 -4.88
CA LEU A 28 -4.40 -4.36 -5.02
C LEU A 28 -4.02 -5.27 -3.86
N GLU A 29 -3.72 -4.71 -2.73
CA GLU A 29 -3.33 -5.55 -1.55
C GLU A 29 -4.56 -6.17 -0.89
N GLN A 30 -5.68 -5.49 -0.88
CA GLN A 30 -6.87 -6.09 -0.23
C GLN A 30 -7.24 -7.38 -0.95
N CYS A 31 -6.98 -7.47 -2.22
CA CYS A 31 -7.30 -8.72 -2.97
C CYS A 31 -6.22 -9.77 -2.69
N GLY A 32 -5.20 -9.40 -1.98
CA GLY A 32 -4.11 -10.37 -1.68
C GLY A 32 -2.90 -10.12 -2.57
N ILE A 33 -2.28 -8.97 -2.44
CA ILE A 33 -1.08 -8.70 -3.27
C ILE A 33 0.12 -9.35 -2.60
N ASN A 34 1.20 -8.66 -2.46
CA ASN A 34 2.41 -9.24 -1.81
C ASN A 34 2.19 -9.32 -0.30
N ALA A 35 3.25 -9.48 0.46
CA ALA A 35 3.11 -9.55 1.94
C ALA A 35 2.10 -8.51 2.43
N ASN A 36 1.98 -7.44 1.70
CA ASN A 36 1.06 -6.36 2.12
C ASN A 36 -0.23 -6.90 2.73
N ASP A 37 -1.13 -7.36 1.89
CA ASP A 37 -2.44 -7.89 2.40
C ASP A 37 -2.28 -8.38 3.84
N VAL A 38 -1.32 -9.24 4.05
CA VAL A 38 -1.07 -9.80 5.41
C VAL A 38 -0.77 -8.71 6.45
N LYS A 39 0.39 -8.12 6.42
CA LYS A 39 0.70 -7.10 7.46
C LYS A 39 0.25 -5.69 7.08
N LYS A 40 -0.01 -5.44 5.83
CA LYS A 40 -0.46 -4.07 5.47
C LYS A 40 -1.93 -3.90 5.82
N LEU A 41 -2.79 -4.66 5.19
CA LEU A 41 -4.25 -4.50 5.48
C LEU A 41 -4.67 -5.15 6.80
N GLU A 42 -3.91 -6.07 7.33
CA GLU A 42 -4.35 -6.69 8.61
C GLU A 42 -3.87 -5.88 9.81
N GLU A 43 -2.68 -5.36 9.76
CA GLU A 43 -2.17 -4.56 10.91
C GLU A 43 -2.84 -3.18 10.95
N ALA A 44 -3.75 -2.93 10.06
CA ALA A 44 -4.44 -1.62 10.03
C ALA A 44 -5.57 -1.66 9.01
N GLY A 45 -5.30 -2.18 7.84
CA GLY A 45 -6.34 -2.26 6.81
C GLY A 45 -6.22 -1.09 5.83
N PHE A 46 -5.05 -0.87 5.27
CA PHE A 46 -4.93 0.28 4.29
C PHE A 46 -5.52 -0.11 2.93
N HIS A 47 -6.35 -1.11 2.88
CA HIS A 47 -6.95 -1.53 1.59
C HIS A 47 -7.81 -0.40 1.01
N THR A 48 -7.18 0.62 0.53
CA THR A 48 -7.93 1.78 -0.07
C THR A 48 -6.98 2.97 -0.24
N VAL A 49 -7.46 4.02 -0.83
CA VAL A 49 -6.58 5.22 -1.03
C VAL A 49 -5.74 5.50 0.22
N GLU A 50 -6.20 5.06 1.37
CA GLU A 50 -5.44 5.31 2.64
C GLU A 50 -3.93 5.21 2.39
N ALA A 51 -3.52 4.39 1.47
CA ALA A 51 -2.06 4.27 1.17
C ALA A 51 -1.45 5.65 0.94
N VAL A 52 -2.25 6.62 0.61
CA VAL A 52 -1.71 7.99 0.36
C VAL A 52 -2.48 9.03 1.17
N ALA A 53 -1.78 10.00 1.71
CA ALA A 53 -2.47 11.05 2.51
C ALA A 53 -3.05 10.45 3.80
N TYR A 54 -2.27 9.67 4.50
CA TYR A 54 -2.77 9.05 5.76
C TYR A 54 -1.59 8.65 6.67
N ALA A 55 -0.84 7.66 6.27
CA ALA A 55 0.32 7.24 7.12
C ALA A 55 1.55 7.02 6.24
N PRO A 56 2.70 7.30 6.81
CA PRO A 56 3.98 7.14 6.07
C PRO A 56 4.28 5.64 5.90
N LYS A 57 4.40 5.20 4.68
CA LYS A 57 4.69 3.77 4.42
C LYS A 57 5.69 3.21 5.44
N LYS A 58 6.59 4.03 5.92
CA LYS A 58 7.59 3.54 6.91
C LYS A 58 6.94 3.26 8.27
N GLU A 59 5.86 3.92 8.58
CA GLU A 59 5.21 3.69 9.89
C GLU A 59 4.32 2.45 9.83
N LEU A 60 3.48 2.36 8.86
CA LEU A 60 2.62 1.15 8.77
C LEU A 60 3.53 -0.09 8.78
N ILE A 61 4.39 -0.19 7.81
CA ILE A 61 5.29 -1.37 7.75
C ILE A 61 6.01 -1.53 9.08
N ASN A 62 6.15 -0.46 9.82
CA ASN A 62 6.81 -0.58 11.13
C ASN A 62 6.13 -1.72 11.90
N ILE A 63 4.98 -2.19 11.46
CA ILE A 63 4.32 -3.30 12.18
C ILE A 63 5.25 -4.51 12.21
N LYS A 64 5.12 -5.36 11.24
CA LYS A 64 6.01 -6.57 11.19
C LYS A 64 7.48 -6.13 11.17
N GLY A 65 7.73 -4.89 10.85
CA GLY A 65 9.14 -4.40 10.81
C GLY A 65 9.60 -4.28 9.36
N ILE A 66 8.69 -4.11 8.44
CA ILE A 66 9.10 -3.99 7.01
C ILE A 66 9.45 -2.54 6.68
N SER A 67 9.04 -2.09 5.51
CA SER A 67 9.34 -0.70 5.08
C SER A 67 8.76 -0.53 3.67
N GLU A 68 9.47 0.08 2.78
CA GLU A 68 8.96 0.20 1.40
C GLU A 68 8.76 -1.22 0.86
N ALA A 69 9.35 -2.19 1.51
CA ALA A 69 9.21 -3.60 1.07
C ALA A 69 7.80 -3.88 0.56
N LYS A 70 6.87 -4.11 1.45
CA LYS A 70 5.48 -4.39 1.01
C LYS A 70 4.73 -3.07 0.82
N ALA A 71 4.95 -2.10 1.66
CA ALA A 71 4.22 -0.82 1.48
C ALA A 71 4.46 -0.27 0.08
N ASP A 72 5.66 0.12 -0.21
CA ASP A 72 5.96 0.66 -1.57
C ASP A 72 5.55 -0.37 -2.63
N LYS A 73 5.75 -1.63 -2.36
CA LYS A 73 5.36 -2.66 -3.35
C LYS A 73 3.94 -2.41 -3.87
N ILE A 74 3.09 -1.84 -3.05
CA ILE A 74 1.70 -1.58 -3.53
C ILE A 74 1.62 -0.21 -4.21
N LEU A 75 2.26 0.78 -3.67
CA LEU A 75 2.22 2.13 -4.30
C LEU A 75 2.87 2.09 -5.68
N ALA A 76 3.68 1.10 -5.93
CA ALA A 76 4.35 1.00 -7.26
C ALA A 76 3.45 0.23 -8.24
N GLU A 77 2.98 -0.92 -7.83
CA GLU A 77 2.10 -1.73 -8.73
C GLU A 77 0.75 -1.05 -8.91
N ALA A 78 0.33 -0.29 -7.93
CA ALA A 78 -0.99 0.40 -8.06
C ALA A 78 -0.84 1.66 -8.90
N ALA A 79 0.24 2.36 -8.77
CA ALA A 79 0.44 3.60 -9.57
C ALA A 79 0.78 3.23 -11.02
N LYS A 80 1.18 2.01 -11.25
CA LYS A 80 1.53 1.58 -12.64
C LYS A 80 0.39 0.76 -13.24
N LEU A 81 -0.40 0.12 -12.42
CA LEU A 81 -1.53 -0.70 -12.96
C LEU A 81 -2.88 -0.08 -12.57
N VAL A 82 -2.92 0.65 -11.50
CA VAL A 82 -4.21 1.29 -11.08
C VAL A 82 -4.04 2.81 -10.98
N PRO A 83 -3.48 3.37 -12.01
CA PRO A 83 -3.26 4.83 -12.07
C PRO A 83 -4.59 5.58 -12.29
N MET A 84 -4.58 6.87 -12.12
CA MET A 84 -5.84 7.65 -12.33
C MET A 84 -6.52 7.23 -13.63
N GLY A 85 -7.75 6.79 -13.55
CA GLY A 85 -8.47 6.37 -14.78
C GLY A 85 -8.71 4.86 -14.74
N GLU A 16 11.15 7.00 -3.14
CA GLU A 16 11.57 7.30 -4.54
C GLU A 16 10.37 7.78 -5.37
N GLU A 17 9.21 7.21 -5.14
CA GLU A 17 8.01 7.64 -5.91
C GLU A 17 7.11 8.51 -5.03
N GLU A 18 6.64 7.98 -3.94
CA GLU A 18 5.75 8.78 -3.03
C GLU A 18 4.52 9.28 -3.80
N SER A 19 3.47 8.50 -3.80
CA SER A 19 2.24 8.93 -4.52
C SER A 19 2.48 8.99 -6.03
N PHE A 20 1.54 8.53 -6.81
CA PHE A 20 1.71 8.55 -8.28
C PHE A 20 0.36 8.79 -8.97
N GLY A 21 -0.67 8.12 -8.52
CA GLY A 21 -2.01 8.29 -9.12
C GLY A 21 -3.05 8.49 -8.02
N PRO A 22 -4.15 7.79 -8.16
CA PRO A 22 -5.24 7.88 -7.17
C PRO A 22 -4.85 7.17 -5.87
N GLN A 23 -5.80 6.89 -5.01
CA GLN A 23 -5.44 6.22 -3.71
C GLN A 23 -6.24 4.94 -3.41
N PRO A 24 -6.95 4.39 -4.37
CA PRO A 24 -7.67 3.13 -4.12
C PRO A 24 -6.65 1.99 -4.01
N ILE A 25 -5.77 2.08 -3.05
CA ILE A 25 -4.73 1.02 -2.88
C ILE A 25 -5.37 -0.26 -2.37
N SER A 26 -6.64 -0.22 -2.09
CA SER A 26 -7.33 -1.44 -1.58
C SER A 26 -7.29 -2.58 -2.61
N ARG A 27 -7.98 -2.43 -3.70
CA ARG A 27 -8.00 -3.50 -4.75
C ARG A 27 -6.62 -4.18 -4.89
N LEU A 28 -5.57 -3.41 -4.97
CA LEU A 28 -4.22 -4.01 -5.12
C LEU A 28 -3.93 -5.01 -3.99
N GLU A 29 -3.59 -4.54 -2.84
CA GLU A 29 -3.28 -5.48 -1.71
C GLU A 29 -4.55 -6.16 -1.19
N GLN A 30 -5.66 -5.48 -1.17
CA GLN A 30 -6.89 -6.13 -0.66
C GLN A 30 -7.16 -7.42 -1.42
N CYS A 31 -6.85 -7.46 -2.69
CA CYS A 31 -7.09 -8.70 -3.48
C CYS A 31 -5.96 -9.70 -3.19
N GLY A 32 -5.01 -9.31 -2.38
CA GLY A 32 -3.90 -10.24 -2.05
C GLY A 32 -2.68 -9.90 -2.90
N ILE A 33 -2.10 -8.74 -2.73
CA ILE A 33 -0.91 -8.39 -3.54
C ILE A 33 0.31 -9.08 -2.90
N ASN A 34 1.35 -8.37 -2.64
CA ASN A 34 2.55 -9.01 -2.03
C ASN A 34 2.35 -9.15 -0.51
N ALA A 35 3.43 -9.26 0.23
CA ALA A 35 3.30 -9.40 1.71
C ALA A 35 2.22 -8.46 2.25
N ASN A 36 1.97 -7.37 1.57
CA ASN A 36 0.95 -6.42 2.06
C ASN A 36 -0.28 -7.17 2.55
N ASP A 37 -0.93 -7.88 1.66
CA ASP A 37 -2.15 -8.62 2.04
C ASP A 37 -2.16 -8.99 3.52
N VAL A 38 -1.21 -9.77 3.94
CA VAL A 38 -1.14 -10.18 5.37
C VAL A 38 -0.98 -9.00 6.32
N LYS A 39 0.13 -8.32 6.27
CA LYS A 39 0.34 -7.19 7.23
C LYS A 39 -0.34 -5.90 6.77
N LYS A 40 0.07 -5.38 5.64
CA LYS A 40 -0.54 -4.10 5.17
C LYS A 40 -2.05 -4.10 5.42
N LEU A 41 -2.72 -5.22 5.28
CA LEU A 41 -4.20 -5.19 5.49
C LEU A 41 -4.63 -5.43 6.95
N GLU A 42 -4.43 -6.62 7.46
CA GLU A 42 -4.91 -6.93 8.86
C GLU A 42 -4.33 -6.00 9.93
N GLU A 43 -3.04 -5.79 9.95
CA GLU A 43 -2.45 -4.93 11.02
C GLU A 43 -3.36 -3.74 11.35
N ALA A 44 -4.15 -3.30 10.41
CA ALA A 44 -5.07 -2.16 10.69
C ALA A 44 -6.14 -2.08 9.61
N GLY A 45 -5.74 -2.18 8.37
CA GLY A 45 -6.73 -2.10 7.27
C GLY A 45 -6.25 -1.08 6.24
N PHE A 46 -4.96 -0.96 6.04
CA PHE A 46 -4.43 0.03 5.03
C PHE A 46 -4.88 -0.30 3.60
N HIS A 47 -5.72 -1.29 3.41
CA HIS A 47 -6.16 -1.63 2.02
C HIS A 47 -6.92 -0.47 1.38
N THR A 48 -6.21 0.59 1.07
CA THR A 48 -6.86 1.79 0.43
C THR A 48 -5.93 3.00 0.53
N VAL A 49 -6.45 4.16 0.30
CA VAL A 49 -5.62 5.41 0.40
C VAL A 49 -4.59 5.30 1.52
N GLU A 50 -4.89 4.55 2.55
CA GLU A 50 -3.93 4.42 3.70
C GLU A 50 -2.49 4.30 3.17
N ALA A 51 -2.32 3.78 1.99
CA ALA A 51 -0.94 3.63 1.44
C ALA A 51 -0.43 4.97 0.89
N VAL A 52 -1.18 5.58 0.00
CA VAL A 52 -0.73 6.89 -0.57
C VAL A 52 -1.40 8.06 0.15
N ALA A 53 -1.70 7.89 1.41
CA ALA A 53 -2.35 9.01 2.16
C ALA A 53 -2.89 8.51 3.50
N TYR A 54 -3.16 9.39 4.41
CA TYR A 54 -3.68 8.98 5.76
C TYR A 54 -2.58 8.36 6.61
N ALA A 55 -1.40 8.19 6.07
CA ALA A 55 -0.30 7.58 6.88
C ALA A 55 0.91 7.30 5.99
N PRO A 56 2.07 7.60 6.50
CA PRO A 56 3.32 7.36 5.75
C PRO A 56 3.58 5.85 5.67
N LYS A 57 3.52 5.30 4.49
CA LYS A 57 3.75 3.83 4.32
C LYS A 57 4.85 3.35 5.27
N LYS A 58 5.85 4.15 5.50
CA LYS A 58 6.95 3.72 6.41
C LYS A 58 6.43 3.52 7.84
N GLU A 59 5.41 4.24 8.22
CA GLU A 59 4.87 4.08 9.60
C GLU A 59 3.94 2.88 9.62
N LEU A 60 3.09 2.75 8.65
CA LEU A 60 2.20 1.58 8.62
C LEU A 60 3.08 0.32 8.64
N ILE A 61 3.87 0.14 7.62
CA ILE A 61 4.76 -1.05 7.57
C ILE A 61 5.45 -1.22 8.91
N ASN A 62 5.67 -0.14 9.61
CA ASN A 62 6.32 -0.25 10.93
C ASN A 62 5.61 -1.31 11.76
N ILE A 63 4.43 -1.74 11.36
CA ILE A 63 3.74 -2.78 12.18
C ILE A 63 4.73 -3.93 12.43
N LYS A 64 4.83 -4.81 11.50
CA LYS A 64 5.78 -5.94 11.66
C LYS A 64 7.22 -5.43 11.58
N GLY A 65 7.44 -4.34 10.90
CA GLY A 65 8.82 -3.78 10.81
C GLY A 65 9.26 -3.73 9.35
N ILE A 66 8.33 -3.69 8.43
CA ILE A 66 8.72 -3.64 7.00
C ILE A 66 9.08 -2.20 6.60
N SER A 67 8.63 -1.76 5.44
CA SER A 67 8.93 -0.40 4.96
C SER A 67 8.49 -0.32 3.50
N GLU A 68 9.29 0.24 2.65
CA GLU A 68 8.91 0.27 1.21
C GLU A 68 8.70 -1.17 0.75
N ALA A 69 9.22 -2.12 1.51
CA ALA A 69 9.08 -3.55 1.15
C ALA A 69 7.69 -3.84 0.57
N LYS A 70 6.72 -3.99 1.43
CA LYS A 70 5.35 -4.26 0.94
C LYS A 70 4.61 -2.95 0.64
N ALA A 71 4.78 -1.96 1.46
CA ALA A 71 4.09 -0.67 1.19
C ALA A 71 4.44 -0.20 -0.23
N ASP A 72 5.68 0.04 -0.50
CA ASP A 72 6.08 0.49 -1.86
C ASP A 72 5.63 -0.55 -2.89
N LYS A 73 5.71 -1.81 -2.56
CA LYS A 73 5.28 -2.86 -3.52
C LYS A 73 3.89 -2.54 -4.08
N ILE A 74 3.05 -1.87 -3.32
CA ILE A 74 1.70 -1.55 -3.82
C ILE A 74 1.75 -0.30 -4.72
N LEU A 75 2.42 0.73 -4.28
CA LEU A 75 2.53 1.96 -5.11
C LEU A 75 3.02 1.59 -6.52
N ALA A 76 3.69 0.48 -6.64
CA ALA A 76 4.18 0.05 -7.98
C ALA A 76 3.08 -0.68 -8.74
N GLU A 77 2.46 -1.65 -8.13
CA GLU A 77 1.37 -2.40 -8.82
C GLU A 77 0.12 -1.52 -8.91
N ALA A 78 -0.06 -0.62 -7.98
CA ALA A 78 -1.25 0.26 -8.02
C ALA A 78 -1.11 1.31 -9.13
N ALA A 79 0.06 1.86 -9.29
CA ALA A 79 0.27 2.89 -10.35
C ALA A 79 0.35 2.22 -11.72
N LYS A 80 0.57 0.93 -11.76
CA LYS A 80 0.66 0.23 -13.07
C LYS A 80 -0.63 -0.52 -13.38
N LEU A 81 -1.50 -0.67 -12.41
CA LEU A 81 -2.78 -1.39 -12.67
C LEU A 81 -3.98 -0.46 -12.51
N VAL A 82 -4.01 0.32 -11.46
CA VAL A 82 -5.15 1.26 -11.27
C VAL A 82 -4.67 2.71 -11.29
N PRO A 83 -4.21 3.12 -12.44
CA PRO A 83 -3.73 4.52 -12.62
C PRO A 83 -4.90 5.50 -12.66
N MET A 84 -6.11 5.00 -12.59
CA MET A 84 -7.29 5.90 -12.64
C MET A 84 -8.24 5.61 -11.47
N GLY A 85 -8.75 4.41 -11.40
CA GLY A 85 -9.68 4.06 -10.29
C GLY A 85 -11.12 4.46 -10.68
N GLU A 16 10.45 5.54 -1.99
CA GLU A 16 10.77 6.94 -2.41
C GLU A 16 9.49 7.68 -2.83
N GLU A 17 9.02 7.42 -4.02
CA GLU A 17 7.78 8.11 -4.48
C GLU A 17 7.35 7.58 -5.85
N GLU A 18 6.49 6.59 -5.88
CA GLU A 18 6.03 6.05 -7.19
C GLU A 18 4.53 6.29 -7.34
N SER A 19 3.94 7.08 -6.48
CA SER A 19 2.48 7.35 -6.58
C SER A 19 2.08 8.43 -5.57
N PHE A 20 1.24 9.35 -5.98
CA PHE A 20 0.82 10.44 -5.04
C PHE A 20 -0.61 10.88 -5.37
N GLY A 21 -1.39 10.02 -5.95
CA GLY A 21 -2.79 10.40 -6.29
C GLY A 21 -3.73 9.96 -5.16
N PRO A 22 -4.77 9.27 -5.54
CA PRO A 22 -5.75 8.77 -4.55
C PRO A 22 -5.22 7.51 -3.86
N GLN A 23 -4.57 6.66 -4.59
CA GLN A 23 -4.00 5.41 -3.99
C GLN A 23 -5.09 4.43 -3.56
N PRO A 24 -6.10 4.30 -4.39
CA PRO A 24 -7.16 3.34 -4.08
C PRO A 24 -6.58 1.94 -4.23
N ILE A 25 -5.63 1.61 -3.39
CA ILE A 25 -4.98 0.28 -3.48
C ILE A 25 -5.96 -0.82 -3.04
N SER A 26 -7.15 -0.44 -2.68
CA SER A 26 -8.16 -1.45 -2.23
C SER A 26 -8.03 -2.75 -3.02
N ARG A 27 -8.46 -2.75 -4.25
CA ARG A 27 -8.37 -4.00 -5.07
C ARG A 27 -6.93 -4.53 -5.12
N LEU A 28 -5.96 -3.67 -5.04
CA LEU A 28 -4.54 -4.14 -5.12
C LEU A 28 -4.14 -5.01 -3.92
N GLU A 29 -3.87 -4.39 -2.79
CA GLU A 29 -3.44 -5.19 -1.60
C GLU A 29 -4.60 -5.91 -0.93
N GLN A 30 -5.79 -5.37 -1.02
CA GLN A 30 -6.94 -6.05 -0.35
C GLN A 30 -7.25 -7.36 -1.08
N CYS A 31 -7.05 -7.42 -2.36
CA CYS A 31 -7.32 -8.68 -3.10
C CYS A 31 -6.16 -9.65 -2.88
N GLY A 32 -5.07 -9.18 -2.33
CA GLY A 32 -3.90 -10.06 -2.07
C GLY A 32 -2.70 -9.63 -2.91
N ILE A 33 -2.13 -8.48 -2.64
CA ILE A 33 -0.94 -8.06 -3.42
C ILE A 33 0.29 -8.76 -2.83
N ASN A 34 1.32 -8.02 -2.51
CA ASN A 34 2.53 -8.66 -1.92
C ASN A 34 2.30 -8.93 -0.42
N ALA A 35 3.34 -9.13 0.33
CA ALA A 35 3.17 -9.40 1.79
C ALA A 35 2.12 -8.45 2.37
N ASN A 36 1.98 -7.30 1.77
CA ASN A 36 1.01 -6.31 2.28
C ASN A 36 -0.26 -6.97 2.80
N ASP A 37 -0.79 -7.89 2.05
CA ASP A 37 -2.05 -8.58 2.50
C ASP A 37 -2.05 -8.73 4.02
N VAL A 38 -1.25 -9.61 4.53
CA VAL A 38 -1.18 -9.84 6.00
C VAL A 38 -0.80 -8.58 6.77
N LYS A 39 0.32 -8.01 6.48
CA LYS A 39 0.78 -6.81 7.25
C LYS A 39 0.05 -5.52 6.86
N LYS A 40 0.10 -5.14 5.62
CA LYS A 40 -0.54 -3.85 5.21
C LYS A 40 -2.01 -3.75 5.68
N LEU A 41 -2.85 -4.68 5.29
CA LEU A 41 -4.31 -4.54 5.65
C LEU A 41 -4.70 -5.14 7.01
N GLU A 42 -4.10 -6.21 7.46
CA GLU A 42 -4.57 -6.79 8.76
C GLU A 42 -3.97 -6.05 9.95
N GLU A 43 -2.81 -5.47 9.80
CA GLU A 43 -2.21 -4.74 10.94
C GLU A 43 -3.00 -3.46 11.24
N ALA A 44 -3.99 -3.17 10.44
CA ALA A 44 -4.77 -1.95 10.68
C ALA A 44 -5.98 -1.91 9.73
N GLY A 45 -5.76 -2.24 8.49
CA GLY A 45 -6.88 -2.21 7.52
C GLY A 45 -6.53 -1.28 6.36
N PHE A 46 -5.32 -0.78 6.32
CA PHE A 46 -4.91 0.18 5.22
C PHE A 46 -5.02 -0.45 3.81
N HIS A 47 -6.04 -1.21 3.52
CA HIS A 47 -6.16 -1.79 2.16
C HIS A 47 -6.98 -0.85 1.27
N THR A 48 -6.47 0.30 0.99
CA THR A 48 -7.20 1.28 0.14
C THR A 48 -6.46 2.61 0.12
N VAL A 49 -7.10 3.64 -0.37
CA VAL A 49 -6.47 4.99 -0.41
C VAL A 49 -5.55 5.21 0.79
N GLU A 50 -5.86 4.60 1.91
CA GLU A 50 -5.00 4.76 3.13
C GLU A 50 -3.52 4.82 2.74
N ALA A 51 -3.14 4.16 1.68
CA ALA A 51 -1.71 4.19 1.27
C ALA A 51 -1.19 5.63 1.28
N VAL A 52 -2.07 6.59 1.15
CA VAL A 52 -1.64 8.01 1.17
C VAL A 52 -2.69 8.88 1.87
N ALA A 53 -2.57 9.06 3.15
CA ALA A 53 -3.57 9.89 3.88
C ALA A 53 -2.99 10.34 5.23
N TYR A 54 -3.17 9.58 6.27
CA TYR A 54 -2.62 9.97 7.59
C TYR A 54 -1.69 8.88 8.14
N ALA A 55 -0.92 8.27 7.28
CA ALA A 55 0.01 7.20 7.74
C ALA A 55 1.05 6.92 6.66
N PRO A 56 2.27 7.27 6.95
CA PRO A 56 3.37 7.06 5.99
C PRO A 56 3.65 5.57 5.84
N LYS A 57 3.72 5.10 4.63
CA LYS A 57 3.98 3.64 4.43
C LYS A 57 5.05 3.16 5.40
N LYS A 58 5.99 4.00 5.75
CA LYS A 58 7.06 3.58 6.69
C LYS A 58 6.49 3.38 8.10
N GLU A 59 5.40 4.02 8.40
CA GLU A 59 4.81 3.87 9.77
C GLU A 59 3.97 2.60 9.80
N LEU A 60 3.17 2.38 8.80
CA LEU A 60 2.36 1.15 8.76
C LEU A 60 3.31 -0.06 8.76
N ILE A 61 4.11 -0.18 7.74
CA ILE A 61 5.07 -1.32 7.65
C ILE A 61 5.80 -1.48 8.97
N ASN A 62 6.00 -0.40 9.68
CA ASN A 62 6.69 -0.50 10.98
C ASN A 62 5.93 -1.51 11.86
N ILE A 63 4.75 -1.92 11.46
CA ILE A 63 4.02 -2.90 12.31
C ILE A 63 4.91 -4.12 12.52
N LYS A 64 4.91 -5.00 11.59
CA LYS A 64 5.76 -6.22 11.70
C LYS A 64 7.24 -5.80 11.66
N GLY A 65 7.57 -4.85 10.82
CA GLY A 65 8.98 -4.39 10.74
C GLY A 65 9.42 -4.26 9.28
N ILE A 66 8.51 -3.96 8.38
CA ILE A 66 8.90 -3.83 6.96
C ILE A 66 9.22 -2.37 6.62
N SER A 67 8.81 -1.95 5.45
CA SER A 67 9.06 -0.56 4.99
C SER A 67 8.58 -0.45 3.55
N GLU A 68 9.28 0.26 2.72
CA GLU A 68 8.86 0.31 1.30
C GLU A 68 8.78 -1.12 0.78
N ALA A 69 9.38 -2.05 1.48
CA ALA A 69 9.36 -3.48 1.05
C ALA A 69 8.01 -3.85 0.44
N LYS A 70 7.04 -4.14 1.27
CA LYS A 70 5.70 -4.52 0.74
C LYS A 70 4.87 -3.27 0.50
N ALA A 71 4.97 -2.28 1.35
CA ALA A 71 4.18 -1.05 1.12
C ALA A 71 4.47 -0.50 -0.28
N ASP A 72 5.68 -0.04 -0.49
CA ASP A 72 6.02 0.51 -1.83
C ASP A 72 5.63 -0.49 -2.93
N LYS A 73 5.96 -1.74 -2.76
CA LYS A 73 5.59 -2.74 -3.79
C LYS A 73 4.15 -2.51 -4.27
N ILE A 74 3.31 -2.01 -3.40
CA ILE A 74 1.90 -1.76 -3.81
C ILE A 74 1.85 -0.50 -4.67
N LEU A 75 2.45 0.57 -4.22
CA LEU A 75 2.44 1.83 -5.01
C LEU A 75 3.08 1.57 -6.37
N ALA A 76 3.86 0.53 -6.48
CA ALA A 76 4.50 0.22 -7.79
C ALA A 76 3.44 -0.28 -8.77
N GLU A 77 2.73 -1.31 -8.42
CA GLU A 77 1.67 -1.83 -9.34
C GLU A 77 0.49 -0.86 -9.36
N ALA A 78 0.06 -0.39 -8.22
CA ALA A 78 -1.09 0.56 -8.19
C ALA A 78 -0.82 1.72 -9.16
N ALA A 79 0.41 2.12 -9.30
CA ALA A 79 0.73 3.24 -10.23
C ALA A 79 0.58 2.79 -11.69
N LYS A 80 0.96 1.58 -11.99
CA LYS A 80 0.84 1.10 -13.40
C LYS A 80 -0.26 0.03 -13.50
N LEU A 81 -1.28 0.15 -12.70
CA LEU A 81 -2.39 -0.85 -12.77
C LEU A 81 -3.73 -0.21 -12.40
N VAL A 82 -3.74 0.73 -11.50
CA VAL A 82 -5.02 1.39 -11.12
C VAL A 82 -5.41 2.45 -12.16
N PRO A 83 -4.45 3.24 -12.58
CA PRO A 83 -4.73 4.30 -13.58
C PRO A 83 -4.87 3.68 -14.98
N MET A 84 -5.87 4.08 -15.70
CA MET A 84 -6.07 3.51 -17.07
C MET A 84 -4.73 3.46 -17.81
N GLY A 85 -4.40 2.32 -18.38
CA GLY A 85 -3.11 2.20 -19.11
C GLY A 85 -3.23 2.89 -20.47
N GLU A 16 10.00 4.16 -10.34
CA GLU A 16 9.05 3.18 -9.73
C GLU A 16 8.72 3.61 -8.29
N GLU A 17 9.13 4.79 -7.91
CA GLU A 17 8.83 5.27 -6.52
C GLU A 17 8.04 6.58 -6.57
N GLU A 18 6.93 6.64 -5.88
CA GLU A 18 6.12 7.88 -5.89
C GLU A 18 4.89 7.70 -4.98
N SER A 19 4.02 8.66 -4.95
CA SER A 19 2.81 8.54 -4.08
C SER A 19 1.54 8.68 -4.92
N PHE A 20 1.69 8.98 -6.19
CA PHE A 20 0.50 9.14 -7.08
C PHE A 20 -0.46 10.19 -6.52
N GLY A 21 -1.23 9.86 -5.52
CA GLY A 21 -2.18 10.85 -4.95
C GLY A 21 -3.21 10.14 -4.07
N PRO A 22 -4.14 9.50 -4.71
CA PRO A 22 -5.21 8.77 -3.99
C PRO A 22 -4.73 7.37 -3.63
N GLN A 23 -4.23 6.63 -4.59
CA GLN A 23 -3.76 5.24 -4.31
C GLN A 23 -4.84 4.44 -3.63
N PRO A 24 -5.96 4.38 -4.29
CA PRO A 24 -7.07 3.56 -3.77
C PRO A 24 -6.67 2.10 -3.89
N ILE A 25 -5.62 1.73 -3.20
CA ILE A 25 -5.13 0.33 -3.27
C ILE A 25 -6.16 -0.60 -2.63
N SER A 26 -7.36 -0.54 -3.11
CA SER A 26 -8.44 -1.39 -2.54
C SER A 26 -8.31 -2.84 -3.04
N ARG A 27 -8.58 -3.08 -4.29
CA ARG A 27 -8.49 -4.47 -4.83
C ARG A 27 -7.03 -4.93 -4.98
N LEU A 28 -6.10 -4.03 -4.95
CA LEU A 28 -4.67 -4.45 -5.12
C LEU A 28 -4.18 -5.27 -3.92
N GLU A 29 -3.95 -4.63 -2.80
CA GLU A 29 -3.44 -5.39 -1.61
C GLU A 29 -4.59 -6.12 -0.89
N GLN A 30 -5.80 -5.66 -1.02
CA GLN A 30 -6.93 -6.37 -0.33
C GLN A 30 -7.25 -7.66 -1.07
N CYS A 31 -7.11 -7.68 -2.36
CA CYS A 31 -7.40 -8.91 -3.14
C CYS A 31 -6.22 -9.87 -3.02
N GLY A 32 -5.11 -9.40 -2.51
CA GLY A 32 -3.93 -10.30 -2.37
C GLY A 32 -2.76 -9.79 -3.21
N ILE A 33 -2.16 -8.68 -2.85
CA ILE A 33 -0.99 -8.19 -3.62
C ILE A 33 0.25 -8.92 -3.11
N ASN A 34 1.28 -8.22 -2.78
CA ASN A 34 2.51 -8.90 -2.25
C ASN A 34 2.30 -9.27 -0.78
N ALA A 35 3.21 -8.93 0.08
CA ALA A 35 3.04 -9.27 1.53
C ALA A 35 2.04 -8.30 2.17
N ASN A 36 1.82 -7.18 1.56
CA ASN A 36 0.87 -6.19 2.15
C ASN A 36 -0.37 -6.90 2.68
N ASP A 37 -1.02 -7.68 1.86
CA ASP A 37 -2.26 -8.38 2.32
C ASP A 37 -2.24 -8.61 3.84
N VAL A 38 -1.37 -9.47 4.29
CA VAL A 38 -1.27 -9.78 5.74
C VAL A 38 -0.77 -8.60 6.57
N LYS A 39 0.38 -8.07 6.28
CA LYS A 39 0.92 -6.96 7.12
C LYS A 39 0.29 -5.59 6.80
N LYS A 40 0.13 -5.25 5.56
CA LYS A 40 -0.44 -3.91 5.25
C LYS A 40 -1.89 -3.76 5.74
N LEU A 41 -2.79 -4.62 5.32
CA LEU A 41 -4.22 -4.43 5.74
C LEU A 41 -4.58 -5.08 7.08
N GLU A 42 -3.83 -6.05 7.54
CA GLU A 42 -4.25 -6.69 8.82
C GLU A 42 -3.75 -5.94 10.05
N GLU A 43 -2.59 -5.37 9.99
CA GLU A 43 -2.08 -4.64 11.18
C GLU A 43 -2.94 -3.39 11.43
N ALA A 44 -3.82 -3.09 10.53
CA ALA A 44 -4.71 -1.91 10.71
C ALA A 44 -5.82 -1.93 9.66
N GLY A 45 -5.46 -2.10 8.42
CA GLY A 45 -6.50 -2.15 7.36
C GLY A 45 -6.33 -1.00 6.36
N PHE A 46 -5.11 -0.63 6.01
CA PHE A 46 -4.96 0.48 5.01
C PHE A 46 -5.18 -0.05 3.58
N HIS A 47 -5.80 -1.19 3.43
CA HIS A 47 -6.01 -1.74 2.05
C HIS A 47 -6.89 -0.82 1.20
N THR A 48 -6.41 0.36 0.90
CA THR A 48 -7.21 1.30 0.06
C THR A 48 -6.48 2.63 -0.11
N VAL A 49 -7.18 3.68 -0.44
CA VAL A 49 -6.53 5.01 -0.63
C VAL A 49 -5.63 5.36 0.56
N GLU A 50 -5.78 4.67 1.67
CA GLU A 50 -4.94 4.98 2.86
C GLU A 50 -3.45 4.87 2.52
N ALA A 51 -3.12 4.31 1.38
CA ALA A 51 -1.67 4.18 1.01
C ALA A 51 -0.88 5.43 1.41
N VAL A 52 -1.52 6.56 1.45
CA VAL A 52 -0.80 7.80 1.83
C VAL A 52 -1.76 8.79 2.52
N ALA A 53 -1.32 9.99 2.76
CA ALA A 53 -2.21 10.99 3.42
C ALA A 53 -2.49 10.55 4.87
N TYR A 54 -3.16 9.45 5.05
CA TYR A 54 -3.47 8.97 6.42
C TYR A 54 -2.18 8.67 7.19
N ALA A 55 -1.55 7.56 6.89
CA ALA A 55 -0.28 7.22 7.59
C ALA A 55 0.84 6.96 6.58
N PRO A 56 2.04 7.29 6.96
CA PRO A 56 3.21 7.10 6.07
C PRO A 56 3.51 5.60 5.91
N LYS A 57 3.51 5.12 4.70
CA LYS A 57 3.79 3.68 4.47
C LYS A 57 4.93 3.19 5.37
N LYS A 58 5.81 4.06 5.77
CA LYS A 58 6.94 3.65 6.63
C LYS A 58 6.46 3.42 8.07
N GLU A 59 5.38 4.04 8.45
CA GLU A 59 4.86 3.84 9.84
C GLU A 59 4.04 2.57 9.91
N LEU A 60 3.10 2.41 9.03
CA LEU A 60 2.30 1.16 9.04
C LEU A 60 3.26 -0.03 8.95
N ILE A 61 4.00 -0.12 7.89
CA ILE A 61 4.96 -1.25 7.74
C ILE A 61 5.71 -1.44 9.04
N ASN A 62 5.99 -0.36 9.73
CA ASN A 62 6.71 -0.48 11.02
C ASN A 62 6.04 -1.54 11.90
N ILE A 63 4.82 -1.94 11.59
CA ILE A 63 4.18 -2.97 12.45
C ILE A 63 5.10 -4.18 12.52
N LYS A 64 4.97 -5.06 11.59
CA LYS A 64 5.85 -6.27 11.58
C LYS A 64 7.31 -5.83 11.50
N GLY A 65 7.54 -4.64 11.01
CA GLY A 65 8.94 -4.14 10.90
C GLY A 65 9.35 -4.03 9.43
N ILE A 66 8.40 -3.92 8.53
CA ILE A 66 8.77 -3.81 7.10
C ILE A 66 9.11 -2.36 6.73
N SER A 67 8.70 -1.94 5.56
CA SER A 67 8.96 -0.55 5.08
C SER A 67 8.58 -0.50 3.59
N GLU A 68 9.41 0.05 2.76
CA GLU A 68 9.08 0.06 1.31
C GLU A 68 8.88 -1.39 0.86
N ALA A 69 9.35 -2.33 1.64
CA ALA A 69 9.20 -3.76 1.26
C ALA A 69 7.81 -4.02 0.67
N LYS A 70 6.82 -4.14 1.51
CA LYS A 70 5.45 -4.40 0.98
C LYS A 70 4.80 -3.07 0.62
N ALA A 71 4.91 -2.08 1.46
CA ALA A 71 4.29 -0.77 1.15
C ALA A 71 4.69 -0.31 -0.27
N ASP A 72 5.96 -0.14 -0.51
CA ASP A 72 6.40 0.29 -1.86
C ASP A 72 5.87 -0.66 -2.93
N LYS A 73 6.09 -1.94 -2.77
CA LYS A 73 5.60 -2.91 -3.79
C LYS A 73 4.17 -2.53 -4.22
N ILE A 74 3.43 -1.89 -3.35
CA ILE A 74 2.04 -1.49 -3.70
C ILE A 74 2.05 -0.23 -4.59
N LEU A 75 2.66 0.83 -4.13
CA LEU A 75 2.70 2.06 -4.96
C LEU A 75 3.19 1.75 -6.36
N ALA A 76 3.89 0.66 -6.54
CA ALA A 76 4.38 0.30 -7.89
C ALA A 76 3.22 -0.25 -8.73
N GLU A 77 2.61 -1.31 -8.28
CA GLU A 77 1.47 -1.88 -9.04
C GLU A 77 0.29 -0.90 -9.04
N ALA A 78 0.04 -0.27 -7.93
CA ALA A 78 -1.08 0.71 -7.86
C ALA A 78 -0.86 1.83 -8.88
N ALA A 79 0.37 2.18 -9.13
CA ALA A 79 0.66 3.27 -10.10
C ALA A 79 0.38 2.79 -11.53
N LYS A 80 0.53 1.52 -11.79
CA LYS A 80 0.28 1.01 -13.18
C LYS A 80 -0.79 -0.10 -13.17
N LEU A 81 -1.74 -0.03 -12.29
CA LEU A 81 -2.79 -1.10 -12.26
C LEU A 81 -4.07 -0.62 -11.54
N VAL A 82 -3.96 0.32 -10.64
CA VAL A 82 -5.17 0.80 -9.91
C VAL A 82 -5.98 1.80 -10.76
N PRO A 83 -5.30 2.68 -11.44
CA PRO A 83 -6.00 3.69 -12.26
C PRO A 83 -6.55 3.07 -13.55
N MET A 84 -6.34 1.80 -13.76
CA MET A 84 -6.87 1.16 -14.99
C MET A 84 -7.49 -0.20 -14.66
N GLY A 85 -6.91 -0.94 -13.77
CA GLY A 85 -7.48 -2.26 -13.40
C GLY A 85 -8.49 -2.09 -12.25
N GLU A 16 11.63 6.28 -6.34
CA GLU A 16 11.16 4.95 -5.88
C GLU A 16 9.67 4.98 -5.56
N GLU A 17 9.21 6.01 -4.90
CA GLU A 17 7.76 6.10 -4.57
C GLU A 17 7.01 6.81 -5.69
N GLU A 18 5.73 7.00 -5.54
CA GLU A 18 4.93 7.69 -6.60
C GLU A 18 4.44 9.05 -6.09
N SER A 19 4.76 10.11 -6.79
CA SER A 19 4.30 11.46 -6.34
C SER A 19 2.99 11.81 -7.04
N PHE A 20 2.39 10.87 -7.72
CA PHE A 20 1.10 11.15 -8.42
C PHE A 20 0.33 9.85 -8.63
N GLY A 21 -0.96 9.92 -8.85
CA GLY A 21 -1.74 8.69 -9.05
C GLY A 21 -2.56 8.41 -7.79
N PRO A 22 -3.81 8.10 -7.99
CA PRO A 22 -4.71 7.79 -6.86
C PRO A 22 -4.32 6.43 -6.25
N GLN A 23 -4.63 6.21 -5.00
CA GLN A 23 -4.22 4.92 -4.37
C GLN A 23 -5.40 4.02 -4.04
N PRO A 24 -6.25 3.80 -4.99
CA PRO A 24 -7.39 2.89 -4.78
C PRO A 24 -6.83 1.48 -4.66
N ILE A 25 -5.98 1.27 -3.68
CA ILE A 25 -5.36 -0.06 -3.50
C ILE A 25 -6.35 -1.03 -2.87
N SER A 26 -7.56 -0.58 -2.66
CA SER A 26 -8.59 -1.47 -2.06
C SER A 26 -8.46 -2.90 -2.58
N ARG A 27 -8.54 -3.09 -3.87
CA ARG A 27 -8.43 -4.46 -4.43
C ARG A 27 -6.97 -4.93 -4.49
N LEU A 28 -6.14 -4.18 -5.16
CA LEU A 28 -4.69 -4.57 -5.29
C LEU A 28 -4.17 -5.33 -4.06
N GLU A 29 -4.02 -4.66 -2.94
CA GLU A 29 -3.47 -5.37 -1.74
C GLU A 29 -4.54 -6.13 -0.97
N GLN A 30 -5.75 -5.66 -0.92
CA GLN A 30 -6.78 -6.43 -0.14
C GLN A 30 -7.20 -7.67 -0.93
N CYS A 31 -6.96 -7.67 -2.22
CA CYS A 31 -7.32 -8.86 -3.03
C CYS A 31 -6.20 -9.89 -2.94
N GLY A 32 -5.05 -9.48 -2.49
CA GLY A 32 -3.92 -10.43 -2.37
C GLY A 32 -2.70 -9.94 -3.16
N ILE A 33 -2.10 -8.84 -2.75
CA ILE A 33 -0.88 -8.37 -3.48
C ILE A 33 0.33 -9.04 -2.83
N ASN A 34 1.34 -8.28 -2.49
CA ASN A 34 2.54 -8.88 -1.84
C ASN A 34 2.31 -9.00 -0.32
N ALA A 35 3.36 -9.15 0.45
CA ALA A 35 3.18 -9.25 1.93
C ALA A 35 2.16 -8.22 2.40
N ASN A 36 2.01 -7.15 1.69
CA ASN A 36 1.05 -6.09 2.09
C ASN A 36 -0.27 -6.70 2.57
N ASP A 37 -0.99 -7.37 1.70
CA ASP A 37 -2.30 -7.96 2.11
C ASP A 37 -2.27 -8.35 3.59
N VAL A 38 -1.67 -9.46 3.88
CA VAL A 38 -1.58 -9.93 5.29
C VAL A 38 -1.01 -8.84 6.21
N LYS A 39 0.14 -8.29 5.89
CA LYS A 39 0.74 -7.27 6.80
C LYS A 39 0.08 -5.90 6.66
N LYS A 40 0.26 -5.25 5.55
CA LYS A 40 -0.31 -3.89 5.37
C LYS A 40 -1.71 -3.76 5.96
N LEU A 41 -2.69 -4.40 5.37
CA LEU A 41 -4.10 -4.23 5.86
C LEU A 41 -4.39 -4.91 7.20
N GLU A 42 -3.74 -5.99 7.55
CA GLU A 42 -4.10 -6.62 8.85
C GLU A 42 -3.57 -5.80 10.03
N GLU A 43 -2.49 -5.09 9.85
CA GLU A 43 -1.94 -4.30 10.98
C GLU A 43 -2.75 -3.03 11.17
N ALA A 44 -3.59 -2.70 10.23
CA ALA A 44 -4.44 -1.48 10.35
C ALA A 44 -5.60 -1.56 9.38
N GLY A 45 -5.33 -1.95 8.17
CA GLY A 45 -6.42 -2.06 7.16
C GLY A 45 -6.26 -0.93 6.14
N PHE A 46 -5.10 -0.77 5.57
CA PHE A 46 -4.91 0.31 4.55
C PHE A 46 -5.42 -0.15 3.18
N HIS A 47 -6.25 -1.16 3.14
CA HIS A 47 -6.76 -1.66 1.84
C HIS A 47 -7.58 -0.58 1.13
N THR A 48 -6.95 0.48 0.73
CA THR A 48 -7.67 1.59 0.03
C THR A 48 -6.75 2.80 -0.10
N VAL A 49 -7.21 3.82 -0.76
CA VAL A 49 -6.40 5.07 -0.93
C VAL A 49 -5.56 5.36 0.32
N GLU A 50 -6.01 4.93 1.48
CA GLU A 50 -5.26 5.19 2.74
C GLU A 50 -3.75 5.13 2.50
N ALA A 51 -3.31 4.34 1.54
CA ALA A 51 -1.85 4.26 1.27
C ALA A 51 -1.21 5.65 1.28
N VAL A 52 -1.97 6.65 0.93
CA VAL A 52 -1.40 8.03 0.92
C VAL A 52 -2.35 9.01 1.62
N ALA A 53 -1.86 10.16 1.99
CA ALA A 53 -2.73 11.16 2.67
C ALA A 53 -3.20 10.62 4.03
N TYR A 54 -2.46 9.71 4.60
CA TYR A 54 -2.88 9.16 5.92
C TYR A 54 -1.64 8.84 6.77
N ALA A 55 -1.08 7.67 6.62
CA ALA A 55 0.12 7.31 7.42
C ALA A 55 1.32 7.07 6.50
N PRO A 56 2.48 7.38 7.01
CA PRO A 56 3.73 7.19 6.23
C PRO A 56 4.02 5.69 6.10
N LYS A 57 4.09 5.21 4.89
CA LYS A 57 4.35 3.76 4.66
C LYS A 57 5.38 3.23 5.67
N LYS A 58 6.35 4.02 6.04
CA LYS A 58 7.38 3.54 7.01
C LYS A 58 6.77 3.32 8.39
N GLU A 59 5.66 3.94 8.67
CA GLU A 59 5.03 3.76 10.00
C GLU A 59 4.20 2.49 10.00
N LEU A 60 3.36 2.33 9.02
CA LEU A 60 2.55 1.10 8.95
C LEU A 60 3.50 -0.11 8.92
N ILE A 61 4.30 -0.21 7.87
CA ILE A 61 5.24 -1.35 7.77
C ILE A 61 5.97 -1.56 9.08
N ASN A 62 6.21 -0.48 9.79
CA ASN A 62 6.90 -0.61 11.09
C ASN A 62 6.13 -1.61 11.98
N ILE A 63 4.94 -2.02 11.58
CA ILE A 63 4.20 -2.99 12.43
C ILE A 63 5.01 -4.28 12.55
N LYS A 64 4.84 -5.17 11.62
CA LYS A 64 5.59 -6.46 11.67
C LYS A 64 7.10 -6.16 11.62
N GLY A 65 7.49 -5.28 10.74
CA GLY A 65 8.94 -4.94 10.64
C GLY A 65 9.34 -4.75 9.17
N ILE A 66 8.44 -4.33 8.33
CA ILE A 66 8.81 -4.14 6.90
C ILE A 66 9.18 -2.68 6.63
N SER A 67 8.81 -2.19 5.48
CA SER A 67 9.11 -0.78 5.09
C SER A 67 8.70 -0.60 3.63
N GLU A 68 9.47 0.12 2.87
CA GLU A 68 9.09 0.26 1.43
C GLU A 68 8.84 -1.14 0.87
N ALA A 69 9.41 -2.14 1.52
CA ALA A 69 9.21 -3.55 1.07
C ALA A 69 7.79 -3.78 0.55
N LYS A 70 6.85 -3.94 1.44
CA LYS A 70 5.45 -4.17 1.00
C LYS A 70 4.75 -2.83 0.73
N ALA A 71 4.87 -1.88 1.63
CA ALA A 71 4.17 -0.59 1.39
C ALA A 71 4.51 -0.04 0.01
N ASP A 72 5.77 0.21 -0.25
CA ASP A 72 6.15 0.74 -1.59
C ASP A 72 5.71 -0.22 -2.68
N LYS A 73 5.96 -1.49 -2.52
CA LYS A 73 5.54 -2.47 -3.56
C LYS A 73 4.11 -2.18 -3.99
N ILE A 74 3.30 -1.64 -3.13
CA ILE A 74 1.89 -1.33 -3.50
C ILE A 74 1.86 -0.11 -4.41
N LEU A 75 2.41 0.99 -3.96
CA LEU A 75 2.41 2.22 -4.80
C LEU A 75 3.03 1.94 -6.18
N ALA A 76 3.76 0.87 -6.30
CA ALA A 76 4.39 0.54 -7.61
C ALA A 76 3.38 -0.18 -8.51
N GLU A 77 2.87 -1.30 -8.07
CA GLU A 77 1.88 -2.04 -8.90
C GLU A 77 0.56 -1.26 -8.99
N ALA A 78 0.26 -0.47 -7.99
CA ALA A 78 -1.01 0.31 -8.02
C ALA A 78 -0.95 1.41 -9.07
N ALA A 79 0.08 2.21 -9.05
CA ALA A 79 0.21 3.31 -10.04
C ALA A 79 0.43 2.74 -11.46
N LYS A 80 0.80 1.49 -11.55
CA LYS A 80 1.04 0.89 -12.90
C LYS A 80 0.00 -0.18 -13.21
N LEU A 81 -0.97 -0.36 -12.35
CA LEU A 81 -2.00 -1.41 -12.60
C LEU A 81 -3.40 -0.90 -12.25
N VAL A 82 -3.49 0.03 -11.33
CA VAL A 82 -4.83 0.55 -10.93
C VAL A 82 -5.35 1.64 -11.90
N PRO A 83 -4.47 2.34 -12.59
CA PRO A 83 -4.93 3.40 -13.53
C PRO A 83 -5.51 2.78 -14.81
N MET A 84 -5.12 1.58 -15.13
CA MET A 84 -5.66 0.93 -16.37
C MET A 84 -5.61 1.92 -17.53
N GLY A 85 -4.57 2.71 -17.61
CA GLY A 85 -4.47 3.70 -18.73
C GLY A 85 -5.80 4.43 -18.89
N GLU A 16 6.67 3.67 -8.32
CA GLU A 16 7.56 3.36 -7.16
C GLU A 16 7.56 4.50 -6.15
N GLU A 17 6.88 5.58 -6.47
CA GLU A 17 6.83 6.73 -5.52
C GLU A 17 5.48 7.44 -5.62
N GLU A 18 4.84 7.69 -4.52
CA GLU A 18 3.52 8.38 -4.55
C GLU A 18 3.53 9.52 -5.58
N SER A 19 2.65 9.45 -6.55
CA SER A 19 2.61 10.53 -7.59
C SER A 19 1.34 10.40 -8.44
N PHE A 20 0.20 10.63 -7.86
CA PHE A 20 -1.07 10.52 -8.63
C PHE A 20 -1.18 9.13 -9.26
N GLY A 21 -1.97 8.27 -8.69
CA GLY A 21 -2.12 6.90 -9.24
C GLY A 21 -2.19 5.87 -8.11
N PRO A 22 -1.23 5.95 -7.23
CA PRO A 22 -1.18 5.02 -6.08
C PRO A 22 -2.21 5.42 -5.01
N GLN A 23 -3.45 5.11 -5.23
CA GLN A 23 -4.49 5.47 -4.21
C GLN A 23 -5.45 4.29 -3.99
N PRO A 24 -6.24 3.98 -4.96
CA PRO A 24 -7.17 2.85 -4.80
C PRO A 24 -6.37 1.55 -4.75
N ILE A 25 -5.50 1.43 -3.78
CA ILE A 25 -4.67 0.21 -3.67
C ILE A 25 -5.52 -0.92 -3.09
N SER A 26 -6.69 -0.60 -2.63
CA SER A 26 -7.58 -1.64 -2.05
C SER A 26 -7.51 -2.93 -2.89
N ARG A 27 -8.18 -2.95 -4.01
CA ARG A 27 -8.18 -4.17 -4.87
C ARG A 27 -6.76 -4.76 -4.98
N LEU A 28 -5.75 -3.93 -4.97
CA LEU A 28 -4.37 -4.46 -5.09
C LEU A 28 -3.99 -5.34 -3.88
N GLU A 29 -3.75 -4.73 -2.75
CA GLU A 29 -3.36 -5.54 -1.55
C GLU A 29 -4.59 -6.14 -0.86
N GLN A 30 -5.73 -5.49 -0.96
CA GLN A 30 -6.94 -6.05 -0.29
C GLN A 30 -7.30 -7.40 -0.91
N CYS A 31 -7.10 -7.56 -2.19
CA CYS A 31 -7.43 -8.85 -2.84
C CYS A 31 -6.31 -9.85 -2.55
N GLY A 32 -5.22 -9.38 -1.98
CA GLY A 32 -4.10 -10.29 -1.65
C GLY A 32 -2.90 -10.01 -2.56
N ILE A 33 -2.27 -8.86 -2.41
CA ILE A 33 -1.09 -8.58 -3.27
C ILE A 33 0.11 -9.33 -2.68
N ASN A 34 1.18 -8.67 -2.42
CA ASN A 34 2.37 -9.37 -1.83
C ASN A 34 2.21 -9.45 -0.31
N ALA A 35 3.31 -9.59 0.40
CA ALA A 35 3.21 -9.68 1.90
C ALA A 35 2.20 -8.67 2.42
N ASN A 36 2.02 -7.60 1.71
CA ASN A 36 1.09 -6.54 2.20
C ASN A 36 -0.18 -7.14 2.79
N ASP A 37 -1.02 -7.70 1.95
CA ASP A 37 -2.31 -8.28 2.44
C ASP A 37 -2.20 -8.73 3.89
N VAL A 38 -1.28 -9.60 4.18
CA VAL A 38 -1.10 -10.09 5.57
C VAL A 38 -0.92 -8.94 6.57
N LYS A 39 0.22 -8.29 6.53
CA LYS A 39 0.48 -7.22 7.54
C LYS A 39 -0.01 -5.83 7.10
N LYS A 40 0.03 -5.53 5.83
CA LYS A 40 -0.41 -4.18 5.41
C LYS A 40 -1.93 -4.03 5.58
N LEU A 41 -2.69 -4.99 5.11
CA LEU A 41 -4.17 -4.85 5.23
C LEU A 41 -4.70 -5.30 6.61
N GLU A 42 -4.03 -6.20 7.28
CA GLU A 42 -4.59 -6.66 8.59
C GLU A 42 -4.14 -5.78 9.77
N GLU A 43 -2.85 -5.63 9.96
CA GLU A 43 -2.35 -4.82 11.12
C GLU A 43 -3.28 -3.63 11.40
N ALA A 44 -3.59 -2.86 10.40
CA ALA A 44 -4.49 -1.70 10.62
C ALA A 44 -5.59 -1.68 9.56
N GLY A 45 -5.23 -1.92 8.33
CA GLY A 45 -6.25 -1.92 7.26
C GLY A 45 -5.97 -0.81 6.25
N PHE A 46 -4.73 -0.61 5.87
CA PHE A 46 -4.45 0.48 4.86
C PHE A 46 -4.82 0.01 3.46
N HIS A 47 -5.52 -1.09 3.34
CA HIS A 47 -5.91 -1.61 1.99
C HIS A 47 -6.76 -0.59 1.24
N THR A 48 -6.15 0.49 0.83
CA THR A 48 -6.88 1.55 0.08
C THR A 48 -6.02 2.80 0.04
N VAL A 49 -6.48 3.84 -0.59
CA VAL A 49 -5.67 5.10 -0.67
C VAL A 49 -4.95 5.35 0.66
N GLU A 50 -5.50 4.88 1.75
CA GLU A 50 -4.85 5.08 3.08
C GLU A 50 -3.33 4.92 2.95
N ALA A 51 -2.89 4.09 2.05
CA ALA A 51 -1.42 3.90 1.87
C ALA A 51 -0.75 5.22 1.47
N VAL A 52 -1.51 6.18 1.05
CA VAL A 52 -0.92 7.49 0.63
C VAL A 52 -1.85 8.64 0.99
N ALA A 53 -1.94 8.98 2.26
CA ALA A 53 -2.83 10.10 2.67
C ALA A 53 -2.93 10.15 4.20
N TYR A 54 -3.00 9.02 4.83
CA TYR A 54 -3.11 9.00 6.32
C TYR A 54 -1.71 8.99 6.95
N ALA A 55 -1.14 7.83 7.12
CA ALA A 55 0.23 7.75 7.72
C ALA A 55 1.27 7.46 6.64
N PRO A 56 2.51 7.67 6.98
CA PRO A 56 3.61 7.41 6.02
C PRO A 56 3.79 5.89 5.84
N LYS A 57 3.84 5.45 4.62
CA LYS A 57 3.99 3.99 4.37
C LYS A 57 5.03 3.39 5.32
N LYS A 58 5.98 4.17 5.75
CA LYS A 58 7.03 3.64 6.67
C LYS A 58 6.45 3.43 8.08
N GLU A 59 5.39 4.11 8.39
CA GLU A 59 4.77 3.94 9.75
C GLU A 59 3.85 2.73 9.74
N LEU A 60 3.16 2.52 8.66
CA LEU A 60 2.28 1.34 8.59
C LEU A 60 3.18 0.12 8.55
N ILE A 61 3.97 -0.01 7.52
CA ILE A 61 4.89 -1.18 7.45
C ILE A 61 5.59 -1.34 8.77
N ASN A 62 5.72 -0.27 9.50
CA ASN A 62 6.36 -0.37 10.84
C ASN A 62 5.75 -1.57 11.58
N ILE A 63 4.59 -2.01 11.16
CA ILE A 63 3.96 -3.18 11.82
C ILE A 63 4.96 -4.34 11.94
N LYS A 64 4.78 -5.38 11.17
CA LYS A 64 5.72 -6.52 11.23
C LYS A 64 7.16 -6.00 11.24
N GLY A 65 7.35 -4.83 10.68
CA GLY A 65 8.73 -4.24 10.65
C GLY A 65 9.19 -4.11 9.19
N ILE A 66 8.26 -3.96 8.28
CA ILE A 66 8.67 -3.83 6.85
C ILE A 66 9.04 -2.38 6.51
N SER A 67 8.65 -1.94 5.35
CA SER A 67 8.94 -0.55 4.90
C SER A 67 8.50 -0.43 3.44
N GLU A 68 9.27 0.19 2.61
CA GLU A 68 8.88 0.26 1.18
C GLU A 68 8.66 -1.17 0.66
N ALA A 69 9.17 -2.14 1.38
CA ALA A 69 9.00 -3.56 0.96
C ALA A 69 7.60 -3.79 0.38
N LYS A 70 6.62 -3.97 1.23
CA LYS A 70 5.25 -4.21 0.72
C LYS A 70 4.55 -2.87 0.48
N ALA A 71 4.70 -1.93 1.37
CA ALA A 71 4.03 -0.61 1.15
C ALA A 71 4.30 -0.12 -0.27
N ASP A 72 5.55 0.12 -0.58
CA ASP A 72 5.90 0.61 -1.94
C ASP A 72 5.41 -0.40 -2.99
N LYS A 73 5.61 -1.67 -2.75
CA LYS A 73 5.14 -2.68 -3.73
C LYS A 73 3.72 -2.33 -4.18
N ILE A 74 2.94 -1.75 -3.30
CA ILE A 74 1.55 -1.38 -3.70
C ILE A 74 1.55 -0.02 -4.40
N LEU A 75 1.92 1.01 -3.71
CA LEU A 75 1.95 2.36 -4.35
C LEU A 75 2.68 2.28 -5.69
N ALA A 76 3.53 1.30 -5.85
CA ALA A 76 4.25 1.16 -7.15
C ALA A 76 3.41 0.36 -8.13
N GLU A 77 3.11 -0.87 -7.80
CA GLU A 77 2.27 -1.71 -8.71
C GLU A 77 0.87 -1.09 -8.83
N ALA A 78 0.47 -0.31 -7.86
CA ALA A 78 -0.87 0.31 -7.92
C ALA A 78 -0.89 1.43 -8.97
N ALA A 79 0.02 2.35 -8.88
CA ALA A 79 0.07 3.46 -9.87
C ALA A 79 0.23 2.90 -11.29
N LYS A 80 0.70 1.68 -11.41
CA LYS A 80 0.89 1.09 -12.77
C LYS A 80 -0.30 0.20 -13.13
N LEU A 81 -1.17 -0.08 -12.21
CA LEU A 81 -2.34 -0.96 -12.54
C LEU A 81 -3.65 -0.22 -12.25
N VAL A 82 -3.68 0.61 -11.25
CA VAL A 82 -4.94 1.34 -10.93
C VAL A 82 -4.70 2.85 -10.93
N PRO A 83 -4.24 3.35 -12.05
CA PRO A 83 -3.97 4.79 -12.19
C PRO A 83 -5.27 5.58 -12.33
N MET A 84 -6.35 4.90 -12.59
CA MET A 84 -7.66 5.60 -12.74
C MET A 84 -8.59 5.23 -11.57
N GLY A 85 -8.83 3.96 -11.39
CA GLY A 85 -9.73 3.53 -10.27
C GLY A 85 -9.91 2.01 -10.33
N GLU A 16 6.45 13.25 -7.53
CA GLU A 16 5.87 12.03 -8.18
C GLU A 16 6.12 10.81 -7.31
N GLU A 17 5.41 9.74 -7.55
CA GLU A 17 5.61 8.50 -6.74
C GLU A 17 5.44 8.79 -5.26
N GLU A 18 5.24 7.78 -4.46
CA GLU A 18 5.07 8.01 -2.99
C GLU A 18 3.91 8.97 -2.73
N SER A 19 2.86 8.51 -2.12
CA SER A 19 1.70 9.40 -1.83
C SER A 19 1.24 10.11 -3.11
N PHE A 20 0.16 10.83 -3.03
CA PHE A 20 -0.34 11.56 -4.24
C PHE A 20 -0.48 10.59 -5.41
N GLY A 21 -1.10 9.45 -5.20
CA GLY A 21 -1.26 8.47 -6.31
C GLY A 21 -2.70 7.96 -6.34
N PRO A 22 -2.83 6.70 -6.66
CA PRO A 22 -4.16 6.05 -6.73
C PRO A 22 -4.75 5.84 -5.34
N GLN A 23 -6.00 6.19 -5.15
CA GLN A 23 -6.63 6.01 -3.81
C GLN A 23 -7.24 4.61 -3.65
N PRO A 24 -7.86 4.10 -4.69
CA PRO A 24 -8.46 2.74 -4.57
C PRO A 24 -7.36 1.69 -4.49
N ILE A 25 -6.52 1.80 -3.49
CA ILE A 25 -5.41 0.84 -3.31
C ILE A 25 -5.94 -0.48 -2.75
N SER A 26 -7.17 -0.48 -2.30
CA SER A 26 -7.76 -1.71 -1.73
C SER A 26 -7.57 -2.90 -2.68
N ARG A 27 -8.36 -2.96 -3.71
CA ARG A 27 -8.28 -4.10 -4.69
C ARG A 27 -6.84 -4.61 -4.87
N LEU A 28 -5.86 -3.78 -4.72
CA LEU A 28 -4.45 -4.25 -4.93
C LEU A 28 -4.01 -5.24 -3.84
N GLU A 29 -3.65 -4.78 -2.67
CA GLU A 29 -3.20 -5.73 -1.61
C GLU A 29 -4.42 -6.40 -0.98
N GLN A 30 -5.54 -5.73 -0.99
CA GLN A 30 -6.75 -6.34 -0.37
C GLN A 30 -7.13 -7.62 -1.12
N CYS A 31 -6.94 -7.64 -2.41
CA CYS A 31 -7.27 -8.87 -3.18
C CYS A 31 -6.15 -9.90 -3.02
N GLY A 32 -5.06 -9.50 -2.41
CA GLY A 32 -3.93 -10.45 -2.21
C GLY A 32 -2.77 -10.09 -3.12
N ILE A 33 -2.16 -8.95 -2.93
CA ILE A 33 -1.00 -8.58 -3.78
C ILE A 33 0.24 -9.28 -3.22
N ASN A 34 1.31 -8.58 -3.02
CA ASN A 34 2.53 -9.21 -2.46
C ASN A 34 2.37 -9.41 -0.95
N ALA A 35 3.44 -9.36 -0.20
CA ALA A 35 3.32 -9.53 1.27
C ALA A 35 2.33 -8.52 1.85
N ASN A 36 2.02 -7.50 1.11
CA ASN A 36 1.09 -6.47 1.62
C ASN A 36 -0.18 -7.09 2.19
N ASP A 37 -1.02 -7.66 1.36
CA ASP A 37 -2.30 -8.25 1.84
C ASP A 37 -2.19 -8.67 3.30
N VAL A 38 -1.57 -9.78 3.54
CA VAL A 38 -1.40 -10.26 4.94
C VAL A 38 -1.00 -9.11 5.87
N LYS A 39 0.12 -8.49 5.63
CA LYS A 39 0.57 -7.40 6.55
C LYS A 39 -0.05 -6.04 6.24
N LYS A 40 0.32 -5.43 5.15
CA LYS A 40 -0.20 -4.07 4.79
C LYS A 40 -1.57 -3.82 5.38
N LEU A 41 -2.54 -4.61 5.01
CA LEU A 41 -3.91 -4.38 5.54
C LEU A 41 -4.07 -4.89 6.98
N GLU A 42 -3.38 -5.94 7.36
CA GLU A 42 -3.57 -6.43 8.75
C GLU A 42 -2.88 -5.48 9.74
N GLU A 43 -1.97 -4.67 9.28
CA GLU A 43 -1.31 -3.73 10.22
C GLU A 43 -2.34 -2.72 10.73
N ALA A 44 -3.46 -2.62 10.04
CA ALA A 44 -4.53 -1.68 10.44
C ALA A 44 -5.65 -1.71 9.41
N GLY A 45 -5.29 -1.76 8.15
CA GLY A 45 -6.31 -1.78 7.07
C GLY A 45 -5.97 -0.71 6.03
N PHE A 46 -4.70 -0.48 5.81
CA PHE A 46 -4.31 0.57 4.79
C PHE A 46 -4.64 0.10 3.37
N HIS A 47 -5.15 -1.09 3.22
CA HIS A 47 -5.47 -1.59 1.85
C HIS A 47 -6.76 -0.95 1.33
N THR A 48 -6.69 0.27 0.87
CA THR A 48 -7.92 0.93 0.35
C THR A 48 -7.67 2.39 -0.04
N VAL A 49 -6.77 3.06 0.63
CA VAL A 49 -6.48 4.50 0.30
C VAL A 49 -5.28 4.98 1.10
N GLU A 50 -5.21 4.62 2.36
CA GLU A 50 -4.08 5.07 3.22
C GLU A 50 -2.76 4.95 2.47
N ALA A 51 -2.67 4.07 1.51
CA ALA A 51 -1.39 3.91 0.76
C ALA A 51 -0.86 5.27 0.30
N VAL A 52 -1.72 6.25 0.16
CA VAL A 52 -1.25 7.59 -0.28
C VAL A 52 -1.94 8.70 0.53
N ALA A 53 -1.23 9.73 0.87
CA ALA A 53 -1.83 10.84 1.65
C ALA A 53 -2.57 10.30 2.88
N TYR A 54 -1.85 9.98 3.92
CA TYR A 54 -2.50 9.46 5.16
C TYR A 54 -1.45 9.20 6.24
N ALA A 55 -0.67 8.17 6.09
CA ALA A 55 0.38 7.88 7.10
C ALA A 55 1.70 7.57 6.40
N PRO A 56 2.77 7.85 7.07
CA PRO A 56 4.12 7.59 6.51
C PRO A 56 4.33 6.08 6.39
N LYS A 57 4.31 5.58 5.18
CA LYS A 57 4.48 4.12 4.97
C LYS A 57 5.48 3.52 5.96
N LYS A 58 6.54 4.24 6.26
CA LYS A 58 7.55 3.69 7.22
C LYS A 58 6.92 3.47 8.59
N GLU A 59 5.92 4.22 8.92
CA GLU A 59 5.26 4.06 10.25
C GLU A 59 4.29 2.89 10.19
N LEU A 60 3.48 2.83 9.17
CA LEU A 60 2.53 1.70 9.05
C LEU A 60 3.33 0.40 9.03
N ILE A 61 4.18 0.25 8.05
CA ILE A 61 5.00 -0.99 7.95
C ILE A 61 5.64 -1.28 9.30
N ASN A 62 5.93 -0.26 10.05
CA ASN A 62 6.54 -0.49 11.38
C ASN A 62 5.57 -1.29 12.26
N ILE A 63 4.38 -1.55 11.77
CA ILE A 63 3.42 -2.34 12.59
C ILE A 63 3.98 -3.75 12.80
N LYS A 64 4.16 -4.45 11.73
CA LYS A 64 4.73 -5.82 11.81
C LYS A 64 6.25 -5.76 11.74
N GLY A 65 6.78 -5.01 10.82
CA GLY A 65 8.27 -4.90 10.71
C GLY A 65 8.68 -4.80 9.24
N ILE A 66 7.88 -4.18 8.41
CA ILE A 66 8.24 -4.07 6.98
C ILE A 66 8.85 -2.68 6.69
N SER A 67 8.40 -2.04 5.64
CA SER A 67 8.90 -0.69 5.25
C SER A 67 8.52 -0.51 3.78
N GLU A 68 9.39 -0.02 2.96
CA GLU A 68 9.02 0.10 1.53
C GLU A 68 8.71 -1.31 0.99
N ALA A 69 9.11 -2.32 1.74
CA ALA A 69 8.87 -3.73 1.30
C ALA A 69 7.46 -3.90 0.73
N LYS A 70 6.46 -4.01 1.57
CA LYS A 70 5.07 -4.17 1.06
C LYS A 70 4.49 -2.79 0.78
N ALA A 71 4.90 -1.80 1.52
CA ALA A 71 4.38 -0.43 1.27
C ALA A 71 4.68 0.00 -0.17
N ASP A 72 5.93 0.20 -0.47
CA ASP A 72 6.30 0.61 -1.86
C ASP A 72 5.80 -0.41 -2.86
N LYS A 73 5.87 -1.67 -2.52
CA LYS A 73 5.39 -2.72 -3.48
C LYS A 73 3.95 -2.44 -3.88
N ILE A 74 3.19 -1.79 -3.05
CA ILE A 74 1.77 -1.49 -3.41
C ILE A 74 1.72 -0.29 -4.35
N LEU A 75 2.41 0.77 -4.03
CA LEU A 75 2.40 1.96 -4.93
C LEU A 75 2.90 1.57 -6.31
N ALA A 76 3.63 0.48 -6.39
CA ALA A 76 4.14 0.03 -7.72
C ALA A 76 3.02 -0.58 -8.55
N GLU A 77 2.43 -1.64 -8.08
CA GLU A 77 1.32 -2.28 -8.85
C GLU A 77 0.07 -1.41 -8.79
N ALA A 78 0.03 -0.48 -7.88
CA ALA A 78 -1.16 0.41 -7.75
C ALA A 78 -1.10 1.53 -8.79
N ALA A 79 -0.01 2.21 -8.89
CA ALA A 79 0.10 3.31 -9.89
C ALA A 79 0.28 2.75 -11.30
N LYS A 80 0.66 1.50 -11.40
CA LYS A 80 0.85 0.88 -12.75
C LYS A 80 -0.39 0.07 -13.14
N LEU A 81 -1.16 -0.36 -12.18
CA LEU A 81 -2.37 -1.16 -12.50
C LEU A 81 -3.63 -0.31 -12.26
N VAL A 82 -3.68 0.38 -11.16
CA VAL A 82 -4.87 1.24 -10.88
C VAL A 82 -4.49 2.71 -10.99
N PRO A 83 -4.32 3.16 -12.20
CA PRO A 83 -3.94 4.58 -12.45
C PRO A 83 -5.12 5.50 -12.16
N MET A 84 -6.24 5.27 -12.77
CA MET A 84 -7.43 6.15 -12.52
C MET A 84 -8.66 5.31 -12.17
N GLY A 85 -8.77 4.13 -12.74
CA GLY A 85 -9.94 3.27 -12.44
C GLY A 85 -9.68 1.85 -12.93
N GLU A 16 9.74 3.57 -7.18
CA GLU A 16 10.09 3.47 -5.73
C GLU A 16 10.01 4.85 -5.07
N GLU A 17 9.38 4.96 -3.94
CA GLU A 17 9.27 6.28 -3.26
C GLU A 17 8.94 7.37 -4.29
N GLU A 18 7.68 7.55 -4.60
CA GLU A 18 7.30 8.60 -5.59
C GLU A 18 6.18 9.48 -5.02
N SER A 19 5.61 10.31 -5.84
CA SER A 19 4.51 11.20 -5.37
C SER A 19 3.44 11.35 -6.46
N PHE A 20 2.38 12.07 -6.18
CA PHE A 20 1.32 12.25 -7.21
C PHE A 20 0.73 10.89 -7.59
N GLY A 21 -0.51 10.86 -8.00
CA GLY A 21 -1.14 9.57 -8.39
C GLY A 21 -1.94 9.03 -7.20
N PRO A 22 -3.16 8.65 -7.48
CA PRO A 22 -4.04 8.10 -6.42
C PRO A 22 -3.64 6.66 -6.09
N GLN A 23 -4.07 6.16 -4.98
CA GLN A 23 -3.71 4.75 -4.61
C GLN A 23 -4.84 4.06 -3.89
N PRO A 24 -5.94 3.98 -4.56
CA PRO A 24 -7.10 3.27 -4.00
C PRO A 24 -6.76 1.79 -4.02
N ILE A 25 -5.75 1.41 -3.28
CA ILE A 25 -5.31 -0.01 -3.25
C ILE A 25 -6.40 -0.88 -2.65
N SER A 26 -7.59 -0.77 -3.14
CA SER A 26 -8.71 -1.59 -2.60
C SER A 26 -8.53 -3.05 -3.03
N ARG A 27 -8.77 -3.33 -4.28
CA ARG A 27 -8.61 -4.74 -4.76
C ARG A 27 -7.13 -5.10 -4.88
N LEU A 28 -6.27 -4.11 -4.90
CA LEU A 28 -4.81 -4.39 -5.04
C LEU A 28 -4.30 -5.26 -3.89
N GLU A 29 -4.09 -4.68 -2.74
CA GLU A 29 -3.56 -5.47 -1.58
C GLU A 29 -4.70 -6.14 -0.80
N GLN A 30 -5.87 -5.56 -0.79
CA GLN A 30 -6.99 -6.19 -0.04
C GLN A 30 -7.38 -7.51 -0.72
N CYS A 31 -7.27 -7.57 -2.02
CA CYS A 31 -7.61 -8.83 -2.73
C CYS A 31 -6.43 -9.79 -2.60
N GLY A 32 -5.31 -9.30 -2.17
CA GLY A 32 -4.12 -10.19 -2.01
C GLY A 32 -2.99 -9.78 -2.96
N ILE A 33 -2.37 -8.65 -2.74
CA ILE A 33 -1.25 -8.25 -3.62
C ILE A 33 -0.01 -9.02 -3.18
N ASN A 34 1.07 -8.34 -2.90
CA ASN A 34 2.29 -9.05 -2.45
C ASN A 34 2.13 -9.44 -0.96
N ALA A 35 2.96 -8.93 -0.09
CA ALA A 35 2.82 -9.27 1.36
C ALA A 35 1.87 -8.27 2.01
N ASN A 36 1.64 -7.16 1.37
CA ASN A 36 0.73 -6.15 1.97
C ASN A 36 -0.50 -6.83 2.55
N ASP A 37 -0.98 -7.85 1.88
CA ASP A 37 -2.18 -8.55 2.39
C ASP A 37 -2.12 -8.69 3.92
N VAL A 38 -1.29 -9.57 4.41
CA VAL A 38 -1.18 -9.76 5.89
C VAL A 38 -0.60 -8.53 6.59
N LYS A 39 0.46 -7.98 6.07
CA LYS A 39 1.11 -6.83 6.74
C LYS A 39 0.38 -5.50 6.51
N LYS A 40 0.23 -5.09 5.28
CA LYS A 40 -0.42 -3.77 5.02
C LYS A 40 -1.85 -3.69 5.56
N LEU A 41 -2.70 -4.62 5.21
CA LEU A 41 -4.12 -4.53 5.67
C LEU A 41 -4.39 -5.19 7.02
N GLU A 42 -3.61 -6.15 7.44
CA GLU A 42 -3.95 -6.79 8.75
C GLU A 42 -3.35 -6.04 9.93
N GLU A 43 -2.14 -5.58 9.81
CA GLU A 43 -1.54 -4.84 10.95
C GLU A 43 -1.98 -3.39 10.90
N ALA A 44 -2.89 -3.08 10.03
CA ALA A 44 -3.35 -1.67 9.91
C ALA A 44 -4.74 -1.59 9.27
N GLY A 45 -5.01 -2.44 8.31
CA GLY A 45 -6.34 -2.39 7.65
C GLY A 45 -6.31 -1.39 6.49
N PHE A 46 -5.20 -0.74 6.28
CA PHE A 46 -5.11 0.28 5.18
C PHE A 46 -5.24 -0.37 3.79
N HIS A 47 -6.27 -1.13 3.56
CA HIS A 47 -6.42 -1.77 2.21
C HIS A 47 -7.24 -0.88 1.27
N THR A 48 -6.72 0.29 0.94
CA THR A 48 -7.47 1.19 0.01
C THR A 48 -6.73 2.52 -0.19
N VAL A 49 -7.38 3.48 -0.79
CA VAL A 49 -6.74 4.80 -1.04
C VAL A 49 -5.84 5.23 0.11
N GLU A 50 -6.09 4.74 1.31
CA GLU A 50 -5.24 5.12 2.47
C GLU A 50 -3.75 4.98 2.16
N ALA A 51 -3.38 4.30 1.11
CA ALA A 51 -1.93 4.14 0.78
C ALA A 51 -1.31 5.50 0.42
N VAL A 52 -1.36 6.45 1.31
CA VAL A 52 -0.77 7.79 1.02
C VAL A 52 -1.14 8.77 2.14
N ALA A 53 -0.35 9.79 2.32
CA ALA A 53 -0.65 10.79 3.38
C ALA A 53 -1.09 10.07 4.66
N TYR A 54 -1.87 10.71 5.48
CA TYR A 54 -2.34 10.07 6.74
C TYR A 54 -1.17 9.36 7.43
N ALA A 55 -0.99 8.10 7.17
CA ALA A 55 0.14 7.36 7.80
C ALA A 55 1.26 7.13 6.78
N PRO A 56 2.46 7.46 7.17
CA PRO A 56 3.62 7.29 6.27
C PRO A 56 3.91 5.80 6.06
N LYS A 57 4.04 5.39 4.83
CA LYS A 57 4.31 3.95 4.54
C LYS A 57 5.31 3.39 5.53
N LYS A 58 6.23 4.19 6.00
CA LYS A 58 7.25 3.68 6.96
C LYS A 58 6.65 3.50 8.36
N GLU A 59 5.54 4.13 8.62
CA GLU A 59 4.90 3.98 9.96
C GLU A 59 4.01 2.76 9.93
N LEU A 60 3.29 2.58 8.87
CA LEU A 60 2.43 1.40 8.77
C LEU A 60 3.35 0.17 8.77
N ILE A 61 4.16 0.02 7.76
CA ILE A 61 5.08 -1.14 7.72
C ILE A 61 5.72 -1.30 9.09
N ASN A 62 5.87 -0.22 9.81
CA ASN A 62 6.46 -0.34 11.17
C ASN A 62 5.78 -1.51 11.90
N ILE A 63 4.59 -1.90 11.46
CA ILE A 63 3.90 -3.03 12.13
C ILE A 63 4.84 -4.24 12.28
N LYS A 64 4.59 -5.30 11.56
CA LYS A 64 5.48 -6.49 11.67
C LYS A 64 6.94 -6.03 11.63
N GLY A 65 7.20 -4.92 10.97
CA GLY A 65 8.59 -4.42 10.90
C GLY A 65 9.04 -4.33 9.44
N ILE A 66 8.12 -4.08 8.53
CA ILE A 66 8.53 -3.99 7.11
C ILE A 66 9.02 -2.57 6.76
N SER A 67 8.64 -2.09 5.61
CA SER A 67 9.04 -0.72 5.16
C SER A 67 8.71 -0.60 3.68
N GLU A 68 9.61 -0.10 2.87
CA GLU A 68 9.30 -0.02 1.43
C GLU A 68 8.98 -1.43 0.92
N ALA A 69 9.32 -2.43 1.69
CA ALA A 69 9.04 -3.84 1.26
C ALA A 69 7.63 -3.95 0.67
N LYS A 70 6.63 -4.02 1.50
CA LYS A 70 5.24 -4.15 0.97
C LYS A 70 4.67 -2.75 0.69
N ALA A 71 4.89 -1.81 1.56
CA ALA A 71 4.35 -0.44 1.30
C ALA A 71 4.71 0.00 -0.11
N ASP A 72 5.98 0.14 -0.39
CA ASP A 72 6.39 0.57 -1.76
C ASP A 72 5.89 -0.45 -2.78
N LYS A 73 5.97 -1.72 -2.47
CA LYS A 73 5.48 -2.75 -3.44
C LYS A 73 4.10 -2.34 -3.96
N ILE A 74 3.32 -1.68 -3.17
CA ILE A 74 1.97 -1.25 -3.63
C ILE A 74 2.11 -0.02 -4.53
N LEU A 75 2.88 0.94 -4.11
CA LEU A 75 3.07 2.16 -4.94
C LEU A 75 3.56 1.78 -6.34
N ALA A 76 4.12 0.61 -6.48
CA ALA A 76 4.62 0.17 -7.81
C ALA A 76 3.50 -0.46 -8.63
N GLU A 77 2.69 -1.28 -8.00
CA GLU A 77 1.57 -1.93 -8.73
C GLU A 77 0.37 -0.98 -8.82
N ALA A 78 0.26 -0.06 -7.90
CA ALA A 78 -0.88 0.89 -7.93
C ALA A 78 -0.56 2.09 -8.82
N ALA A 79 0.67 2.54 -8.81
CA ALA A 79 1.04 3.71 -9.64
C ALA A 79 1.38 3.27 -11.07
N LYS A 80 1.62 2.00 -11.26
CA LYS A 80 1.96 1.50 -12.63
C LYS A 80 0.83 0.63 -13.18
N LEU A 81 -0.13 0.29 -12.36
CA LEU A 81 -1.24 -0.57 -12.85
C LEU A 81 -2.60 -0.03 -12.38
N VAL A 82 -2.61 0.98 -11.54
CA VAL A 82 -3.92 1.51 -11.06
C VAL A 82 -3.96 3.03 -11.22
N PRO A 83 -3.69 3.48 -12.41
CA PRO A 83 -3.70 4.94 -12.70
C PRO A 83 -5.14 5.46 -12.79
N MET A 84 -5.83 5.53 -11.68
CA MET A 84 -7.23 6.01 -11.71
C MET A 84 -7.27 7.55 -11.67
N GLY A 85 -8.44 8.13 -11.68
CA GLY A 85 -8.54 9.61 -11.64
C GLY A 85 -10.00 10.03 -11.70
N GLU A 16 12.26 8.07 -8.44
CA GLU A 16 12.61 7.20 -7.28
C GLU A 16 11.36 6.99 -6.41
N GLU A 17 10.40 7.86 -6.48
CA GLU A 17 9.17 7.69 -5.65
C GLU A 17 7.93 7.71 -6.55
N GLU A 18 6.95 6.90 -6.24
CA GLU A 18 5.72 6.88 -7.07
C GLU A 18 4.54 7.46 -6.28
N SER A 19 3.98 8.55 -6.73
CA SER A 19 2.83 9.16 -6.01
C SER A 19 1.86 9.82 -7.00
N PHE A 20 1.50 9.11 -8.04
CA PHE A 20 0.58 9.69 -9.05
C PHE A 20 -0.23 8.58 -9.73
N GLY A 21 -1.43 8.33 -9.28
CA GLY A 21 -2.24 7.25 -9.90
C GLY A 21 -2.65 6.20 -8.85
N PRO A 22 -1.75 5.87 -7.96
CA PRO A 22 -2.05 4.85 -6.92
C PRO A 22 -2.99 5.41 -5.84
N GLN A 23 -4.03 4.69 -5.53
CA GLN A 23 -4.99 5.14 -4.49
C GLN A 23 -6.03 4.06 -4.25
N PRO A 24 -6.78 3.77 -5.27
CA PRO A 24 -7.82 2.72 -5.14
C PRO A 24 -7.13 1.36 -4.98
N ILE A 25 -6.34 1.22 -3.96
CA ILE A 25 -5.63 -0.07 -3.73
C ILE A 25 -6.61 -1.09 -3.13
N SER A 26 -7.75 -0.62 -2.69
CA SER A 26 -8.77 -1.53 -2.08
C SER A 26 -8.74 -2.91 -2.74
N ARG A 27 -8.94 -3.00 -4.02
CA ARG A 27 -8.94 -4.34 -4.68
C ARG A 27 -7.51 -4.86 -4.88
N LEU A 28 -6.55 -3.99 -4.94
CA LEU A 28 -5.14 -4.45 -5.17
C LEU A 28 -4.56 -5.19 -3.95
N GLU A 29 -4.34 -4.51 -2.86
CA GLU A 29 -3.73 -5.19 -1.69
C GLU A 29 -4.76 -5.92 -0.83
N GLN A 30 -6.01 -5.56 -0.87
CA GLN A 30 -6.99 -6.29 -0.04
C GLN A 30 -7.42 -7.58 -0.76
N CYS A 31 -7.34 -7.60 -2.06
CA CYS A 31 -7.72 -8.84 -2.80
C CYS A 31 -6.57 -9.84 -2.71
N GLY A 32 -5.41 -9.37 -2.34
CA GLY A 32 -4.25 -10.30 -2.21
C GLY A 32 -3.09 -9.82 -3.10
N ILE A 33 -2.49 -8.70 -2.81
CA ILE A 33 -1.36 -8.23 -3.64
C ILE A 33 -0.09 -8.97 -3.17
N ASN A 34 0.94 -8.26 -2.86
CA ASN A 34 2.19 -8.94 -2.38
C ASN A 34 2.12 -9.11 -0.85
N ALA A 35 3.26 -9.24 -0.21
CA ALA A 35 3.25 -9.40 1.28
C ALA A 35 2.28 -8.42 1.92
N ASN A 36 2.03 -7.33 1.26
CA ASN A 36 1.15 -6.30 1.84
C ASN A 36 -0.09 -6.92 2.49
N ASP A 37 -0.98 -7.46 1.70
CA ASP A 37 -2.24 -8.04 2.24
C ASP A 37 -2.05 -8.51 3.69
N VAL A 38 -1.08 -9.34 3.91
CA VAL A 38 -0.83 -9.85 5.29
C VAL A 38 -0.54 -8.72 6.29
N LYS A 39 0.61 -8.09 6.21
CA LYS A 39 0.94 -7.05 7.21
C LYS A 39 0.44 -5.66 6.82
N LYS A 40 0.28 -5.38 5.56
CA LYS A 40 -0.19 -4.03 5.19
C LYS A 40 -1.67 -3.86 5.50
N LEU A 41 -2.50 -4.75 5.03
CA LEU A 41 -3.97 -4.60 5.27
C LEU A 41 -4.42 -5.13 6.64
N GLU A 42 -3.78 -6.13 7.18
CA GLU A 42 -4.28 -6.67 8.48
C GLU A 42 -3.73 -5.91 9.69
N GLU A 43 -2.62 -5.25 9.56
CA GLU A 43 -2.07 -4.52 10.73
C GLU A 43 -2.79 -3.18 10.92
N ALA A 44 -3.81 -2.94 10.17
CA ALA A 44 -4.56 -1.66 10.30
C ALA A 44 -5.68 -1.63 9.26
N GLY A 45 -5.39 -2.03 8.05
CA GLY A 45 -6.46 -2.05 7.00
C GLY A 45 -6.29 -0.90 6.01
N PHE A 46 -5.08 -0.58 5.63
CA PHE A 46 -4.92 0.54 4.63
C PHE A 46 -5.41 0.13 3.24
N HIS A 47 -5.86 -1.09 3.10
CA HIS A 47 -6.33 -1.59 1.78
C HIS A 47 -7.50 -0.76 1.25
N THR A 48 -7.25 0.47 0.86
CA THR A 48 -8.34 1.34 0.31
C THR A 48 -7.91 2.80 0.30
N VAL A 49 -7.09 3.18 -0.63
CA VAL A 49 -6.63 4.61 -0.71
C VAL A 49 -5.93 5.04 0.57
N GLU A 50 -5.69 4.13 1.49
CA GLU A 50 -4.99 4.52 2.74
C GLU A 50 -3.49 4.33 2.57
N ALA A 51 -3.06 3.95 1.39
CA ALA A 51 -1.60 3.75 1.16
C ALA A 51 -0.97 5.02 0.60
N VAL A 52 -1.73 6.09 0.50
CA VAL A 52 -1.15 7.35 -0.06
C VAL A 52 -1.27 8.50 0.95
N ALA A 53 -2.40 8.64 1.60
CA ALA A 53 -2.57 9.73 2.59
C ALA A 53 -3.04 9.15 3.93
N TYR A 54 -2.14 8.95 4.85
CA TYR A 54 -2.54 8.36 6.16
C TYR A 54 -1.36 8.31 7.12
N ALA A 55 -0.20 7.93 6.62
CA ALA A 55 0.99 7.84 7.50
C ALA A 55 2.24 7.56 6.65
N PRO A 56 3.38 7.78 7.23
CA PRO A 56 4.65 7.54 6.50
C PRO A 56 4.83 6.04 6.29
N LYS A 57 4.98 5.63 5.07
CA LYS A 57 5.15 4.18 4.78
C LYS A 57 6.01 3.50 5.84
N LYS A 58 6.97 4.18 6.38
CA LYS A 58 7.85 3.56 7.42
C LYS A 58 7.09 3.33 8.73
N GLU A 59 6.00 4.02 8.92
CA GLU A 59 5.24 3.85 10.19
C GLU A 59 4.33 2.63 10.07
N LEU A 60 3.46 2.60 9.12
CA LEU A 60 2.59 1.42 8.98
C LEU A 60 3.47 0.18 8.95
N ILE A 61 4.35 0.08 7.99
CA ILE A 61 5.22 -1.12 7.89
C ILE A 61 5.90 -1.37 9.22
N ASN A 62 6.10 -0.36 10.02
CA ASN A 62 6.73 -0.58 11.34
C ASN A 62 5.94 -1.62 12.13
N ILE A 63 4.77 -2.01 11.66
CA ILE A 63 4.00 -3.04 12.43
C ILE A 63 4.89 -4.23 12.73
N LYS A 64 5.00 -5.12 11.80
CA LYS A 64 5.85 -6.32 11.99
C LYS A 64 7.33 -5.93 11.88
N GLY A 65 7.64 -5.04 10.96
CA GLY A 65 9.06 -4.61 10.81
C GLY A 65 9.41 -4.47 9.32
N ILE A 66 8.46 -4.16 8.47
CA ILE A 66 8.80 -4.03 7.03
C ILE A 66 9.24 -2.58 6.73
N SER A 67 8.90 -2.11 5.57
CA SER A 67 9.27 -0.72 5.15
C SER A 67 8.82 -0.54 3.70
N GLU A 68 9.67 -0.07 2.84
CA GLU A 68 9.26 0.06 1.42
C GLU A 68 8.87 -1.33 0.89
N ALA A 69 9.27 -2.36 1.59
CA ALA A 69 8.93 -3.74 1.16
C ALA A 69 7.49 -3.78 0.63
N LYS A 70 6.53 -3.82 1.52
CA LYS A 70 5.12 -3.85 1.07
C LYS A 70 4.65 -2.41 0.78
N ALA A 71 4.95 -1.50 1.65
CA ALA A 71 4.52 -0.08 1.40
C ALA A 71 4.84 0.32 -0.04
N ASP A 72 6.11 0.39 -0.37
CA ASP A 72 6.48 0.78 -1.76
C ASP A 72 5.90 -0.22 -2.76
N LYS A 73 5.88 -1.48 -2.40
CA LYS A 73 5.33 -2.50 -3.34
C LYS A 73 3.91 -2.11 -3.78
N ILE A 74 3.21 -1.37 -2.95
CA ILE A 74 1.83 -0.96 -3.33
C ILE A 74 1.88 0.22 -4.31
N LEU A 75 2.48 1.30 -3.91
CA LEU A 75 2.56 2.48 -4.83
C LEU A 75 3.21 2.06 -6.15
N ALA A 76 3.92 0.96 -6.15
CA ALA A 76 4.58 0.51 -7.41
C ALA A 76 3.61 -0.35 -8.23
N GLU A 77 3.15 -1.44 -7.66
CA GLU A 77 2.19 -2.31 -8.40
C GLU A 77 0.87 -1.57 -8.66
N ALA A 78 0.58 -0.58 -7.86
CA ALA A 78 -0.69 0.18 -8.06
C ALA A 78 -0.54 1.15 -9.23
N ALA A 79 0.37 2.08 -9.12
CA ALA A 79 0.58 3.07 -10.22
C ALA A 79 0.81 2.34 -11.55
N LYS A 80 1.14 1.08 -11.52
CA LYS A 80 1.38 0.34 -12.79
C LYS A 80 0.21 -0.59 -13.12
N LEU A 81 -0.69 -0.81 -12.19
CA LEU A 81 -1.84 -1.71 -12.47
C LEU A 81 -3.18 -1.00 -12.25
N VAL A 82 -3.26 -0.16 -11.25
CA VAL A 82 -4.54 0.55 -10.99
C VAL A 82 -4.39 2.06 -11.24
N PRO A 83 -4.11 2.40 -12.47
CA PRO A 83 -3.93 3.83 -12.84
C PRO A 83 -5.28 4.56 -12.79
N MET A 84 -6.00 4.57 -13.88
CA MET A 84 -7.32 5.27 -13.90
C MET A 84 -8.45 4.26 -14.17
N GLY A 85 -8.10 3.07 -14.55
CA GLY A 85 -9.16 2.04 -14.82
C GLY A 85 -10.02 1.85 -13.56
N GLU A 16 11.74 8.42 -1.46
CA GLU A 16 11.29 8.94 -2.79
C GLU A 16 9.78 9.10 -2.82
N GLU A 17 9.06 8.14 -2.27
CA GLU A 17 7.58 8.25 -2.26
C GLU A 17 7.05 8.45 -3.68
N GLU A 18 6.46 7.44 -4.27
CA GLU A 18 5.94 7.57 -5.65
C GLU A 18 4.43 7.87 -5.63
N SER A 19 4.06 9.09 -5.37
CA SER A 19 2.61 9.44 -5.33
C SER A 19 2.15 9.92 -6.71
N PHE A 20 1.21 9.25 -7.30
CA PHE A 20 0.71 9.67 -8.65
C PHE A 20 -0.70 10.26 -8.52
N GLY A 21 -1.65 9.46 -8.10
CA GLY A 21 -3.03 9.97 -7.97
C GLY A 21 -3.49 9.85 -6.51
N PRO A 22 -4.62 9.21 -6.33
CA PRO A 22 -5.18 9.01 -4.98
C PRO A 22 -4.66 7.72 -4.34
N GLN A 23 -4.20 6.79 -5.14
CA GLN A 23 -3.67 5.51 -4.58
C GLN A 23 -4.73 4.77 -3.80
N PRO A 24 -5.88 4.66 -4.39
CA PRO A 24 -6.96 3.90 -3.76
C PRO A 24 -6.59 2.43 -3.87
N ILE A 25 -5.49 2.07 -3.25
CA ILE A 25 -5.01 0.66 -3.31
C ILE A 25 -6.01 -0.28 -2.63
N SER A 26 -7.24 -0.20 -3.03
CA SER A 26 -8.28 -1.07 -2.41
C SER A 26 -8.11 -2.53 -2.88
N ARG A 27 -8.46 -2.81 -4.11
CA ARG A 27 -8.34 -4.20 -4.62
C ARG A 27 -6.88 -4.62 -4.77
N LEU A 28 -5.97 -3.69 -4.80
CA LEU A 28 -4.53 -4.05 -4.94
C LEU A 28 -4.11 -5.06 -3.87
N GLU A 29 -3.88 -4.62 -2.67
CA GLU A 29 -3.45 -5.55 -1.60
C GLU A 29 -4.65 -6.24 -0.96
N GLN A 30 -5.82 -5.68 -1.08
CA GLN A 30 -6.99 -6.33 -0.46
C GLN A 30 -7.37 -7.60 -1.24
N CYS A 31 -7.15 -7.59 -2.53
CA CYS A 31 -7.49 -8.79 -3.34
C CYS A 31 -6.40 -9.84 -3.17
N GLY A 32 -5.34 -9.49 -2.48
CA GLY A 32 -4.24 -10.47 -2.25
C GLY A 32 -3.02 -10.09 -3.10
N ILE A 33 -2.41 -8.97 -2.81
CA ILE A 33 -1.21 -8.58 -3.59
C ILE A 33 -0.01 -9.36 -3.04
N ASN A 34 1.06 -8.70 -2.75
CA ASN A 34 2.25 -9.42 -2.19
C ASN A 34 2.19 -9.47 -0.66
N ALA A 35 3.31 -9.38 0.00
CA ALA A 35 3.32 -9.44 1.49
C ALA A 35 2.33 -8.44 2.08
N ASN A 36 2.05 -7.39 1.38
CA ASN A 36 1.13 -6.37 1.93
C ASN A 36 -0.07 -7.02 2.59
N ASP A 37 -0.80 -7.82 1.85
CA ASP A 37 -2.01 -8.47 2.42
C ASP A 37 -1.81 -8.76 3.92
N VAL A 38 -0.86 -9.60 4.22
CA VAL A 38 -0.59 -9.97 5.65
C VAL A 38 -0.31 -8.76 6.56
N LYS A 39 0.80 -8.10 6.38
CA LYS A 39 1.14 -6.97 7.29
C LYS A 39 0.47 -5.67 6.90
N LYS A 40 0.28 -5.41 5.64
CA LYS A 40 -0.35 -4.13 5.25
C LYS A 40 -1.83 -4.09 5.61
N LEU A 41 -2.63 -4.94 5.03
CA LEU A 41 -4.09 -4.88 5.32
C LEU A 41 -4.48 -5.50 6.68
N GLU A 42 -3.73 -6.41 7.21
CA GLU A 42 -4.17 -7.00 8.50
C GLU A 42 -3.68 -6.23 9.72
N GLU A 43 -2.56 -5.56 9.64
CA GLU A 43 -2.07 -4.82 10.83
C GLU A 43 -2.92 -3.56 11.06
N ALA A 44 -3.93 -3.37 10.28
CA ALA A 44 -4.80 -2.17 10.44
C ALA A 44 -5.84 -2.14 9.32
N GLY A 45 -5.40 -2.35 8.11
CA GLY A 45 -6.36 -2.35 6.99
C GLY A 45 -6.16 -1.10 6.12
N PHE A 46 -4.97 -0.83 5.69
CA PHE A 46 -4.77 0.39 4.81
C PHE A 46 -5.08 0.02 3.35
N HIS A 47 -5.76 -1.07 3.15
CA HIS A 47 -6.09 -1.52 1.78
C HIS A 47 -6.93 -0.49 1.03
N THR A 48 -6.35 0.64 0.70
CA THR A 48 -7.12 1.68 -0.06
C THR A 48 -6.31 2.98 -0.14
N VAL A 49 -6.94 4.07 -0.48
CA VAL A 49 -6.22 5.36 -0.59
C VAL A 49 -5.19 5.52 0.55
N GLU A 50 -5.43 4.86 1.65
CA GLU A 50 -4.47 4.95 2.79
C GLU A 50 -3.02 4.96 2.29
N ALA A 51 -2.77 4.39 1.14
CA ALA A 51 -1.38 4.37 0.60
C ALA A 51 -0.70 5.73 0.81
N VAL A 52 -1.43 6.79 0.65
CA VAL A 52 -0.83 8.14 0.83
C VAL A 52 -1.58 8.93 1.89
N ALA A 53 -0.90 9.80 2.59
CA ALA A 53 -1.58 10.60 3.66
C ALA A 53 -2.17 9.67 4.71
N TYR A 54 -2.78 10.21 5.74
CA TYR A 54 -3.37 9.37 6.80
C TYR A 54 -2.29 8.54 7.49
N ALA A 55 -1.79 7.53 6.84
CA ALA A 55 -0.73 6.69 7.45
C ALA A 55 0.50 6.63 6.52
N PRO A 56 1.62 7.06 7.05
CA PRO A 56 2.87 7.05 6.27
C PRO A 56 3.35 5.61 6.07
N LYS A 57 3.36 5.15 4.86
CA LYS A 57 3.80 3.74 4.58
C LYS A 57 4.96 3.33 5.48
N LYS A 58 5.84 4.23 5.80
CA LYS A 58 7.00 3.87 6.67
C LYS A 58 6.51 3.50 8.08
N GLU A 59 5.43 4.06 8.50
CA GLU A 59 4.90 3.74 9.85
C GLU A 59 4.07 2.47 9.81
N LEU A 60 3.16 2.37 8.90
CA LEU A 60 2.35 1.14 8.82
C LEU A 60 3.31 -0.05 8.76
N ILE A 61 4.11 -0.12 7.73
CA ILE A 61 5.07 -1.25 7.63
C ILE A 61 5.77 -1.42 8.96
N ASN A 62 5.96 -0.34 9.66
CA ASN A 62 6.62 -0.44 10.98
C ASN A 62 5.86 -1.41 11.88
N ILE A 63 4.67 -1.86 11.48
CA ILE A 63 3.95 -2.82 12.36
C ILE A 63 4.89 -3.97 12.69
N LYS A 64 5.03 -4.87 11.78
CA LYS A 64 5.94 -6.03 12.01
C LYS A 64 7.40 -5.56 11.93
N GLY A 65 7.68 -4.63 11.04
CA GLY A 65 9.08 -4.13 10.92
C GLY A 65 9.49 -4.04 9.44
N ILE A 66 8.57 -3.86 8.54
CA ILE A 66 8.94 -3.76 7.11
C ILE A 66 9.27 -2.30 6.75
N SER A 67 8.85 -1.88 5.58
CA SER A 67 9.12 -0.49 5.12
C SER A 67 8.64 -0.38 3.67
N GLU A 68 9.42 0.18 2.80
CA GLU A 68 8.98 0.26 1.38
C GLU A 68 8.69 -1.16 0.86
N ALA A 69 9.16 -2.15 1.57
CA ALA A 69 8.93 -3.56 1.15
C ALA A 69 7.48 -3.79 0.73
N LYS A 70 6.60 -3.95 1.68
CA LYS A 70 5.17 -4.17 1.34
C LYS A 70 4.51 -2.84 0.99
N ALA A 71 4.80 -1.81 1.73
CA ALA A 71 4.17 -0.49 1.41
C ALA A 71 4.34 -0.17 -0.08
N ASP A 72 5.49 0.26 -0.48
CA ASP A 72 5.69 0.59 -1.91
C ASP A 72 5.20 -0.55 -2.80
N LYS A 73 5.33 -1.79 -2.36
CA LYS A 73 4.83 -2.89 -3.22
C LYS A 73 3.42 -2.56 -3.67
N ILE A 74 2.70 -1.79 -2.90
CA ILE A 74 1.32 -1.41 -3.30
C ILE A 74 1.35 -0.15 -4.16
N LEU A 75 2.32 0.69 -3.96
CA LEU A 75 2.41 1.94 -4.77
C LEU A 75 3.02 1.62 -6.13
N ALA A 76 3.65 0.47 -6.25
CA ALA A 76 4.27 0.09 -7.55
C ALA A 76 3.24 -0.61 -8.43
N GLU A 77 2.55 -1.59 -7.90
CA GLU A 77 1.54 -2.32 -8.71
C GLU A 77 0.30 -1.45 -8.91
N ALA A 78 -0.02 -0.62 -7.95
CA ALA A 78 -1.23 0.24 -8.10
C ALA A 78 -0.96 1.37 -9.10
N ALA A 79 0.11 2.09 -8.93
CA ALA A 79 0.42 3.20 -9.88
C ALA A 79 0.79 2.64 -11.26
N LYS A 80 1.11 1.38 -11.35
CA LYS A 80 1.49 0.79 -12.65
C LYS A 80 0.41 -0.18 -13.16
N LEU A 81 -0.70 -0.29 -12.47
CA LEU A 81 -1.76 -1.23 -12.94
C LEU A 81 -3.14 -0.56 -12.87
N VAL A 82 -3.47 0.05 -11.77
CA VAL A 82 -4.81 0.70 -11.66
C VAL A 82 -4.65 2.23 -11.69
N PRO A 83 -4.46 2.75 -12.87
CA PRO A 83 -4.29 4.21 -13.04
C PRO A 83 -5.64 4.92 -12.85
N MET A 84 -5.62 6.13 -12.34
CA MET A 84 -6.89 6.87 -12.13
C MET A 84 -7.76 6.78 -13.40
N GLY A 85 -8.86 6.09 -13.32
CA GLY A 85 -9.75 5.96 -14.50
C GLY A 85 -10.85 7.02 -14.44
N GLU A 16 12.28 7.67 -6.05
CA GLU A 16 13.05 6.54 -6.63
C GLU A 16 12.13 5.64 -7.48
N GLU A 17 10.98 5.31 -6.97
CA GLU A 17 10.04 4.44 -7.74
C GLU A 17 8.89 5.27 -8.29
N GLU A 18 7.86 5.46 -7.51
CA GLU A 18 6.68 6.25 -8.00
C GLU A 18 6.28 7.30 -6.96
N SER A 19 5.49 8.26 -7.37
CA SER A 19 5.05 9.32 -6.42
C SER A 19 3.56 9.60 -6.61
N PHE A 20 3.26 10.43 -7.55
CA PHE A 20 1.83 10.77 -7.83
C PHE A 20 0.95 9.53 -7.70
N GLY A 21 -0.33 9.70 -7.49
CA GLY A 21 -1.23 8.52 -7.36
C GLY A 21 -1.75 8.43 -5.92
N PRO A 22 -3.04 8.25 -5.80
CA PRO A 22 -3.67 8.14 -4.47
C PRO A 22 -3.42 6.75 -3.87
N GLN A 23 -2.70 5.92 -4.56
CA GLN A 23 -2.43 4.55 -4.03
C GLN A 23 -3.71 3.82 -3.72
N PRO A 24 -4.55 3.74 -4.72
CA PRO A 24 -5.82 3.01 -4.56
C PRO A 24 -5.54 1.52 -4.42
N ILE A 25 -4.79 1.17 -3.40
CA ILE A 25 -4.46 -0.26 -3.18
C ILE A 25 -5.71 -1.02 -2.75
N SER A 26 -6.78 -0.31 -2.57
CA SER A 26 -8.08 -0.95 -2.14
C SER A 26 -8.17 -2.41 -2.58
N ARG A 27 -8.36 -2.65 -3.85
CA ARG A 27 -8.47 -4.06 -4.32
C ARG A 27 -7.09 -4.67 -4.58
N LEU A 28 -6.10 -3.85 -4.79
CA LEU A 28 -4.74 -4.38 -5.06
C LEU A 28 -4.26 -5.25 -3.89
N GLU A 29 -4.00 -4.66 -2.76
CA GLU A 29 -3.51 -5.44 -1.59
C GLU A 29 -4.66 -6.11 -0.83
N GLN A 30 -5.83 -5.54 -0.82
CA GLN A 30 -6.95 -6.19 -0.08
C GLN A 30 -7.35 -7.49 -0.79
N CYS A 31 -7.20 -7.52 -2.08
CA CYS A 31 -7.56 -8.76 -2.84
C CYS A 31 -6.43 -9.76 -2.69
N GLY A 32 -5.29 -9.32 -2.23
CA GLY A 32 -4.14 -10.26 -2.05
C GLY A 32 -2.97 -9.85 -2.96
N ILE A 33 -2.38 -8.71 -2.74
CA ILE A 33 -1.23 -8.31 -3.59
C ILE A 33 0.01 -9.06 -3.08
N ASN A 34 1.09 -8.38 -2.84
CA ASN A 34 2.31 -9.06 -2.33
C ASN A 34 2.20 -9.28 -0.82
N ALA A 35 3.31 -9.34 -0.14
CA ALA A 35 3.28 -9.55 1.34
C ALA A 35 2.28 -8.60 1.99
N ASN A 36 2.04 -7.48 1.38
CA ASN A 36 1.10 -6.50 1.99
C ASN A 36 -0.10 -7.19 2.61
N ASP A 37 -0.87 -7.87 1.81
CA ASP A 37 -2.09 -8.56 2.33
C ASP A 37 -1.95 -8.89 3.82
N VAL A 38 -1.10 -9.83 4.13
CA VAL A 38 -0.89 -10.23 5.55
C VAL A 38 -0.52 -9.04 6.45
N LYS A 39 0.58 -8.40 6.20
CA LYS A 39 1.01 -7.29 7.10
C LYS A 39 0.35 -5.94 6.77
N LYS A 40 0.37 -5.53 5.54
CA LYS A 40 -0.22 -4.20 5.22
C LYS A 40 -1.68 -4.08 5.68
N LEU A 41 -2.55 -4.96 5.28
CA LEU A 41 -3.98 -4.81 5.68
C LEU A 41 -4.35 -5.48 7.02
N GLU A 42 -3.59 -6.43 7.50
CA GLU A 42 -4.03 -7.09 8.77
C GLU A 42 -3.51 -6.35 10.02
N GLU A 43 -2.40 -5.68 9.92
CA GLU A 43 -1.88 -4.95 11.12
C GLU A 43 -2.82 -3.81 11.49
N ALA A 44 -3.79 -3.54 10.66
CA ALA A 44 -4.77 -2.45 10.93
C ALA A 44 -5.82 -2.42 9.84
N GLY A 45 -5.41 -2.41 8.61
CA GLY A 45 -6.39 -2.40 7.50
C GLY A 45 -6.13 -1.22 6.56
N PHE A 46 -4.88 -0.91 6.28
CA PHE A 46 -4.60 0.24 5.33
C PHE A 46 -4.83 -0.21 3.88
N HIS A 47 -5.47 -1.34 3.67
CA HIS A 47 -5.70 -1.82 2.28
C HIS A 47 -6.56 -0.83 1.49
N THR A 48 -6.04 0.32 1.18
CA THR A 48 -6.83 1.33 0.40
C THR A 48 -6.00 2.59 0.16
N VAL A 49 -6.53 3.52 -0.61
CA VAL A 49 -5.79 4.79 -0.89
C VAL A 49 -5.04 5.28 0.36
N GLU A 50 -5.51 4.93 1.52
CA GLU A 50 -4.83 5.39 2.78
C GLU A 50 -3.29 5.31 2.67
N ALA A 51 -2.77 4.53 1.78
CA ALA A 51 -1.28 4.41 1.67
C ALA A 51 -0.63 5.77 1.36
N VAL A 52 -1.41 6.77 1.05
CA VAL A 52 -0.80 8.10 0.73
C VAL A 52 -1.48 9.22 1.53
N ALA A 53 -1.51 9.12 2.83
CA ALA A 53 -2.16 10.19 3.64
C ALA A 53 -2.31 9.76 5.11
N TYR A 54 -3.33 9.00 5.39
CA TYR A 54 -3.56 8.54 6.80
C TYR A 54 -2.24 8.17 7.49
N ALA A 55 -1.25 7.76 6.74
CA ALA A 55 0.04 7.38 7.39
C ALA A 55 1.16 7.25 6.35
N PRO A 56 2.36 7.54 6.76
CA PRO A 56 3.52 7.44 5.85
C PRO A 56 3.88 5.97 5.63
N LYS A 57 4.07 5.60 4.39
CA LYS A 57 4.40 4.19 4.07
C LYS A 57 5.37 3.60 5.10
N LYS A 58 6.18 4.41 5.74
CA LYS A 58 7.15 3.87 6.73
C LYS A 58 6.47 3.64 8.09
N GLU A 59 5.40 4.33 8.33
CA GLU A 59 4.68 4.16 9.64
C GLU A 59 3.75 2.96 9.56
N LEU A 60 2.99 2.85 8.51
CA LEU A 60 2.10 1.68 8.38
C LEU A 60 2.97 0.43 8.39
N ILE A 61 3.83 0.28 7.43
CA ILE A 61 4.69 -0.92 7.40
C ILE A 61 5.31 -1.11 8.78
N ASN A 62 5.50 -0.04 9.49
CA ASN A 62 6.07 -0.16 10.86
C ASN A 62 5.35 -1.28 11.61
N ILE A 63 4.17 -1.68 11.16
CA ILE A 63 3.44 -2.77 11.86
C ILE A 63 4.36 -3.97 12.08
N LYS A 64 4.17 -5.04 11.37
CA LYS A 64 5.05 -6.22 11.57
C LYS A 64 6.50 -5.74 11.57
N GLY A 65 6.75 -4.62 10.93
CA GLY A 65 8.14 -4.09 10.88
C GLY A 65 8.62 -4.05 9.43
N ILE A 66 7.72 -3.87 8.48
CA ILE A 66 8.17 -3.84 7.07
C ILE A 66 8.64 -2.43 6.68
N SER A 67 8.38 -2.03 5.47
CA SER A 67 8.80 -0.67 5.00
C SER A 67 8.46 -0.58 3.52
N GLU A 68 9.32 -0.01 2.72
CA GLU A 68 9.03 0.05 1.27
C GLU A 68 8.72 -1.36 0.79
N ALA A 69 9.17 -2.35 1.53
CA ALA A 69 8.91 -3.75 1.16
C ALA A 69 7.45 -3.92 0.71
N LYS A 70 6.56 -3.99 1.64
CA LYS A 70 5.12 -4.15 1.29
C LYS A 70 4.57 -2.81 0.75
N ALA A 71 4.67 -1.77 1.52
CA ALA A 71 4.15 -0.45 1.05
C ALA A 71 4.58 -0.18 -0.39
N ASP A 72 5.82 0.19 -0.59
CA ASP A 72 6.30 0.48 -1.97
C ASP A 72 5.72 -0.52 -2.98
N LYS A 73 5.87 -1.79 -2.72
CA LYS A 73 5.31 -2.80 -3.66
C LYS A 73 3.88 -2.40 -4.08
N ILE A 74 3.19 -1.70 -3.24
CA ILE A 74 1.79 -1.28 -3.59
C ILE A 74 1.83 -0.02 -4.47
N LEU A 75 2.67 0.92 -4.14
CA LEU A 75 2.76 2.17 -4.95
C LEU A 75 3.21 1.85 -6.38
N ALA A 76 3.78 0.69 -6.58
CA ALA A 76 4.24 0.31 -7.94
C ALA A 76 3.10 -0.30 -8.75
N GLU A 77 2.46 -1.31 -8.21
CA GLU A 77 1.34 -1.96 -8.94
C GLU A 77 0.09 -1.07 -8.90
N ALA A 78 0.00 -0.20 -7.92
CA ALA A 78 -1.20 0.68 -7.81
C ALA A 78 -1.10 1.86 -8.78
N ALA A 79 0.06 2.48 -8.87
CA ALA A 79 0.21 3.65 -9.78
C ALA A 79 0.37 3.20 -11.23
N LYS A 80 0.68 1.95 -11.46
CA LYS A 80 0.86 1.49 -12.87
C LYS A 80 -0.23 0.50 -13.27
N LEU A 81 -1.14 0.19 -12.38
CA LEU A 81 -2.23 -0.78 -12.75
C LEU A 81 -3.61 -0.18 -12.49
N VAL A 82 -3.81 0.43 -11.35
CA VAL A 82 -5.15 1.02 -11.05
C VAL A 82 -5.04 2.53 -10.84
N PRO A 83 -4.92 3.24 -11.93
CA PRO A 83 -4.80 4.71 -11.87
C PRO A 83 -6.17 5.34 -11.57
N MET A 84 -7.15 5.11 -12.41
CA MET A 84 -8.50 5.70 -12.16
C MET A 84 -9.57 4.61 -12.26
N GLY A 85 -9.84 3.95 -11.18
CA GLY A 85 -10.88 2.87 -11.22
C GLY A 85 -11.56 2.78 -9.84
N GLU A 16 12.69 7.56 -10.87
CA GLU A 16 12.20 6.40 -10.05
C GLU A 16 11.31 6.91 -8.91
N GLU A 17 10.08 6.45 -8.86
CA GLU A 17 9.17 6.90 -7.77
C GLU A 17 7.93 6.00 -7.71
N GLU A 18 7.59 5.52 -6.54
CA GLU A 18 6.40 4.64 -6.42
C GLU A 18 5.12 5.47 -6.31
N SER A 19 5.21 6.75 -6.58
CA SER A 19 4.00 7.61 -6.49
C SER A 19 3.59 8.14 -7.87
N PHE A 20 2.37 7.90 -8.26
CA PHE A 20 1.90 8.39 -9.60
C PHE A 20 0.64 9.25 -9.43
N GLY A 21 -0.45 8.64 -9.07
CA GLY A 21 -1.72 9.41 -8.89
C GLY A 21 -2.34 9.06 -7.55
N PRO A 22 -3.58 8.65 -7.58
CA PRO A 22 -4.30 8.26 -6.34
C PRO A 22 -3.76 6.93 -5.82
N GLN A 23 -4.42 6.32 -4.88
CA GLN A 23 -3.93 5.02 -4.34
C GLN A 23 -5.06 4.04 -4.11
N PRO A 24 -5.86 3.84 -5.12
CA PRO A 24 -6.97 2.86 -5.01
C PRO A 24 -6.37 1.47 -4.89
N ILE A 25 -5.56 1.27 -3.89
CA ILE A 25 -4.91 -0.05 -3.70
C ILE A 25 -5.91 -1.03 -3.10
N SER A 26 -7.11 -0.60 -2.89
CA SER A 26 -8.14 -1.51 -2.31
C SER A 26 -8.01 -2.90 -2.93
N ARG A 27 -8.28 -3.02 -4.19
CA ARG A 27 -8.19 -4.35 -4.85
C ARG A 27 -6.73 -4.85 -4.88
N LEU A 28 -5.78 -3.95 -4.90
CA LEU A 28 -4.35 -4.37 -4.95
C LEU A 28 -3.96 -5.27 -3.77
N GLU A 29 -3.77 -4.70 -2.61
CA GLU A 29 -3.34 -5.51 -1.43
C GLU A 29 -4.52 -6.27 -0.81
N GLN A 30 -5.65 -5.65 -0.65
CA GLN A 30 -6.79 -6.34 -0.01
C GLN A 30 -7.10 -7.67 -0.74
N CYS A 31 -6.91 -7.71 -2.03
CA CYS A 31 -7.18 -8.99 -2.76
C CYS A 31 -6.00 -9.93 -2.55
N GLY A 32 -4.91 -9.42 -2.05
CA GLY A 32 -3.73 -10.29 -1.80
C GLY A 32 -2.56 -9.86 -2.68
N ILE A 33 -2.00 -8.70 -2.44
CA ILE A 33 -0.85 -8.27 -3.25
C ILE A 33 0.39 -8.99 -2.71
N ASN A 34 1.42 -8.29 -2.38
CA ASN A 34 2.63 -8.96 -1.82
C ASN A 34 2.42 -9.22 -0.33
N ALA A 35 3.39 -8.89 0.49
CA ALA A 35 3.21 -9.12 1.96
C ALA A 35 2.24 -8.10 2.54
N ASN A 36 1.98 -7.04 1.83
CA ASN A 36 1.05 -6.00 2.36
C ASN A 36 -0.25 -6.62 2.82
N ASP A 37 -1.02 -7.14 1.90
CA ASP A 37 -2.34 -7.73 2.25
C ASP A 37 -2.34 -8.20 3.71
N VAL A 38 -1.72 -9.31 3.95
CA VAL A 38 -1.66 -9.86 5.33
C VAL A 38 -1.20 -8.82 6.36
N LYS A 39 -0.03 -8.27 6.22
CA LYS A 39 0.46 -7.30 7.26
C LYS A 39 -0.07 -5.88 7.05
N LYS A 40 0.26 -5.26 5.96
CA LYS A 40 -0.19 -3.85 5.72
C LYS A 40 -1.61 -3.61 6.25
N LEU A 41 -2.58 -4.29 5.72
CA LEU A 41 -3.98 -4.03 6.15
C LEU A 41 -4.42 -4.79 7.41
N GLU A 42 -3.74 -5.81 7.83
CA GLU A 42 -4.27 -6.52 9.03
C GLU A 42 -4.14 -5.69 10.30
N GLU A 43 -2.97 -5.21 10.63
CA GLU A 43 -2.84 -4.41 11.88
C GLU A 43 -3.64 -3.12 11.75
N ALA A 44 -3.84 -2.65 10.54
CA ALA A 44 -4.61 -1.40 10.34
C ALA A 44 -5.73 -1.63 9.33
N GLY A 45 -5.38 -1.70 8.07
CA GLY A 45 -6.43 -1.92 7.03
C GLY A 45 -6.26 -0.88 5.93
N PHE A 46 -5.07 -0.76 5.39
CA PHE A 46 -4.86 0.26 4.30
C PHE A 46 -5.34 -0.27 2.95
N HIS A 47 -6.28 -1.18 2.94
CA HIS A 47 -6.76 -1.72 1.62
C HIS A 47 -7.46 -0.61 0.82
N THR A 48 -6.72 0.39 0.44
CA THR A 48 -7.31 1.51 -0.36
C THR A 48 -6.36 2.72 -0.37
N VAL A 49 -6.76 3.78 -1.00
CA VAL A 49 -5.89 5.02 -1.05
C VAL A 49 -5.14 5.21 0.27
N GLU A 50 -5.69 4.75 1.36
CA GLU A 50 -5.00 4.90 2.65
C GLU A 50 -3.51 4.57 2.52
N ALA A 51 -3.15 3.79 1.54
CA ALA A 51 -1.70 3.45 1.35
C ALA A 51 -0.83 4.69 1.53
N VAL A 52 -1.36 5.84 1.26
CA VAL A 52 -0.55 7.09 1.40
C VAL A 52 -1.35 8.18 2.13
N ALA A 53 -1.42 8.12 3.43
CA ALA A 53 -2.18 9.14 4.19
C ALA A 53 -2.25 8.78 5.68
N TYR A 54 -2.70 9.71 6.49
CA TYR A 54 -2.82 9.43 7.96
C TYR A 54 -1.45 9.13 8.56
N ALA A 55 -0.88 7.99 8.25
CA ALA A 55 0.44 7.64 8.83
C ALA A 55 1.50 7.47 7.73
N PRO A 56 2.74 7.61 8.12
CA PRO A 56 3.86 7.47 7.16
C PRO A 56 4.04 6.00 6.77
N LYS A 57 4.06 5.71 5.50
CA LYS A 57 4.22 4.30 5.06
C LYS A 57 5.28 3.60 5.89
N LYS A 58 6.28 4.31 6.35
CA LYS A 58 7.34 3.66 7.17
C LYS A 58 6.77 3.20 8.51
N GLU A 59 5.75 3.86 8.97
CA GLU A 59 5.13 3.46 10.27
C GLU A 59 4.20 2.28 10.06
N LEU A 60 3.35 2.36 9.07
CA LEU A 60 2.45 1.22 8.83
C LEU A 60 3.30 -0.03 8.61
N ILE A 61 4.14 0.00 7.62
CA ILE A 61 5.01 -1.18 7.37
C ILE A 61 5.67 -1.60 8.66
N ASN A 62 5.84 -0.69 9.57
CA ASN A 62 6.45 -1.06 10.87
C ASN A 62 5.68 -2.24 11.47
N ILE A 63 4.52 -2.57 10.94
CA ILE A 63 3.76 -3.72 11.50
C ILE A 63 4.72 -4.87 11.82
N LYS A 64 5.01 -5.66 10.85
CA LYS A 64 5.96 -6.79 11.07
C LYS A 64 7.39 -6.26 11.13
N GLY A 65 7.59 -5.07 10.61
CA GLY A 65 8.97 -4.48 10.64
C GLY A 65 9.47 -4.28 9.21
N ILE A 66 8.59 -4.15 8.25
CA ILE A 66 9.06 -3.97 6.85
C ILE A 66 9.33 -2.48 6.56
N SER A 67 8.90 -2.02 5.40
CA SER A 67 9.12 -0.60 5.01
C SER A 67 8.67 -0.47 3.56
N GLU A 68 9.31 0.32 2.75
CA GLU A 68 8.90 0.42 1.33
C GLU A 68 8.76 -1.00 0.76
N ALA A 69 9.41 -1.96 1.38
CA ALA A 69 9.33 -3.37 0.88
C ALA A 69 7.92 -3.71 0.42
N LYS A 70 7.01 -3.99 1.33
CA LYS A 70 5.64 -4.33 0.89
C LYS A 70 4.87 -3.05 0.56
N ALA A 71 5.00 -2.03 1.38
CA ALA A 71 4.27 -0.77 1.09
C ALA A 71 4.54 -0.32 -0.35
N ASP A 72 5.75 0.11 -0.62
CA ASP A 72 6.09 0.56 -1.99
C ASP A 72 5.59 -0.44 -3.03
N LYS A 73 5.90 -1.70 -2.83
CA LYS A 73 5.44 -2.73 -3.81
C LYS A 73 3.99 -2.46 -4.23
N ILE A 74 3.21 -1.86 -3.37
CA ILE A 74 1.79 -1.56 -3.72
C ILE A 74 1.71 -0.23 -4.47
N LEU A 75 2.13 0.83 -3.86
CA LEU A 75 2.07 2.16 -4.54
C LEU A 75 2.59 2.02 -5.97
N ALA A 76 3.43 1.05 -6.22
CA ALA A 76 3.95 0.87 -7.60
C ALA A 76 2.91 0.14 -8.46
N GLU A 77 2.45 -1.00 -7.99
CA GLU A 77 1.42 -1.74 -8.77
C GLU A 77 0.14 -0.91 -8.89
N ALA A 78 -0.25 -0.26 -7.83
CA ALA A 78 -1.47 0.58 -7.88
C ALA A 78 -1.27 1.75 -8.84
N ALA A 79 -0.08 2.30 -8.87
CA ALA A 79 0.19 3.44 -9.79
C ALA A 79 0.16 2.97 -11.25
N LYS A 80 0.27 1.69 -11.46
CA LYS A 80 0.24 1.16 -12.86
C LYS A 80 -0.76 0.01 -13.00
N LEU A 81 -1.74 -0.04 -12.14
CA LEU A 81 -2.75 -1.13 -12.24
C LEU A 81 -4.16 -0.56 -12.22
N VAL A 82 -4.41 0.44 -11.42
CA VAL A 82 -5.77 1.05 -11.35
C VAL A 82 -5.66 2.53 -11.00
N PRO A 83 -4.92 3.24 -11.80
CA PRO A 83 -4.74 4.70 -11.58
C PRO A 83 -6.01 5.46 -11.96
N MET A 84 -5.98 6.76 -11.84
CA MET A 84 -7.20 7.56 -12.20
C MET A 84 -8.44 7.00 -11.50
N GLY A 85 -8.29 6.56 -10.27
CA GLY A 85 -9.46 6.00 -9.54
C GLY A 85 -10.37 7.15 -9.09
N GLU A 16 5.19 6.99 -7.83
CA GLU A 16 6.28 6.01 -7.61
C GLU A 16 6.61 5.91 -6.12
N GLU A 17 6.52 7.00 -5.41
CA GLU A 17 6.84 6.97 -3.95
C GLU A 17 6.28 8.22 -3.26
N GLU A 18 5.73 8.07 -2.09
CA GLU A 18 5.18 9.25 -1.35
C GLU A 18 4.01 9.87 -2.12
N SER A 19 2.93 9.14 -2.28
CA SER A 19 1.75 9.69 -3.01
C SER A 19 2.15 10.07 -4.44
N PHE A 20 1.39 9.63 -5.42
CA PHE A 20 1.73 9.99 -6.83
C PHE A 20 0.74 9.37 -7.83
N GLY A 21 -0.50 9.20 -7.46
CA GLY A 21 -1.45 8.61 -8.45
C GLY A 21 -2.25 7.43 -7.85
N PRO A 22 -1.61 6.62 -7.03
CA PRO A 22 -2.32 5.45 -6.45
C PRO A 22 -3.41 5.88 -5.45
N GLN A 23 -4.53 5.21 -5.49
CA GLN A 23 -5.65 5.54 -4.56
C GLN A 23 -6.47 4.28 -4.29
N PRO A 24 -7.10 3.77 -5.31
CA PRO A 24 -7.88 2.52 -5.14
C PRO A 24 -6.92 1.34 -4.95
N ILE A 25 -6.06 1.43 -3.97
CA ILE A 25 -5.08 0.34 -3.72
C ILE A 25 -5.80 -0.86 -3.08
N SER A 26 -7.01 -0.64 -2.64
CA SER A 26 -7.78 -1.75 -2.00
C SER A 26 -7.74 -3.02 -2.85
N ARG A 27 -8.46 -3.06 -3.93
CA ARG A 27 -8.48 -4.27 -4.80
C ARG A 27 -7.06 -4.82 -5.01
N LEU A 28 -6.07 -3.98 -4.96
CA LEU A 28 -4.68 -4.47 -5.18
C LEU A 28 -4.19 -5.27 -3.98
N GLU A 29 -3.96 -4.63 -2.87
CA GLU A 29 -3.47 -5.38 -1.67
C GLU A 29 -4.63 -6.07 -0.95
N GLN A 30 -5.82 -5.58 -1.11
CA GLN A 30 -6.95 -6.23 -0.41
C GLN A 30 -7.31 -7.54 -1.10
N CYS A 31 -7.14 -7.61 -2.40
CA CYS A 31 -7.46 -8.88 -3.12
C CYS A 31 -6.32 -9.87 -2.93
N GLY A 32 -5.21 -9.42 -2.42
CA GLY A 32 -4.07 -10.33 -2.18
C GLY A 32 -2.86 -9.91 -3.02
N ILE A 33 -2.29 -8.75 -2.76
CA ILE A 33 -1.10 -8.35 -3.52
C ILE A 33 0.11 -9.07 -2.91
N ASN A 34 1.16 -8.38 -2.62
CA ASN A 34 2.34 -9.05 -2.00
C ASN A 34 2.15 -9.17 -0.48
N ALA A 35 3.22 -9.20 0.26
CA ALA A 35 3.10 -9.31 1.74
C ALA A 35 2.13 -8.26 2.27
N ASN A 36 2.00 -7.17 1.57
CA ASN A 36 1.11 -6.08 2.04
C ASN A 36 -0.15 -6.61 2.65
N ASP A 37 -1.07 -7.04 1.83
CA ASP A 37 -2.37 -7.56 2.33
C ASP A 37 -2.23 -8.11 3.75
N VAL A 38 -1.37 -9.05 3.92
CA VAL A 38 -1.14 -9.67 5.25
C VAL A 38 -0.84 -8.65 6.35
N LYS A 39 0.30 -8.03 6.32
CA LYS A 39 0.64 -7.07 7.41
C LYS A 39 0.11 -5.68 7.13
N LYS A 40 0.18 -5.25 5.91
CA LYS A 40 -0.28 -3.88 5.57
C LYS A 40 -1.75 -3.68 5.98
N LEU A 41 -2.66 -4.36 5.33
CA LEU A 41 -4.11 -4.15 5.65
C LEU A 41 -4.58 -4.90 6.90
N GLU A 42 -3.87 -5.87 7.39
CA GLU A 42 -4.42 -6.60 8.57
C GLU A 42 -4.30 -5.83 9.88
N GLU A 43 -3.18 -5.25 10.18
CA GLU A 43 -3.09 -4.52 11.48
C GLU A 43 -3.92 -3.23 11.41
N ALA A 44 -3.74 -2.47 10.36
CA ALA A 44 -4.50 -1.20 10.23
C ALA A 44 -5.64 -1.38 9.23
N GLY A 45 -5.31 -1.59 7.99
CA GLY A 45 -6.37 -1.78 6.96
C GLY A 45 -6.18 -0.74 5.86
N PHE A 46 -5.00 -0.68 5.27
CA PHE A 46 -4.77 0.34 4.18
C PHE A 46 -5.30 -0.19 2.85
N HIS A 47 -6.08 -1.23 2.87
CA HIS A 47 -6.63 -1.77 1.59
C HIS A 47 -7.61 -0.77 0.99
N THR A 48 -7.16 0.42 0.69
CA THR A 48 -8.04 1.47 0.10
C THR A 48 -7.39 2.85 0.25
N VAL A 49 -6.61 3.27 -0.73
CA VAL A 49 -5.94 4.61 -0.67
C VAL A 49 -5.00 4.72 0.53
N GLU A 50 -5.49 4.51 1.72
CA GLU A 50 -4.62 4.63 2.94
C GLU A 50 -3.22 4.08 2.66
N ALA A 51 -3.11 3.13 1.77
CA ALA A 51 -1.76 2.58 1.45
C ALA A 51 -0.79 3.73 1.16
N VAL A 52 -1.30 4.87 0.80
CA VAL A 52 -0.43 6.02 0.49
C VAL A 52 -1.24 7.33 0.52
N ALA A 53 -1.51 7.84 1.69
CA ALA A 53 -2.30 9.10 1.79
C ALA A 53 -1.90 9.90 3.03
N TYR A 54 -2.21 9.40 4.20
CA TYR A 54 -1.87 10.15 5.44
C TYR A 54 -0.70 9.46 6.17
N ALA A 55 -0.90 8.27 6.65
CA ALA A 55 0.20 7.56 7.37
C ALA A 55 1.40 7.34 6.46
N PRO A 56 2.56 7.58 6.98
CA PRO A 56 3.81 7.38 6.20
C PRO A 56 4.08 5.89 6.03
N LYS A 57 4.10 5.42 4.81
CA LYS A 57 4.34 3.97 4.56
C LYS A 57 5.39 3.43 5.52
N LYS A 58 6.38 4.21 5.85
CA LYS A 58 7.44 3.73 6.79
C LYS A 58 6.86 3.44 8.17
N GLU A 59 5.81 4.12 8.54
CA GLU A 59 5.21 3.88 9.89
C GLU A 59 4.31 2.66 9.83
N LEU A 60 3.41 2.60 8.91
CA LEU A 60 2.54 1.41 8.82
C LEU A 60 3.43 0.18 8.78
N ILE A 61 4.26 0.07 7.78
CA ILE A 61 5.17 -1.11 7.65
C ILE A 61 5.85 -1.36 8.98
N ASN A 62 6.07 -0.32 9.75
CA ASN A 62 6.72 -0.53 11.06
C ASN A 62 6.05 -1.71 11.78
N ILE A 63 4.86 -2.10 11.37
CA ILE A 63 4.20 -3.24 12.05
C ILE A 63 5.14 -4.43 12.14
N LYS A 64 5.06 -5.32 11.20
CA LYS A 64 5.96 -6.51 11.21
C LYS A 64 7.42 -6.07 11.18
N GLY A 65 7.66 -4.84 10.86
CA GLY A 65 9.07 -4.34 10.81
C GLY A 65 9.51 -4.21 9.35
N ILE A 66 8.57 -4.07 8.45
CA ILE A 66 8.94 -3.95 7.01
C ILE A 66 9.30 -2.50 6.68
N SER A 67 8.85 -2.02 5.55
CA SER A 67 9.14 -0.63 5.11
C SER A 67 8.73 -0.51 3.64
N GLU A 68 9.53 0.08 2.82
CA GLU A 68 9.15 0.14 1.39
C GLU A 68 8.99 -1.30 0.88
N ALA A 69 9.50 -2.25 1.63
CA ALA A 69 9.38 -3.67 1.20
C ALA A 69 8.02 -3.96 0.57
N LYS A 70 7.02 -4.18 1.37
CA LYS A 70 5.68 -4.46 0.79
C LYS A 70 4.92 -3.15 0.59
N ALA A 71 5.09 -2.18 1.45
CA ALA A 71 4.36 -0.90 1.26
C ALA A 71 4.68 -0.35 -0.12
N ASP A 72 5.93 -0.10 -0.37
CA ASP A 72 6.34 0.42 -1.71
C ASP A 72 5.81 -0.50 -2.81
N LYS A 73 5.99 -1.79 -2.65
CA LYS A 73 5.49 -2.73 -3.68
C LYS A 73 4.01 -2.45 -3.99
N ILE A 74 3.32 -1.79 -3.09
CA ILE A 74 1.87 -1.51 -3.34
C ILE A 74 1.70 -0.20 -4.12
N LEU A 75 2.24 0.89 -3.63
CA LEU A 75 2.09 2.18 -4.37
C LEU A 75 2.76 2.07 -5.73
N ALA A 76 3.60 1.08 -5.91
CA ALA A 76 4.28 0.92 -7.22
C ALA A 76 3.36 0.17 -8.19
N GLU A 77 2.79 -0.92 -7.75
CA GLU A 77 1.87 -1.70 -8.63
C GLU A 77 0.50 -1.00 -8.69
N ALA A 78 0.15 -0.29 -7.65
CA ALA A 78 -1.17 0.41 -7.65
C ALA A 78 -1.12 1.62 -8.58
N ALA A 79 -0.21 2.53 -8.35
CA ALA A 79 -0.12 3.73 -9.22
C ALA A 79 0.10 3.32 -10.68
N LYS A 80 0.72 2.19 -10.90
CA LYS A 80 0.97 1.74 -12.29
C LYS A 80 -0.23 0.94 -12.83
N LEU A 81 -0.94 0.28 -11.95
CA LEU A 81 -2.11 -0.53 -12.40
C LEU A 81 -3.40 0.27 -12.26
N VAL A 82 -3.69 0.77 -11.09
CA VAL A 82 -4.94 1.55 -10.90
C VAL A 82 -4.61 2.99 -10.50
N PRO A 83 -4.19 3.76 -11.47
CA PRO A 83 -3.85 5.18 -11.22
C PRO A 83 -5.12 6.02 -11.04
N MET A 84 -5.67 6.52 -12.11
CA MET A 84 -6.90 7.35 -12.00
C MET A 84 -7.68 7.31 -13.32
N GLY A 85 -8.95 7.62 -13.29
CA GLY A 85 -9.76 7.59 -14.53
C GLY A 85 -11.15 7.02 -14.23
N GLU A 16 11.68 5.29 -4.44
CA GLU A 16 11.38 6.20 -3.28
C GLU A 16 10.62 7.43 -3.77
N GLU A 17 9.73 7.26 -4.71
CA GLU A 17 8.96 8.43 -5.23
C GLU A 17 7.84 7.95 -6.15
N GLU A 18 7.23 6.84 -5.83
CA GLU A 18 6.12 6.32 -6.69
C GLU A 18 5.07 7.41 -6.93
N SER A 19 3.97 7.06 -7.52
CA SER A 19 2.90 8.07 -7.78
C SER A 19 2.33 8.58 -6.47
N PHE A 20 1.55 9.63 -6.53
CA PHE A 20 0.95 10.18 -5.28
C PHE A 20 -0.52 10.55 -5.53
N GLY A 21 -1.22 9.72 -6.26
CA GLY A 21 -2.66 10.01 -6.55
C GLY A 21 -3.55 9.43 -5.45
N PRO A 22 -4.65 8.88 -5.87
CA PRO A 22 -5.63 8.28 -4.92
C PRO A 22 -5.09 6.98 -4.33
N GLN A 23 -4.42 6.18 -5.11
CA GLN A 23 -3.88 4.89 -4.57
C GLN A 23 -5.01 3.96 -4.16
N PRO A 24 -5.91 3.75 -5.07
CA PRO A 24 -7.04 2.84 -4.81
C PRO A 24 -6.52 1.43 -4.71
N ILE A 25 -5.65 1.17 -3.76
CA ILE A 25 -5.10 -0.20 -3.60
C ILE A 25 -6.17 -1.12 -3.03
N SER A 26 -7.33 -0.59 -2.79
CA SER A 26 -8.44 -1.41 -2.22
C SER A 26 -8.42 -2.83 -2.78
N ARG A 27 -8.68 -2.98 -4.04
CA ARG A 27 -8.69 -4.34 -4.64
C ARG A 27 -7.27 -4.87 -4.84
N LEU A 28 -6.28 -4.01 -4.81
CA LEU A 28 -4.87 -4.48 -5.03
C LEU A 28 -4.33 -5.23 -3.81
N GLU A 29 -4.07 -4.55 -2.73
CA GLU A 29 -3.50 -5.25 -1.55
C GLU A 29 -4.56 -6.06 -0.80
N GLN A 30 -5.79 -5.65 -0.85
CA GLN A 30 -6.83 -6.43 -0.12
C GLN A 30 -7.14 -7.72 -0.88
N CYS A 31 -6.99 -7.71 -2.19
CA CYS A 31 -7.25 -8.95 -2.96
C CYS A 31 -6.04 -9.87 -2.84
N GLY A 32 -4.94 -9.35 -2.39
CA GLY A 32 -3.72 -10.20 -2.22
C GLY A 32 -2.55 -9.65 -3.04
N ILE A 33 -2.06 -8.48 -2.71
CA ILE A 33 -0.88 -7.96 -3.46
C ILE A 33 0.36 -8.61 -2.85
N ASN A 34 1.36 -7.84 -2.54
CA ASN A 34 2.58 -8.43 -1.92
C ASN A 34 2.35 -8.66 -0.42
N ALA A 35 3.41 -8.68 0.36
CA ALA A 35 3.23 -8.89 1.83
C ALA A 35 2.25 -7.86 2.40
N ASN A 36 2.01 -6.80 1.67
CA ASN A 36 1.09 -5.76 2.17
C ASN A 36 -0.20 -6.36 2.70
N ASP A 37 -1.03 -6.84 1.80
CA ASP A 37 -2.34 -7.42 2.20
C ASP A 37 -2.29 -7.95 3.63
N VAL A 38 -1.64 -9.05 3.83
CA VAL A 38 -1.55 -9.65 5.18
C VAL A 38 -1.00 -8.68 6.23
N LYS A 39 0.16 -8.11 6.03
CA LYS A 39 0.71 -7.21 7.08
C LYS A 39 0.16 -5.78 6.98
N LYS A 40 0.43 -5.12 5.90
CA LYS A 40 -0.03 -3.71 5.74
C LYS A 40 -1.43 -3.50 6.32
N LEU A 41 -2.43 -4.14 5.78
CA LEU A 41 -3.82 -3.88 6.27
C LEU A 41 -4.26 -4.73 7.46
N GLU A 42 -3.61 -5.80 7.80
CA GLU A 42 -4.14 -6.59 8.94
C GLU A 42 -3.99 -5.84 10.26
N GLU A 43 -2.95 -5.09 10.46
CA GLU A 43 -2.83 -4.38 11.76
C GLU A 43 -3.70 -3.13 11.74
N ALA A 44 -3.75 -2.44 10.63
CA ALA A 44 -4.56 -1.20 10.55
C ALA A 44 -5.71 -1.40 9.56
N GLY A 45 -5.39 -1.54 8.30
CA GLY A 45 -6.47 -1.72 7.27
C GLY A 45 -6.27 -0.71 6.14
N PHE A 46 -5.11 -0.65 5.58
CA PHE A 46 -4.87 0.32 4.46
C PHE A 46 -5.34 -0.27 3.13
N HIS A 47 -6.14 -1.29 3.17
CA HIS A 47 -6.62 -1.91 1.89
C HIS A 47 -7.47 -0.92 1.08
N THR A 48 -6.86 0.14 0.61
CA THR A 48 -7.60 1.15 -0.21
C THR A 48 -6.80 2.45 -0.31
N VAL A 49 -7.37 3.45 -0.94
CA VAL A 49 -6.67 4.76 -1.09
C VAL A 49 -5.82 5.08 0.14
N GLU A 50 -6.21 4.59 1.28
CA GLU A 50 -5.42 4.86 2.53
C GLU A 50 -3.93 4.69 2.28
N ALA A 51 -3.53 4.01 1.23
CA ALA A 51 -2.07 3.82 0.95
C ALA A 51 -1.29 5.09 1.31
N VAL A 52 -1.93 6.23 1.20
CA VAL A 52 -1.25 7.50 1.55
C VAL A 52 -2.26 8.50 2.12
N ALA A 53 -1.82 9.65 2.55
CA ALA A 53 -2.76 10.65 3.12
C ALA A 53 -3.29 10.17 4.48
N TYR A 54 -2.42 9.74 5.34
CA TYR A 54 -2.88 9.26 6.69
C TYR A 54 -1.67 8.89 7.56
N ALA A 55 -0.99 7.83 7.24
CA ALA A 55 0.19 7.42 8.07
C ALA A 55 1.43 7.26 7.18
N PRO A 56 2.58 7.42 7.78
CA PRO A 56 3.86 7.27 7.03
C PRO A 56 4.10 5.80 6.69
N LYS A 57 4.18 5.48 5.43
CA LYS A 57 4.39 4.07 5.03
C LYS A 57 5.45 3.40 5.94
N LYS A 58 6.42 4.15 6.40
CA LYS A 58 7.47 3.55 7.27
C LYS A 58 6.87 3.09 8.60
N GLU A 59 5.86 3.77 9.07
CA GLU A 59 5.25 3.36 10.36
C GLU A 59 4.32 2.18 10.13
N LEU A 60 3.38 2.32 9.23
CA LEU A 60 2.49 1.18 8.96
C LEU A 60 3.34 -0.08 8.71
N ILE A 61 4.18 -0.05 7.72
CA ILE A 61 5.04 -1.23 7.43
C ILE A 61 5.70 -1.73 8.70
N ASN A 62 5.94 -0.85 9.64
CA ASN A 62 6.57 -1.29 10.90
C ASN A 62 5.78 -2.48 11.46
N ILE A 63 4.59 -2.73 10.96
CA ILE A 63 3.81 -3.88 11.49
C ILE A 63 4.73 -5.10 11.62
N LYS A 64 4.92 -5.81 10.55
CA LYS A 64 5.82 -6.99 10.59
C LYS A 64 7.27 -6.52 10.71
N GLY A 65 7.49 -5.23 10.64
CA GLY A 65 8.89 -4.70 10.76
C GLY A 65 9.46 -4.47 9.37
N ILE A 66 8.63 -4.23 8.39
CA ILE A 66 9.15 -4.00 7.01
C ILE A 66 9.42 -2.51 6.77
N SER A 67 9.10 -2.04 5.59
CA SER A 67 9.32 -0.61 5.23
C SER A 67 8.87 -0.40 3.78
N GLU A 68 9.64 0.30 3.00
CA GLU A 68 9.23 0.47 1.58
C GLU A 68 9.02 -0.92 0.97
N ALA A 69 9.58 -1.92 1.58
CA ALA A 69 9.42 -3.31 1.05
C ALA A 69 7.96 -3.56 0.67
N LYS A 70 7.11 -3.82 1.63
CA LYS A 70 5.70 -4.09 1.29
C LYS A 70 4.98 -2.80 0.88
N ALA A 71 5.10 -1.75 1.65
CA ALA A 71 4.41 -0.46 1.30
C ALA A 71 4.67 -0.09 -0.16
N ASP A 72 5.83 0.44 -0.46
CA ASP A 72 6.12 0.85 -1.86
C ASP A 72 5.67 -0.22 -2.84
N LYS A 73 6.02 -1.45 -2.59
CA LYS A 73 5.60 -2.53 -3.53
C LYS A 73 4.14 -2.33 -3.94
N ILE A 74 3.34 -1.78 -3.07
CA ILE A 74 1.92 -1.54 -3.40
C ILE A 74 1.81 -0.33 -4.33
N LEU A 75 2.59 0.69 -4.08
CA LEU A 75 2.55 1.90 -4.95
C LEU A 75 3.04 1.53 -6.35
N ALA A 76 3.70 0.41 -6.48
CA ALA A 76 4.20 -0.03 -7.81
C ALA A 76 3.07 -0.64 -8.64
N GLU A 77 2.39 -1.60 -8.08
CA GLU A 77 1.26 -2.24 -8.83
C GLU A 77 0.10 -1.27 -8.99
N ALA A 78 -0.15 -0.47 -7.99
CA ALA A 78 -1.28 0.51 -8.08
C ALA A 78 -1.00 1.55 -9.17
N ALA A 79 0.17 2.13 -9.15
CA ALA A 79 0.49 3.16 -10.18
C ALA A 79 0.63 2.52 -11.56
N LYS A 80 0.77 1.22 -11.62
CA LYS A 80 0.93 0.55 -12.94
C LYS A 80 -0.35 -0.20 -13.34
N LEU A 81 -1.11 -0.66 -12.38
CA LEU A 81 -2.36 -1.39 -12.73
C LEU A 81 -3.59 -0.50 -12.53
N VAL A 82 -3.61 0.28 -11.48
CA VAL A 82 -4.79 1.16 -11.25
C VAL A 82 -4.35 2.62 -11.10
N PRO A 83 -3.72 3.12 -12.13
CA PRO A 83 -3.24 4.52 -12.14
C PRO A 83 -4.41 5.49 -12.32
N MET A 84 -4.15 6.68 -12.79
CA MET A 84 -5.25 7.67 -13.00
C MET A 84 -5.75 8.20 -11.66
N GLY A 85 -6.30 9.40 -11.65
CA GLY A 85 -6.80 9.97 -10.37
C GLY A 85 -7.57 11.27 -10.67
N GLU A 16 8.98 10.13 -7.34
CA GLU A 16 8.21 9.59 -8.49
C GLU A 16 8.10 8.07 -8.40
N GLU A 17 8.09 7.54 -7.20
CA GLU A 17 7.99 6.06 -7.05
C GLU A 17 6.95 5.71 -5.96
N GLU A 18 7.19 6.08 -4.74
CA GLU A 18 6.22 5.75 -3.66
C GLU A 18 5.06 6.75 -3.64
N SER A 19 4.45 7.00 -4.77
CA SER A 19 3.32 7.97 -4.82
C SER A 19 2.98 8.32 -6.27
N PHE A 20 1.74 8.63 -6.55
CA PHE A 20 1.35 8.97 -7.94
C PHE A 20 0.01 9.71 -7.98
N GLY A 21 -0.97 9.20 -7.28
CA GLY A 21 -2.30 9.88 -7.28
C GLY A 21 -3.05 9.58 -5.98
N PRO A 22 -4.25 9.08 -6.12
CA PRO A 22 -5.09 8.75 -4.94
C PRO A 22 -4.59 7.46 -4.27
N GLN A 23 -4.23 6.48 -5.05
CA GLN A 23 -3.73 5.20 -4.47
C GLN A 23 -4.81 4.49 -3.68
N PRO A 24 -5.98 4.42 -4.26
CA PRO A 24 -7.07 3.70 -3.60
C PRO A 24 -6.75 2.22 -3.74
N ILE A 25 -5.67 1.80 -3.13
CA ILE A 25 -5.27 0.37 -3.22
C ILE A 25 -6.28 -0.51 -2.51
N SER A 26 -7.51 -0.38 -2.90
CA SER A 26 -8.57 -1.19 -2.26
C SER A 26 -8.43 -2.66 -2.64
N ARG A 27 -8.70 -3.01 -3.87
CA ARG A 27 -8.60 -4.44 -4.29
C ARG A 27 -7.14 -4.87 -4.45
N LEU A 28 -6.30 -4.02 -4.98
CA LEU A 28 -4.86 -4.40 -5.18
C LEU A 28 -4.33 -5.28 -4.04
N GLU A 29 -4.14 -4.73 -2.88
CA GLU A 29 -3.59 -5.53 -1.76
C GLU A 29 -4.68 -6.32 -1.02
N GLN A 30 -5.88 -5.82 -0.99
CA GLN A 30 -6.96 -6.58 -0.27
C GLN A 30 -7.27 -7.87 -1.01
N CYS A 31 -7.15 -7.87 -2.31
CA CYS A 31 -7.45 -9.10 -3.09
C CYS A 31 -6.27 -10.06 -2.99
N GLY A 32 -5.16 -9.59 -2.48
CA GLY A 32 -3.98 -10.48 -2.35
C GLY A 32 -2.84 -9.97 -3.24
N ILE A 33 -2.29 -8.83 -2.93
CA ILE A 33 -1.15 -8.34 -3.76
C ILE A 33 0.11 -9.09 -3.30
N ASN A 34 1.13 -8.40 -2.93
CA ASN A 34 2.37 -9.10 -2.45
C ASN A 34 2.29 -9.32 -0.94
N ALA A 35 3.39 -9.22 -0.25
CA ALA A 35 3.37 -9.41 1.23
C ALA A 35 2.40 -8.42 1.88
N ASN A 36 2.00 -7.42 1.16
CA ASN A 36 1.09 -6.40 1.77
C ASN A 36 -0.17 -7.05 2.33
N ASP A 37 -1.01 -7.56 1.46
CA ASP A 37 -2.30 -8.18 1.92
C ASP A 37 -2.17 -8.69 3.36
N VAL A 38 -1.35 -9.66 3.56
CA VAL A 38 -1.16 -10.23 4.93
C VAL A 38 -0.97 -9.11 5.97
N LYS A 39 0.13 -8.43 5.92
CA LYS A 39 0.41 -7.39 6.95
C LYS A 39 -0.13 -6.00 6.57
N LYS A 40 0.13 -5.53 5.38
CA LYS A 40 -0.34 -4.16 5.03
C LYS A 40 -1.79 -3.95 5.49
N LEU A 41 -2.70 -4.83 5.17
CA LEU A 41 -4.11 -4.61 5.60
C LEU A 41 -4.40 -5.20 6.99
N GLU A 42 -3.78 -6.28 7.37
CA GLU A 42 -4.09 -6.86 8.71
C GLU A 42 -3.53 -5.98 9.82
N GLU A 43 -2.36 -5.43 9.64
CA GLU A 43 -1.76 -4.57 10.69
C GLU A 43 -2.75 -3.48 11.12
N ALA A 44 -3.74 -3.21 10.31
CA ALA A 44 -4.74 -2.16 10.66
C ALA A 44 -5.84 -2.12 9.60
N GLY A 45 -5.47 -2.27 8.36
CA GLY A 45 -6.48 -2.23 7.28
C GLY A 45 -6.12 -1.17 6.24
N PHE A 46 -4.85 -0.89 6.06
CA PHE A 46 -4.46 0.14 5.04
C PHE A 46 -4.85 -0.29 3.61
N HIS A 47 -5.48 -1.42 3.45
CA HIS A 47 -5.86 -1.89 2.07
C HIS A 47 -6.77 -0.90 1.35
N THR A 48 -6.26 0.27 1.04
CA THR A 48 -7.08 1.28 0.31
C THR A 48 -6.29 2.60 0.14
N VAL A 49 -6.98 3.66 -0.14
CA VAL A 49 -6.28 4.98 -0.32
C VAL A 49 -5.22 5.20 0.75
N GLU A 50 -5.34 4.54 1.87
CA GLU A 50 -4.32 4.71 2.95
C GLU A 50 -2.91 4.76 2.37
N ALA A 51 -2.71 4.17 1.21
CA ALA A 51 -1.35 4.18 0.60
C ALA A 51 -0.76 5.59 0.61
N VAL A 52 -1.59 6.60 0.72
CA VAL A 52 -1.05 8.00 0.72
C VAL A 52 -2.04 8.96 1.39
N ALA A 53 -1.67 10.21 1.50
CA ALA A 53 -2.58 11.21 2.14
C ALA A 53 -3.03 10.72 3.52
N TYR A 54 -2.14 10.11 4.27
CA TYR A 54 -2.51 9.62 5.62
C TYR A 54 -1.26 9.34 6.45
N ALA A 55 -0.63 8.22 6.23
CA ALA A 55 0.60 7.90 7.00
C ALA A 55 1.74 7.57 6.04
N PRO A 56 2.94 7.86 6.48
CA PRO A 56 4.13 7.58 5.65
C PRO A 56 4.37 6.07 5.57
N LYS A 57 4.43 5.55 4.38
CA LYS A 57 4.65 4.07 4.21
C LYS A 57 5.61 3.51 5.26
N LYS A 58 6.54 4.29 5.72
CA LYS A 58 7.51 3.76 6.73
C LYS A 58 6.83 3.62 8.10
N GLU A 59 5.73 4.26 8.30
CA GLU A 59 5.03 4.16 9.61
C GLU A 59 4.15 2.92 9.63
N LEU A 60 3.25 2.79 8.70
CA LEU A 60 2.40 1.58 8.69
C LEU A 60 3.31 0.35 8.73
N ILE A 61 4.12 0.16 7.73
CA ILE A 61 5.02 -1.02 7.73
C ILE A 61 5.70 -1.15 9.08
N ASN A 62 5.96 -0.05 9.73
CA ASN A 62 6.60 -0.13 11.06
C ASN A 62 5.77 -1.04 11.98
N ILE A 63 4.57 -1.41 11.58
CA ILE A 63 3.77 -2.30 12.45
C ILE A 63 4.53 -3.61 12.67
N LYS A 64 4.37 -4.51 11.76
CA LYS A 64 5.08 -5.81 11.86
C LYS A 64 6.58 -5.58 11.83
N GLY A 65 7.02 -4.58 11.11
CA GLY A 65 8.48 -4.28 11.04
C GLY A 65 8.94 -4.22 9.58
N ILE A 66 8.04 -4.02 8.65
CA ILE A 66 8.46 -3.96 7.23
C ILE A 66 8.96 -2.56 6.87
N SER A 67 8.65 -2.12 5.67
CA SER A 67 9.08 -0.78 5.20
C SER A 67 8.70 -0.66 3.73
N GLU A 68 9.57 -0.16 2.90
CA GLU A 68 9.23 -0.08 1.46
C GLU A 68 8.84 -1.47 0.97
N ALA A 69 9.21 -2.50 1.71
CA ALA A 69 8.86 -3.88 1.32
C ALA A 69 7.44 -3.94 0.78
N LYS A 70 6.47 -3.95 1.66
CA LYS A 70 5.07 -3.99 1.20
C LYS A 70 4.63 -2.60 0.78
N ALA A 71 4.85 -1.64 1.64
CA ALA A 71 4.44 -0.23 1.32
C ALA A 71 4.83 0.15 -0.11
N ASP A 72 6.08 0.09 -0.42
CA ASP A 72 6.53 0.45 -1.79
C ASP A 72 6.00 -0.54 -2.81
N LYS A 73 5.78 -1.76 -2.41
CA LYS A 73 5.26 -2.78 -3.37
C LYS A 73 3.84 -2.41 -3.82
N ILE A 74 3.13 -1.63 -3.07
CA ILE A 74 1.74 -1.27 -3.49
C ILE A 74 1.76 -0.04 -4.39
N LEU A 75 2.20 1.08 -3.88
CA LEU A 75 2.22 2.31 -4.72
C LEU A 75 2.88 2.00 -6.07
N ALA A 76 3.69 0.98 -6.11
CA ALA A 76 4.34 0.61 -7.39
C ALA A 76 3.33 -0.13 -8.28
N GLU A 77 2.85 -1.25 -7.81
CA GLU A 77 1.83 -2.00 -8.59
C GLU A 77 0.57 -1.16 -8.77
N ALA A 78 0.12 -0.52 -7.73
CA ALA A 78 -1.11 0.32 -7.86
C ALA A 78 -0.94 1.30 -9.02
N ALA A 79 0.13 2.03 -9.04
CA ALA A 79 0.35 2.99 -10.16
C ALA A 79 0.28 2.25 -11.50
N LYS A 80 0.54 0.97 -11.49
CA LYS A 80 0.48 0.19 -12.77
C LYS A 80 -0.25 -1.14 -12.55
N LEU A 81 -1.37 -1.13 -11.87
CA LEU A 81 -2.09 -2.42 -11.65
C LEU A 81 -3.53 -2.21 -11.13
N VAL A 82 -3.91 -1.01 -10.76
CA VAL A 82 -5.29 -0.81 -10.25
C VAL A 82 -6.34 -0.73 -11.38
N PRO A 83 -5.93 -0.37 -12.59
CA PRO A 83 -6.91 -0.28 -13.70
C PRO A 83 -7.22 -1.69 -14.24
N MET A 84 -6.55 -2.69 -13.73
CA MET A 84 -6.81 -4.07 -14.20
C MET A 84 -5.77 -5.03 -13.61
N GLY A 85 -5.76 -6.26 -14.05
CA GLY A 85 -4.76 -7.24 -13.52
C GLY A 85 -5.04 -8.62 -14.10
N GLU A 16 12.00 6.19 -6.55
CA GLU A 16 10.87 6.92 -7.19
C GLU A 16 9.53 6.37 -6.67
N GLU A 17 8.51 7.19 -6.60
CA GLU A 17 7.20 6.70 -6.10
C GLU A 17 6.17 7.84 -6.13
N GLU A 18 5.15 7.76 -5.32
CA GLU A 18 4.10 8.82 -5.27
C GLU A 18 3.82 9.38 -6.67
N SER A 19 3.17 8.62 -7.51
CA SER A 19 2.86 9.12 -8.88
C SER A 19 1.34 9.31 -9.04
N PHE A 20 0.91 9.82 -10.17
CA PHE A 20 -0.55 10.03 -10.39
C PHE A 20 -1.35 8.82 -9.89
N GLY A 21 -2.52 9.06 -9.36
CA GLY A 21 -3.35 7.92 -8.85
C GLY A 21 -3.69 8.14 -7.38
N PRO A 22 -4.93 7.90 -7.04
CA PRO A 22 -5.40 8.08 -5.66
C PRO A 22 -5.02 6.86 -4.79
N GLN A 23 -4.21 5.98 -5.33
CA GLN A 23 -3.78 4.78 -4.55
C GLN A 23 -4.96 3.88 -4.21
N PRO A 24 -5.86 3.72 -5.13
CA PRO A 24 -7.01 2.83 -4.89
C PRO A 24 -6.51 1.40 -4.82
N ILE A 25 -5.68 1.13 -3.85
CA ILE A 25 -5.12 -0.24 -3.71
C ILE A 25 -6.18 -1.18 -3.17
N SER A 26 -7.36 -0.66 -2.95
CA SER A 26 -8.48 -1.49 -2.40
C SER A 26 -8.38 -2.95 -2.88
N ARG A 27 -8.59 -3.20 -4.13
CA ARG A 27 -8.52 -4.61 -4.64
C ARG A 27 -7.06 -5.06 -4.82
N LEU A 28 -6.13 -4.15 -4.86
CA LEU A 28 -4.71 -4.54 -5.04
C LEU A 28 -4.20 -5.39 -3.87
N GLU A 29 -3.95 -4.78 -2.74
CA GLU A 29 -3.43 -5.55 -1.58
C GLU A 29 -4.55 -6.27 -0.82
N GLN A 30 -5.75 -5.76 -0.84
CA GLN A 30 -6.85 -6.45 -0.11
C GLN A 30 -7.15 -7.79 -0.77
N CYS A 31 -6.97 -7.88 -2.06
CA CYS A 31 -7.25 -9.16 -2.76
C CYS A 31 -6.08 -10.12 -2.53
N GLY A 32 -4.98 -9.60 -2.04
CA GLY A 32 -3.82 -10.48 -1.78
C GLY A 32 -2.62 -10.08 -2.64
N ILE A 33 -2.13 -8.88 -2.51
CA ILE A 33 -0.95 -8.49 -3.32
C ILE A 33 0.28 -9.11 -2.65
N ASN A 34 1.31 -8.35 -2.43
CA ASN A 34 2.53 -8.91 -1.77
C ASN A 34 2.28 -9.05 -0.26
N ALA A 35 3.32 -9.16 0.53
CA ALA A 35 3.11 -9.29 2.01
C ALA A 35 2.08 -8.26 2.48
N ASN A 36 1.94 -7.18 1.75
CA ASN A 36 0.97 -6.13 2.15
C ASN A 36 -0.33 -6.74 2.65
N ASP A 37 -1.07 -7.39 1.80
CA ASP A 37 -2.36 -8.00 2.20
C ASP A 37 -2.37 -8.32 3.70
N VAL A 38 -1.72 -9.39 4.05
CA VAL A 38 -1.64 -9.80 5.49
C VAL A 38 -1.04 -8.70 6.37
N LYS A 39 0.12 -8.20 6.03
CA LYS A 39 0.75 -7.16 6.90
C LYS A 39 0.07 -5.80 6.76
N LYS A 40 0.18 -5.19 5.61
CA LYS A 40 -0.41 -3.84 5.41
C LYS A 40 -1.83 -3.72 5.99
N LEU A 41 -2.81 -4.35 5.38
CA LEU A 41 -4.22 -4.17 5.88
C LEU A 41 -4.58 -4.92 7.17
N GLU A 42 -3.85 -5.92 7.57
CA GLU A 42 -4.30 -6.63 8.81
C GLU A 42 -3.82 -5.93 10.09
N GLU A 43 -2.81 -5.11 10.02
CA GLU A 43 -2.35 -4.43 11.27
C GLU A 43 -3.17 -3.15 11.49
N ALA A 44 -3.76 -2.63 10.46
CA ALA A 44 -4.59 -1.40 10.59
C ALA A 44 -5.72 -1.43 9.58
N GLY A 45 -5.39 -1.70 8.35
CA GLY A 45 -6.45 -1.77 7.31
C GLY A 45 -6.18 -0.72 6.22
N PHE A 46 -4.97 -0.62 5.73
CA PHE A 46 -4.70 0.39 4.65
C PHE A 46 -5.08 -0.18 3.28
N HIS A 47 -5.90 -1.20 3.26
CA HIS A 47 -6.30 -1.82 1.96
C HIS A 47 -7.11 -0.83 1.11
N THR A 48 -6.56 0.31 0.81
CA THR A 48 -7.29 1.31 -0.02
C THR A 48 -6.45 2.57 -0.19
N VAL A 49 -6.98 3.56 -0.86
CA VAL A 49 -6.24 4.83 -1.08
C VAL A 49 -5.37 5.18 0.14
N GLU A 50 -5.78 4.78 1.32
CA GLU A 50 -4.98 5.09 2.53
C GLU A 50 -3.49 4.88 2.26
N ALA A 51 -3.17 4.03 1.32
CA ALA A 51 -1.73 3.78 0.99
C ALA A 51 -0.92 5.07 1.05
N VAL A 52 -1.54 6.19 0.77
CA VAL A 52 -0.81 7.48 0.81
C VAL A 52 -1.43 8.42 1.85
N ALA A 53 -0.66 9.35 2.34
CA ALA A 53 -1.20 10.30 3.37
C ALA A 53 -1.55 9.55 4.66
N TYR A 54 -2.25 10.19 5.55
CA TYR A 54 -2.62 9.53 6.83
C TYR A 54 -1.35 9.06 7.57
N ALA A 55 -0.87 7.90 7.24
CA ALA A 55 0.36 7.39 7.91
C ALA A 55 1.50 7.22 6.90
N PRO A 56 2.70 7.43 7.37
CA PRO A 56 3.89 7.29 6.49
C PRO A 56 4.16 5.81 6.20
N LYS A 57 4.25 5.46 4.94
CA LYS A 57 4.49 4.04 4.56
C LYS A 57 5.48 3.37 5.52
N LYS A 58 6.37 4.11 6.11
CA LYS A 58 7.37 3.49 7.04
C LYS A 58 6.76 3.25 8.42
N GLU A 59 5.70 3.93 8.74
CA GLU A 59 5.07 3.73 10.08
C GLU A 59 4.14 2.52 10.03
N LEU A 60 3.41 2.37 8.97
CA LEU A 60 2.52 1.20 8.84
C LEU A 60 3.42 -0.04 8.69
N ILE A 61 4.17 -0.13 7.63
CA ILE A 61 5.06 -1.31 7.48
C ILE A 61 5.77 -1.55 8.80
N ASN A 62 5.95 -0.51 9.57
CA ASN A 62 6.62 -0.69 10.89
C ASN A 62 5.94 -1.84 11.63
N ILE A 63 4.74 -2.23 11.22
CA ILE A 63 4.05 -3.35 11.91
C ILE A 63 4.98 -4.56 12.04
N LYS A 64 4.76 -5.59 11.30
CA LYS A 64 5.65 -6.77 11.39
C LYS A 64 7.11 -6.30 11.35
N GLY A 65 7.35 -5.16 10.76
CA GLY A 65 8.73 -4.62 10.69
C GLY A 65 9.18 -4.47 9.24
N ILE A 66 8.29 -4.19 8.33
CA ILE A 66 8.72 -4.04 6.91
C ILE A 66 9.13 -2.59 6.60
N SER A 67 8.79 -2.13 5.42
CA SER A 67 9.13 -0.74 5.00
C SER A 67 8.66 -0.55 3.57
N GLU A 68 9.45 0.06 2.73
CA GLU A 68 9.04 0.21 1.32
C GLU A 68 8.80 -1.19 0.75
N ALA A 69 9.31 -2.20 1.42
CA ALA A 69 9.12 -3.60 0.96
C ALA A 69 7.70 -3.83 0.46
N LYS A 70 6.77 -4.01 1.35
CA LYS A 70 5.36 -4.23 0.90
C LYS A 70 4.67 -2.90 0.62
N ALA A 71 4.86 -1.92 1.46
CA ALA A 71 4.18 -0.61 1.19
C ALA A 71 4.53 -0.09 -0.18
N ASP A 72 5.78 0.19 -0.42
CA ASP A 72 6.18 0.71 -1.76
C ASP A 72 5.75 -0.24 -2.87
N LYS A 73 6.04 -1.51 -2.72
CA LYS A 73 5.63 -2.48 -3.77
C LYS A 73 4.20 -2.17 -4.25
N ILE A 74 3.37 -1.64 -3.40
CA ILE A 74 1.99 -1.32 -3.83
C ILE A 74 1.96 0.02 -4.56
N LEU A 75 2.33 1.08 -3.90
CA LEU A 75 2.33 2.42 -4.55
C LEU A 75 2.88 2.31 -5.98
N ALA A 76 3.72 1.34 -6.23
CA ALA A 76 4.28 1.17 -7.60
C ALA A 76 3.27 0.42 -8.47
N GLU A 77 2.88 -0.76 -8.06
CA GLU A 77 1.89 -1.52 -8.87
C GLU A 77 0.52 -0.86 -8.82
N ALA A 78 0.24 -0.16 -7.76
CA ALA A 78 -1.08 0.52 -7.64
C ALA A 78 -1.11 1.77 -8.53
N ALA A 79 0.00 2.45 -8.64
CA ALA A 79 0.04 3.67 -9.49
C ALA A 79 0.13 3.27 -10.97
N LYS A 80 0.48 2.04 -11.23
CA LYS A 80 0.58 1.59 -12.65
C LYS A 80 -0.61 0.69 -13.00
N LEU A 81 -1.48 0.43 -12.05
CA LEU A 81 -2.65 -0.44 -12.32
C LEU A 81 -3.95 0.39 -12.26
N VAL A 82 -4.14 1.13 -11.20
CA VAL A 82 -5.38 1.95 -11.09
C VAL A 82 -5.02 3.44 -10.99
N PRO A 83 -4.54 3.96 -12.09
CA PRO A 83 -4.14 5.39 -12.12
C PRO A 83 -5.37 6.30 -12.20
N MET A 84 -6.16 6.15 -13.23
CA MET A 84 -7.38 6.99 -13.38
C MET A 84 -8.55 6.40 -12.57
N GLY A 85 -8.40 5.19 -12.11
CA GLY A 85 -9.50 4.57 -11.31
C GLY A 85 -10.59 4.06 -12.27
N GLU A 16 12.57 7.55 -4.95
CA GLU A 16 12.37 7.23 -3.50
C GLU A 16 10.92 7.47 -3.10
N GLU A 17 10.21 6.42 -2.77
CA GLU A 17 8.78 6.59 -2.36
C GLU A 17 8.01 7.36 -3.44
N GLU A 18 7.25 6.68 -4.25
CA GLU A 18 6.47 7.40 -5.31
C GLU A 18 4.98 7.07 -5.18
N SER A 19 4.13 8.00 -5.53
CA SER A 19 2.66 7.74 -5.42
C SER A 19 1.93 8.53 -6.51
N PHE A 20 0.70 8.18 -6.80
CA PHE A 20 -0.06 8.92 -7.83
C PHE A 20 -0.99 9.94 -7.19
N GLY A 21 -1.54 9.63 -6.05
CA GLY A 21 -2.44 10.60 -5.38
C GLY A 21 -3.51 9.85 -4.59
N PRO A 22 -4.38 9.19 -5.32
CA PRO A 22 -5.48 8.42 -4.69
C PRO A 22 -4.97 7.05 -4.23
N GLN A 23 -4.45 6.27 -5.12
CA GLN A 23 -3.95 4.92 -4.73
C GLN A 23 -5.04 4.11 -4.06
N PRO A 24 -6.12 3.98 -4.78
CA PRO A 24 -7.25 3.20 -4.27
C PRO A 24 -6.83 1.73 -4.28
N ILE A 25 -5.80 1.41 -3.54
CA ILE A 25 -5.31 0.02 -3.51
C ILE A 25 -6.34 -0.89 -2.84
N SER A 26 -7.57 -0.80 -3.28
CA SER A 26 -8.63 -1.64 -2.68
C SER A 26 -8.41 -3.10 -3.08
N ARG A 27 -8.58 -3.41 -4.33
CA ARG A 27 -8.39 -4.80 -4.80
C ARG A 27 -6.89 -5.13 -4.89
N LEU A 28 -6.07 -4.12 -4.89
CA LEU A 28 -4.59 -4.36 -4.99
C LEU A 28 -4.09 -5.22 -3.83
N GLU A 29 -3.92 -4.64 -2.68
CA GLU A 29 -3.40 -5.41 -1.51
C GLU A 29 -4.54 -6.14 -0.78
N GLN A 30 -5.74 -5.64 -0.84
CA GLN A 30 -6.83 -6.35 -0.12
C GLN A 30 -7.12 -7.67 -0.81
N CYS A 31 -6.96 -7.73 -2.10
CA CYS A 31 -7.21 -8.99 -2.84
C CYS A 31 -6.01 -9.92 -2.67
N GLY A 32 -4.96 -9.45 -2.05
CA GLY A 32 -3.77 -10.31 -1.85
C GLY A 32 -2.64 -9.86 -2.77
N ILE A 33 -2.08 -8.69 -2.55
CA ILE A 33 -0.96 -8.26 -3.41
C ILE A 33 0.31 -8.97 -2.93
N ASN A 34 1.34 -8.26 -2.63
CA ASN A 34 2.59 -8.91 -2.13
C ASN A 34 2.44 -9.20 -0.63
N ALA A 35 3.36 -8.77 0.19
CA ALA A 35 3.24 -9.03 1.64
C ALA A 35 2.28 -8.03 2.28
N ASN A 36 1.99 -6.96 1.61
CA ASN A 36 1.10 -5.93 2.18
C ASN A 36 -0.18 -6.53 2.76
N ASP A 37 -1.07 -6.97 1.92
CA ASP A 37 -2.36 -7.53 2.40
C ASP A 37 -2.23 -8.07 3.82
N VAL A 38 -1.42 -9.08 3.98
CA VAL A 38 -1.22 -9.67 5.33
C VAL A 38 -0.96 -8.60 6.39
N LYS A 39 0.19 -7.98 6.37
CA LYS A 39 0.51 -6.99 7.44
C LYS A 39 0.04 -5.58 7.13
N LYS A 40 0.20 -5.12 5.92
CA LYS A 40 -0.23 -3.72 5.61
C LYS A 40 -1.68 -3.49 6.04
N LEU A 41 -2.59 -4.25 5.51
CA LEU A 41 -4.02 -4.02 5.87
C LEU A 41 -4.44 -4.71 7.18
N GLU A 42 -3.69 -5.64 7.69
CA GLU A 42 -4.16 -6.31 8.93
C GLU A 42 -4.04 -5.43 10.19
N GLU A 43 -2.86 -5.02 10.57
CA GLU A 43 -2.75 -4.20 11.81
C GLU A 43 -3.53 -2.89 11.64
N ALA A 44 -3.69 -2.44 10.43
CA ALA A 44 -4.43 -1.18 10.21
C ALA A 44 -5.61 -1.42 9.25
N GLY A 45 -5.31 -1.62 8.00
CA GLY A 45 -6.40 -1.87 7.02
C GLY A 45 -6.33 -0.82 5.91
N PHE A 46 -5.18 -0.64 5.32
CA PHE A 46 -5.08 0.38 4.20
C PHE A 46 -5.59 -0.20 2.88
N HIS A 47 -6.56 -1.07 2.93
CA HIS A 47 -7.09 -1.67 1.66
C HIS A 47 -7.75 -0.61 0.77
N THR A 48 -7.06 0.45 0.43
CA THR A 48 -7.68 1.49 -0.45
C THR A 48 -6.79 2.75 -0.52
N VAL A 49 -7.33 3.82 -1.08
CA VAL A 49 -6.56 5.09 -1.20
C VAL A 49 -5.65 5.32 0.01
N GLU A 50 -6.01 4.81 1.15
CA GLU A 50 -5.16 4.99 2.37
C GLU A 50 -3.70 4.65 2.06
N ALA A 51 -3.44 3.93 1.00
CA ALA A 51 -2.03 3.57 0.67
C ALA A 51 -1.10 4.76 0.91
N VAL A 52 -1.59 5.95 0.74
CA VAL A 52 -0.73 7.15 0.96
C VAL A 52 -1.57 8.35 1.38
N ALA A 53 -2.45 8.17 2.33
CA ALA A 53 -3.30 9.31 2.77
C ALA A 53 -3.87 9.03 4.18
N TYR A 54 -3.08 8.47 5.04
CA TYR A 54 -3.57 8.17 6.42
C TYR A 54 -2.40 8.12 7.41
N ALA A 55 -1.32 7.52 7.01
CA ALA A 55 -0.13 7.44 7.92
C ALA A 55 1.14 7.21 7.12
N PRO A 56 2.26 7.49 7.74
CA PRO A 56 3.57 7.30 7.07
C PRO A 56 3.83 5.82 6.87
N LYS A 57 3.72 5.36 5.65
CA LYS A 57 3.94 3.92 5.35
C LYS A 57 5.07 3.35 6.19
N LYS A 58 6.13 4.09 6.38
CA LYS A 58 7.26 3.57 7.20
C LYS A 58 6.76 3.12 8.59
N GLU A 59 5.81 3.82 9.13
CA GLU A 59 5.30 3.44 10.47
C GLU A 59 4.24 2.34 10.33
N LEU A 60 3.41 2.39 9.33
CA LEU A 60 2.42 1.29 9.17
C LEU A 60 3.22 0.02 8.94
N ILE A 61 4.04 0.02 7.92
CA ILE A 61 4.86 -1.16 7.62
C ILE A 61 5.57 -1.62 8.88
N ASN A 62 5.81 -0.71 9.78
CA ASN A 62 6.47 -1.08 11.05
C ASN A 62 5.84 -2.37 11.58
N ILE A 63 4.65 -2.72 11.13
CA ILE A 63 4.02 -3.97 11.63
C ILE A 63 5.06 -5.09 11.69
N LYS A 64 5.28 -5.72 10.59
CA LYS A 64 6.29 -6.82 10.55
C LYS A 64 7.67 -6.25 10.20
N GLY A 65 7.93 -5.03 10.57
CA GLY A 65 9.26 -4.42 10.26
C GLY A 65 9.57 -4.63 8.78
N ILE A 66 8.73 -4.16 7.91
CA ILE A 66 8.96 -4.34 6.45
C ILE A 66 9.53 -3.06 5.82
N SER A 67 8.80 -2.01 5.98
CA SER A 67 9.18 -0.69 5.41
C SER A 67 8.87 -0.63 3.91
N GLU A 68 9.69 0.03 3.16
CA GLU A 68 9.45 0.15 1.69
C GLU A 68 9.23 -1.22 1.06
N ALA A 69 9.61 -2.28 1.73
CA ALA A 69 9.41 -3.64 1.15
C ALA A 69 8.02 -3.80 0.53
N LYS A 70 7.01 -3.95 1.35
CA LYS A 70 5.63 -4.11 0.79
C LYS A 70 5.00 -2.74 0.56
N ALA A 71 5.19 -1.82 1.47
CA ALA A 71 4.59 -0.47 1.27
C ALA A 71 4.85 0.01 -0.15
N ASP A 72 6.09 0.21 -0.48
CA ASP A 72 6.42 0.68 -1.86
C ASP A 72 5.98 -0.37 -2.88
N LYS A 73 6.15 -1.62 -2.55
CA LYS A 73 5.72 -2.69 -3.50
C LYS A 73 4.28 -2.43 -3.96
N ILE A 74 3.48 -1.82 -3.14
CA ILE A 74 2.07 -1.55 -3.55
C ILE A 74 2.01 -0.22 -4.32
N LEU A 75 2.56 0.81 -3.78
CA LEU A 75 2.54 2.13 -4.49
C LEU A 75 2.89 1.93 -5.96
N ALA A 76 3.68 0.94 -6.26
CA ALA A 76 4.06 0.71 -7.68
C ALA A 76 3.01 -0.18 -8.34
N GLU A 77 2.61 -1.23 -7.68
CA GLU A 77 1.57 -2.13 -8.27
C GLU A 77 0.26 -1.37 -8.42
N ALA A 78 0.01 -0.41 -7.57
CA ALA A 78 -1.26 0.36 -7.66
C ALA A 78 -1.18 1.38 -8.80
N ALA A 79 -0.19 2.24 -8.76
CA ALA A 79 -0.05 3.27 -9.83
C ALA A 79 0.03 2.61 -11.21
N LYS A 80 0.32 1.33 -11.26
CA LYS A 80 0.43 0.64 -12.57
C LYS A 80 -0.88 -0.08 -12.91
N LEU A 81 -1.49 -0.70 -11.93
CA LEU A 81 -2.77 -1.44 -12.20
C LEU A 81 -3.96 -0.49 -12.08
N VAL A 82 -3.83 0.59 -11.35
CA VAL A 82 -4.97 1.54 -11.21
C VAL A 82 -4.53 2.96 -11.56
N PRO A 83 -3.97 3.12 -12.72
CA PRO A 83 -3.49 4.44 -13.18
C PRO A 83 -4.68 5.34 -13.53
N MET A 84 -5.40 5.80 -12.53
CA MET A 84 -6.57 6.68 -12.82
C MET A 84 -6.79 7.65 -11.66
N GLY A 85 -6.55 8.92 -11.88
CA GLY A 85 -6.75 9.92 -10.78
C GLY A 85 -7.72 11.00 -11.25
N GLU A 16 10.84 10.47 -0.51
CA GLU A 16 9.79 11.39 -1.04
C GLU A 16 8.60 10.58 -1.55
N GLU A 17 8.63 9.28 -1.40
CA GLU A 17 7.50 8.44 -1.88
C GLU A 17 7.18 8.77 -3.34
N GLU A 18 6.17 8.16 -3.89
CA GLU A 18 5.81 8.45 -5.31
C GLU A 18 4.63 9.41 -5.37
N SER A 19 3.92 9.44 -6.49
CA SER A 19 2.76 10.37 -6.61
C SER A 19 1.76 10.12 -5.47
N PHE A 20 0.67 10.83 -5.48
CA PHE A 20 -0.35 10.63 -4.41
C PHE A 20 -1.76 10.81 -4.99
N GLY A 21 -2.17 9.91 -5.84
CA GLY A 21 -3.52 10.02 -6.44
C GLY A 21 -4.55 9.31 -5.56
N PRO A 22 -5.40 8.54 -6.18
CA PRO A 22 -6.44 7.79 -5.43
C PRO A 22 -5.82 6.60 -4.70
N GLN A 23 -4.76 6.06 -5.21
CA GLN A 23 -4.11 4.90 -4.53
C GLN A 23 -5.14 3.86 -4.11
N PRO A 24 -6.00 3.54 -5.04
CA PRO A 24 -7.03 2.52 -4.76
C PRO A 24 -6.33 1.16 -4.64
N ILE A 25 -5.46 1.04 -3.68
CA ILE A 25 -4.72 -0.23 -3.49
C ILE A 25 -5.67 -1.28 -2.94
N SER A 26 -6.86 -0.89 -2.64
CA SER A 26 -7.85 -1.86 -2.09
C SER A 26 -7.81 -3.17 -2.90
N ARG A 27 -8.32 -3.15 -4.09
CA ARG A 27 -8.32 -4.39 -4.92
C ARG A 27 -6.91 -4.98 -5.05
N LEU A 28 -5.89 -4.16 -4.98
CA LEU A 28 -4.50 -4.69 -5.11
C LEU A 28 -4.07 -5.47 -3.87
N GLU A 29 -3.72 -4.78 -2.82
CA GLU A 29 -3.25 -5.48 -1.59
C GLU A 29 -4.41 -6.15 -0.85
N GLN A 30 -5.61 -5.65 -0.97
CA GLN A 30 -6.74 -6.30 -0.25
C GLN A 30 -7.11 -7.60 -0.96
N CYS A 31 -6.96 -7.65 -2.25
CA CYS A 31 -7.30 -8.91 -2.98
C CYS A 31 -6.15 -9.90 -2.78
N GLY A 32 -5.02 -9.41 -2.35
CA GLY A 32 -3.87 -10.33 -2.12
C GLY A 32 -2.66 -9.90 -2.95
N ILE A 33 -2.04 -8.78 -2.63
CA ILE A 33 -0.85 -8.37 -3.42
C ILE A 33 0.37 -9.06 -2.79
N ASN A 34 1.42 -8.34 -2.58
CA ASN A 34 2.63 -8.95 -1.96
C ASN A 34 2.34 -9.26 -0.48
N ALA A 35 3.27 -9.00 0.40
CA ALA A 35 3.03 -9.27 1.85
C ALA A 35 2.11 -8.20 2.43
N ASN A 36 1.96 -7.10 1.76
CA ASN A 36 1.10 -6.01 2.29
C ASN A 36 -0.19 -6.56 2.87
N ASP A 37 -0.99 -7.17 2.04
CA ASP A 37 -2.30 -7.72 2.49
C ASP A 37 -2.27 -8.06 3.98
N VAL A 38 -1.66 -9.15 4.33
CA VAL A 38 -1.59 -9.58 5.75
C VAL A 38 -0.96 -8.53 6.66
N LYS A 39 0.21 -8.04 6.36
CA LYS A 39 0.84 -7.06 7.27
C LYS A 39 0.23 -5.67 7.10
N LYS A 40 0.46 -5.07 5.98
CA LYS A 40 -0.05 -3.69 5.71
C LYS A 40 -1.45 -3.46 6.28
N LEU A 41 -2.45 -4.10 5.73
CA LEU A 41 -3.85 -3.82 6.17
C LEU A 41 -4.35 -4.64 7.36
N GLU A 42 -3.77 -5.76 7.69
CA GLU A 42 -4.37 -6.53 8.81
C GLU A 42 -4.17 -5.87 10.17
N GLU A 43 -3.08 -5.20 10.42
CA GLU A 43 -2.94 -4.55 11.74
C GLU A 43 -3.84 -3.30 11.77
N ALA A 44 -3.77 -2.51 10.74
CA ALA A 44 -4.63 -1.28 10.69
C ALA A 44 -5.76 -1.47 9.68
N GLY A 45 -5.43 -1.54 8.42
CA GLY A 45 -6.50 -1.72 7.39
C GLY A 45 -6.33 -0.69 6.28
N PHE A 46 -5.14 -0.52 5.76
CA PHE A 46 -4.96 0.48 4.65
C PHE A 46 -5.30 -0.17 3.31
N HIS A 47 -6.01 -1.27 3.32
CA HIS A 47 -6.35 -1.94 2.02
C HIS A 47 -7.25 -1.07 1.16
N THR A 48 -6.75 0.07 0.73
CA THR A 48 -7.57 0.97 -0.16
C THR A 48 -6.91 2.34 -0.30
N VAL A 49 -7.53 3.23 -1.03
CA VAL A 49 -6.98 4.61 -1.24
C VAL A 49 -6.25 5.10 0.03
N GLU A 50 -6.67 4.65 1.18
CA GLU A 50 -6.01 5.07 2.45
C GLU A 50 -4.49 5.20 2.27
N ALA A 51 -3.91 4.48 1.34
CA ALA A 51 -2.43 4.59 1.14
C ALA A 51 -2.06 5.99 0.66
N VAL A 52 -2.31 6.99 1.45
CA VAL A 52 -1.97 8.38 1.04
C VAL A 52 -0.98 8.99 2.05
N ALA A 53 -1.25 10.17 2.54
CA ALA A 53 -0.32 10.80 3.52
C ALA A 53 -0.71 10.41 4.95
N TYR A 54 -1.79 9.70 5.10
CA TYR A 54 -2.22 9.27 6.47
C TYR A 54 -1.00 8.83 7.28
N ALA A 55 -0.19 7.97 6.74
CA ALA A 55 1.01 7.51 7.50
C ALA A 55 2.17 7.24 6.52
N PRO A 56 3.37 7.39 7.03
CA PRO A 56 4.58 7.18 6.20
C PRO A 56 4.75 5.69 5.92
N LYS A 57 4.97 5.33 4.69
CA LYS A 57 5.14 3.89 4.34
C LYS A 57 6.07 3.20 5.35
N LYS A 58 6.95 3.94 5.97
CA LYS A 58 7.89 3.33 6.96
C LYS A 58 7.17 3.04 8.28
N GLU A 59 6.20 3.82 8.63
CA GLU A 59 5.48 3.59 9.92
C GLU A 59 4.50 2.44 9.77
N LEU A 60 3.67 2.48 8.77
CA LEU A 60 2.70 1.38 8.59
C LEU A 60 3.48 0.05 8.52
N ILE A 61 4.38 -0.06 7.57
CA ILE A 61 5.15 -1.33 7.43
C ILE A 61 5.74 -1.72 8.78
N ASN A 62 6.01 -0.77 9.63
CA ASN A 62 6.56 -1.13 10.95
C ASN A 62 5.67 -2.22 11.58
N ILE A 63 4.48 -2.43 11.06
CA ILE A 63 3.62 -3.49 11.64
C ILE A 63 4.45 -4.75 11.86
N LYS A 64 4.51 -5.59 10.89
CA LYS A 64 5.32 -6.83 11.02
C LYS A 64 6.80 -6.47 11.09
N GLY A 65 7.16 -5.31 10.63
CA GLY A 65 8.58 -4.88 10.66
C GLY A 65 9.13 -4.73 9.24
N ILE A 66 8.30 -4.42 8.29
CA ILE A 66 8.81 -4.27 6.90
C ILE A 66 9.27 -2.83 6.65
N SER A 67 8.96 -2.31 5.49
CA SER A 67 9.36 -0.92 5.15
C SER A 67 8.88 -0.65 3.71
N GLU A 68 9.69 -0.04 2.90
CA GLU A 68 9.28 0.19 1.50
C GLU A 68 9.00 -1.17 0.86
N ALA A 69 9.47 -2.23 1.48
CA ALA A 69 9.26 -3.60 0.95
C ALA A 69 7.83 -3.78 0.42
N LYS A 70 6.90 -4.00 1.30
CA LYS A 70 5.50 -4.19 0.86
C LYS A 70 4.81 -2.84 0.62
N ALA A 71 5.04 -1.89 1.48
CA ALA A 71 4.39 -0.57 1.27
C ALA A 71 4.63 -0.07 -0.15
N ASP A 72 5.84 0.32 -0.45
CA ASP A 72 6.15 0.82 -1.82
C ASP A 72 5.65 -0.18 -2.86
N LYS A 73 5.94 -1.44 -2.68
CA LYS A 73 5.48 -2.46 -3.66
C LYS A 73 4.02 -2.20 -4.05
N ILE A 74 3.25 -1.61 -3.17
CA ILE A 74 1.83 -1.33 -3.49
C ILE A 74 1.69 -0.01 -4.26
N LEU A 75 2.31 1.03 -3.79
CA LEU A 75 2.21 2.34 -4.50
C LEU A 75 2.79 2.23 -5.91
N ALA A 76 3.56 1.22 -6.17
CA ALA A 76 4.14 1.06 -7.53
C ALA A 76 3.14 0.34 -8.44
N GLU A 77 2.81 -0.88 -8.11
CA GLU A 77 1.84 -1.63 -8.95
C GLU A 77 0.50 -0.90 -9.01
N ALA A 78 0.13 -0.22 -7.95
CA ALA A 78 -1.16 0.52 -7.96
C ALA A 78 -1.08 1.74 -8.89
N ALA A 79 0.00 2.46 -8.82
CA ALA A 79 0.15 3.67 -9.69
C ALA A 79 -0.01 3.30 -11.17
N LYS A 80 0.32 2.09 -11.53
CA LYS A 80 0.20 1.69 -12.97
C LYS A 80 -0.88 0.62 -13.17
N LEU A 81 -1.65 0.32 -12.17
CA LEU A 81 -2.72 -0.71 -12.34
C LEU A 81 -4.11 -0.07 -12.32
N VAL A 82 -4.34 0.85 -11.43
CA VAL A 82 -5.68 1.50 -11.35
C VAL A 82 -5.55 3.02 -11.45
N PRO A 83 -5.12 3.47 -12.60
CA PRO A 83 -4.96 4.92 -12.84
C PRO A 83 -6.32 5.58 -13.06
N MET A 84 -7.34 4.79 -13.25
CA MET A 84 -8.71 5.36 -13.48
C MET A 84 -9.75 4.57 -12.69
N GLY A 85 -10.99 4.59 -13.12
CA GLY A 85 -12.05 3.85 -12.39
C GLY A 85 -13.14 4.81 -11.95
N GLU A 16 9.96 4.56 -3.76
CA GLU A 16 10.69 5.71 -3.16
C GLU A 16 9.81 6.96 -3.15
N GLU A 17 8.83 7.00 -2.30
CA GLU A 17 7.94 8.19 -2.24
C GLU A 17 7.41 8.52 -3.65
N GLU A 18 6.56 7.68 -4.18
CA GLU A 18 6.02 7.95 -5.54
C GLU A 18 5.04 9.13 -5.49
N SER A 19 4.95 9.89 -6.56
CA SER A 19 4.02 11.06 -6.56
C SER A 19 3.08 10.98 -7.76
N PHE A 20 2.09 11.83 -7.83
CA PHE A 20 1.15 11.80 -8.97
C PHE A 20 0.47 10.43 -9.06
N GLY A 21 -0.82 10.39 -8.94
CA GLY A 21 -1.54 9.08 -9.00
C GLY A 21 -2.09 8.73 -7.62
N PRO A 22 -3.35 8.37 -7.59
CA PRO A 22 -4.00 8.00 -6.31
C PRO A 22 -3.49 6.65 -5.82
N GLN A 23 -4.08 6.11 -4.79
CA GLN A 23 -3.59 4.79 -4.28
C GLN A 23 -4.73 3.89 -3.84
N PRO A 24 -5.69 3.72 -4.70
CA PRO A 24 -6.82 2.83 -4.39
C PRO A 24 -6.30 1.40 -4.35
N ILE A 25 -5.36 1.14 -3.46
CA ILE A 25 -4.78 -0.22 -3.37
C ILE A 25 -5.83 -1.19 -2.85
N SER A 26 -6.96 -0.68 -2.47
CA SER A 26 -8.04 -1.54 -1.93
C SER A 26 -8.10 -2.88 -2.68
N ARG A 27 -8.46 -2.85 -3.94
CA ARG A 27 -8.55 -4.13 -4.71
C ARG A 27 -7.17 -4.77 -4.92
N LEU A 28 -6.14 -3.98 -5.06
CA LEU A 28 -4.78 -4.55 -5.29
C LEU A 28 -4.32 -5.44 -4.12
N GLU A 29 -4.08 -4.86 -2.97
CA GLU A 29 -3.58 -5.67 -1.83
C GLU A 29 -4.72 -6.39 -1.07
N GLN A 30 -5.86 -5.78 -0.93
CA GLN A 30 -6.95 -6.46 -0.19
C GLN A 30 -7.35 -7.73 -0.94
N CYS A 31 -7.19 -7.74 -2.23
CA CYS A 31 -7.56 -8.95 -3.02
C CYS A 31 -6.43 -9.98 -2.87
N GLY A 32 -5.29 -9.54 -2.41
CA GLY A 32 -4.16 -10.49 -2.23
C GLY A 32 -2.99 -10.10 -3.13
N ILE A 33 -2.41 -8.95 -2.94
CA ILE A 33 -1.26 -8.58 -3.79
C ILE A 33 -0.02 -9.31 -3.25
N ASN A 34 1.04 -8.61 -2.99
CA ASN A 34 2.26 -9.29 -2.45
C ASN A 34 2.18 -9.39 -0.93
N ALA A 35 3.32 -9.39 -0.27
CA ALA A 35 3.32 -9.49 1.23
C ALA A 35 2.35 -8.48 1.84
N ASN A 36 2.00 -7.46 1.10
CA ASN A 36 1.10 -6.43 1.67
C ASN A 36 -0.13 -7.04 2.30
N ASP A 37 -1.04 -7.53 1.51
CA ASP A 37 -2.31 -8.11 2.05
C ASP A 37 -2.11 -8.62 3.47
N VAL A 38 -1.15 -9.47 3.66
CA VAL A 38 -0.88 -10.02 5.01
C VAL A 38 -0.70 -8.91 6.05
N LYS A 39 0.41 -8.23 6.03
CA LYS A 39 0.62 -7.17 7.07
C LYS A 39 0.09 -5.80 6.62
N LYS A 40 0.19 -5.47 5.37
CA LYS A 40 -0.31 -4.14 4.94
C LYS A 40 -1.71 -3.90 5.46
N LEU A 41 -2.63 -4.77 5.17
CA LEU A 41 -4.02 -4.54 5.65
C LEU A 41 -4.24 -5.11 7.05
N GLU A 42 -3.63 -6.21 7.40
CA GLU A 42 -3.85 -6.74 8.77
C GLU A 42 -3.28 -5.77 9.78
N GLU A 43 -2.22 -5.12 9.42
CA GLU A 43 -1.60 -4.13 10.33
C GLU A 43 -2.70 -3.25 10.95
N ALA A 44 -3.27 -2.40 10.15
CA ALA A 44 -4.36 -1.51 10.65
C ALA A 44 -5.58 -1.63 9.74
N GLY A 45 -5.36 -1.93 8.50
CA GLY A 45 -6.48 -2.03 7.54
C GLY A 45 -6.25 -1.02 6.42
N PHE A 46 -5.01 -0.79 6.06
CA PHE A 46 -4.72 0.21 4.97
C PHE A 46 -5.19 -0.29 3.60
N HIS A 47 -5.94 -1.35 3.53
CA HIS A 47 -6.41 -1.87 2.21
C HIS A 47 -7.19 -0.80 1.43
N THR A 48 -6.50 0.21 0.96
CA THR A 48 -7.17 1.30 0.17
C THR A 48 -6.25 2.51 0.08
N VAL A 49 -6.72 3.57 -0.54
CA VAL A 49 -5.91 4.82 -0.70
C VAL A 49 -4.97 5.05 0.49
N GLU A 50 -5.35 4.59 1.66
CA GLU A 50 -4.48 4.78 2.86
C GLU A 50 -2.99 4.65 2.50
N ALA A 51 -2.67 3.90 1.48
CA ALA A 51 -1.24 3.72 1.08
C ALA A 51 -0.47 5.04 1.24
N VAL A 52 -1.12 6.15 1.03
CA VAL A 52 -0.41 7.46 1.18
C VAL A 52 -1.32 8.48 1.85
N ALA A 53 -1.74 8.22 3.06
CA ALA A 53 -2.62 9.19 3.78
C ALA A 53 -2.57 8.95 5.28
N TYR A 54 -3.00 9.91 6.05
CA TYR A 54 -2.99 9.76 7.55
C TYR A 54 -1.57 9.52 8.06
N ALA A 55 -1.03 8.36 7.84
CA ALA A 55 0.35 8.07 8.35
C ALA A 55 1.31 7.74 7.19
N PRO A 56 2.58 7.87 7.47
CA PRO A 56 3.62 7.58 6.45
C PRO A 56 3.77 6.08 6.25
N LYS A 57 3.82 5.64 5.03
CA LYS A 57 3.96 4.18 4.75
C LYS A 57 5.12 3.59 5.57
N LYS A 58 6.10 4.40 5.90
CA LYS A 58 7.24 3.88 6.71
C LYS A 58 6.80 3.63 8.15
N GLU A 59 5.78 4.32 8.57
CA GLU A 59 5.29 4.13 9.96
C GLU A 59 4.38 2.91 10.03
N LEU A 60 3.40 2.87 9.17
CA LEU A 60 2.50 1.69 9.17
C LEU A 60 3.36 0.44 9.06
N ILE A 61 4.09 0.30 8.00
CA ILE A 61 4.95 -0.90 7.84
C ILE A 61 5.70 -1.15 9.13
N ASN A 62 6.05 -0.10 9.82
CA ASN A 62 6.76 -0.29 11.11
C ASN A 62 6.00 -1.28 11.99
N ILE A 63 4.76 -1.59 11.67
CA ILE A 63 4.03 -2.56 12.52
C ILE A 63 4.75 -3.91 12.49
N LYS A 64 4.38 -4.75 11.57
CA LYS A 64 5.03 -6.08 11.47
C LYS A 64 6.55 -5.91 11.35
N GLY A 65 6.99 -4.75 10.94
CA GLY A 65 8.45 -4.51 10.79
C GLY A 65 8.82 -4.42 9.32
N ILE A 66 7.87 -4.14 8.47
CA ILE A 66 8.19 -4.03 7.02
C ILE A 66 8.71 -2.63 6.68
N SER A 67 8.33 -2.10 5.54
CA SER A 67 8.77 -0.74 5.11
C SER A 67 8.55 -0.63 3.61
N GLU A 68 9.54 -0.26 2.85
CA GLU A 68 9.35 -0.19 1.38
C GLU A 68 8.89 -1.56 0.89
N ALA A 69 9.10 -2.58 1.69
CA ALA A 69 8.69 -3.95 1.28
C ALA A 69 7.29 -3.94 0.69
N LYS A 70 6.28 -3.90 1.51
CA LYS A 70 4.90 -3.89 0.99
C LYS A 70 4.43 -2.45 0.72
N ALA A 71 4.69 -1.54 1.62
CA ALA A 71 4.24 -0.13 1.38
C ALA A 71 4.65 0.34 -0.02
N ASP A 72 5.83 0.01 -0.45
CA ASP A 72 6.23 0.44 -1.81
C ASP A 72 5.68 -0.55 -2.84
N LYS A 73 5.51 -1.77 -2.45
CA LYS A 73 4.96 -2.77 -3.40
C LYS A 73 3.58 -2.32 -3.88
N ILE A 74 2.88 -1.54 -3.10
CA ILE A 74 1.53 -1.07 -3.55
C ILE A 74 1.67 0.21 -4.37
N LEU A 75 2.40 1.16 -3.88
CA LEU A 75 2.55 2.44 -4.64
C LEU A 75 3.10 2.14 -6.04
N ALA A 76 3.78 1.03 -6.20
CA ALA A 76 4.32 0.69 -7.54
C ALA A 76 3.27 -0.08 -8.34
N GLU A 77 2.80 -1.17 -7.81
CA GLU A 77 1.78 -1.98 -8.53
C GLU A 77 0.44 -1.23 -8.57
N ALA A 78 0.26 -0.26 -7.73
CA ALA A 78 -1.02 0.50 -7.74
C ALA A 78 -0.96 1.64 -8.77
N ALA A 79 0.17 2.28 -8.87
CA ALA A 79 0.30 3.41 -9.84
C ALA A 79 0.36 2.89 -11.28
N LYS A 80 0.65 1.63 -11.46
CA LYS A 80 0.73 1.08 -12.85
C LYS A 80 -0.39 0.07 -13.11
N LEU A 81 -0.69 -0.77 -12.15
CA LEU A 81 -1.77 -1.78 -12.37
C LEU A 81 -3.15 -1.14 -12.28
N VAL A 82 -3.40 -0.35 -11.27
CA VAL A 82 -4.75 0.29 -11.16
C VAL A 82 -4.61 1.82 -11.14
N PRO A 83 -4.24 2.34 -12.29
CA PRO A 83 -4.07 3.81 -12.43
C PRO A 83 -5.44 4.50 -12.45
N MET A 84 -6.03 4.65 -13.60
CA MET A 84 -7.37 5.32 -13.67
C MET A 84 -8.09 4.92 -14.96
N GLY A 85 -9.36 5.20 -15.05
CA GLY A 85 -10.11 4.83 -16.29
C GLY A 85 -11.58 4.58 -15.92
N GLU A 16 13.11 7.10 -4.04
CA GLU A 16 12.49 7.23 -2.69
C GLU A 16 10.98 7.02 -2.77
N GLU A 17 10.40 6.37 -1.80
CA GLU A 17 8.93 6.14 -1.83
C GLU A 17 8.18 7.47 -1.86
N GLU A 18 7.31 7.66 -2.80
CA GLU A 18 6.55 8.94 -2.88
C GLU A 18 5.05 8.67 -2.76
N SER A 19 4.25 9.33 -3.55
CA SER A 19 2.77 9.12 -3.47
C SER A 19 2.19 8.85 -4.85
N PHE A 20 0.93 9.14 -5.05
CA PHE A 20 0.32 8.89 -6.39
C PHE A 20 -1.05 9.60 -6.48
N GLY A 21 -1.87 9.19 -7.40
CA GLY A 21 -3.21 9.83 -7.55
C GLY A 21 -4.09 9.44 -6.36
N PRO A 22 -5.18 8.76 -6.65
CA PRO A 22 -6.13 8.33 -5.59
C PRO A 22 -5.58 7.10 -4.84
N GLN A 23 -4.79 6.28 -5.49
CA GLN A 23 -4.22 5.08 -4.82
C GLN A 23 -5.32 4.16 -4.28
N PRO A 24 -6.34 3.98 -5.08
CA PRO A 24 -7.43 3.06 -4.68
C PRO A 24 -6.85 1.66 -4.69
N ILE A 25 -5.93 1.40 -3.79
CA ILE A 25 -5.28 0.07 -3.70
C ILE A 25 -6.25 -0.96 -3.15
N SER A 26 -7.49 -0.61 -3.02
CA SER A 26 -8.50 -1.56 -2.48
C SER A 26 -8.22 -2.99 -2.95
N ARG A 27 -8.46 -3.28 -4.20
CA ARG A 27 -8.21 -4.68 -4.69
C ARG A 27 -6.72 -4.96 -4.82
N LEU A 28 -5.89 -3.95 -4.83
CA LEU A 28 -4.42 -4.18 -4.95
C LEU A 28 -3.91 -5.07 -3.81
N GLU A 29 -3.72 -4.51 -2.65
CA GLU A 29 -3.20 -5.32 -1.51
C GLU A 29 -4.33 -6.05 -0.77
N GLN A 30 -5.51 -5.49 -0.73
CA GLN A 30 -6.62 -6.18 -0.01
C GLN A 30 -6.97 -7.49 -0.72
N CYS A 31 -6.86 -7.52 -2.03
CA CYS A 31 -7.19 -8.76 -2.77
C CYS A 31 -6.03 -9.74 -2.63
N GLY A 32 -4.90 -9.27 -2.16
CA GLY A 32 -3.73 -10.16 -1.99
C GLY A 32 -2.57 -9.72 -2.89
N ILE A 33 -1.95 -8.60 -2.61
CA ILE A 33 -0.81 -8.16 -3.46
C ILE A 33 0.45 -8.91 -2.97
N ASN A 34 1.49 -8.21 -2.67
CA ASN A 34 2.73 -8.88 -2.17
C ASN A 34 2.55 -9.23 -0.69
N ALA A 35 3.43 -8.75 0.16
CA ALA A 35 3.28 -9.06 1.62
C ALA A 35 2.29 -8.09 2.27
N ASN A 36 2.09 -6.96 1.66
CA ASN A 36 1.16 -5.97 2.25
C ASN A 36 -0.10 -6.64 2.77
N ASP A 37 -0.83 -7.28 1.90
CA ASP A 37 -2.10 -7.95 2.30
C ASP A 37 -2.07 -8.33 3.79
N VAL A 38 -1.32 -9.33 4.11
CA VAL A 38 -1.22 -9.80 5.53
C VAL A 38 -0.85 -8.70 6.52
N LYS A 39 0.29 -8.09 6.38
CA LYS A 39 0.69 -7.06 7.38
C LYS A 39 0.08 -5.69 7.11
N LYS A 40 0.25 -5.18 5.93
CA LYS A 40 -0.28 -3.83 5.63
C LYS A 40 -1.73 -3.66 6.09
N LEU A 41 -2.64 -4.40 5.51
CA LEU A 41 -4.09 -4.21 5.86
C LEU A 41 -4.57 -4.98 7.09
N GLU A 42 -3.86 -5.98 7.56
CA GLU A 42 -4.44 -6.74 8.69
C GLU A 42 -4.24 -6.08 10.06
N GLU A 43 -3.08 -5.55 10.37
CA GLU A 43 -2.93 -4.95 11.70
C GLU A 43 -3.68 -3.61 11.73
N ALA A 44 -3.93 -3.04 10.59
CA ALA A 44 -4.65 -1.74 10.54
C ALA A 44 -5.78 -1.81 9.52
N GLY A 45 -5.44 -1.78 8.26
CA GLY A 45 -6.51 -1.84 7.22
C GLY A 45 -6.33 -0.72 6.20
N PHE A 46 -5.14 -0.57 5.66
CA PHE A 46 -4.96 0.53 4.63
C PHE A 46 -5.32 0.00 3.24
N HIS A 47 -6.13 -1.02 3.17
CA HIS A 47 -6.51 -1.59 1.85
C HIS A 47 -7.30 -0.56 1.01
N THR A 48 -6.74 0.58 0.75
CA THR A 48 -7.48 1.60 -0.07
C THR A 48 -6.64 2.87 -0.25
N VAL A 49 -7.20 3.85 -0.92
CA VAL A 49 -6.47 5.14 -1.15
C VAL A 49 -5.64 5.53 0.07
N GLU A 50 -6.02 5.09 1.24
CA GLU A 50 -5.25 5.44 2.46
C GLU A 50 -3.73 5.43 2.21
N ALA A 51 -3.27 4.71 1.21
CA ALA A 51 -1.80 4.70 0.96
C ALA A 51 -1.33 6.06 0.45
N VAL A 52 -1.55 7.10 1.20
CA VAL A 52 -1.12 8.46 0.77
C VAL A 52 -0.83 9.35 1.97
N ALA A 53 -1.85 9.90 2.58
CA ALA A 53 -1.63 10.78 3.76
C ALA A 53 -2.34 10.22 5.00
N TYR A 54 -2.87 9.04 4.90
CA TYR A 54 -3.58 8.44 6.08
C TYR A 54 -2.55 7.84 7.05
N ALA A 55 -1.43 7.42 6.56
CA ALA A 55 -0.39 6.84 7.45
C ALA A 55 0.94 6.71 6.70
N PRO A 56 1.99 7.12 7.35
CA PRO A 56 3.34 7.04 6.74
C PRO A 56 3.74 5.58 6.60
N LYS A 57 3.62 5.05 5.41
CA LYS A 57 3.97 3.61 5.17
C LYS A 57 5.14 3.19 6.06
N LYS A 58 6.17 3.98 6.10
CA LYS A 58 7.35 3.63 6.96
C LYS A 58 6.87 3.22 8.35
N GLU A 59 5.87 3.87 8.86
CA GLU A 59 5.35 3.51 10.20
C GLU A 59 4.46 2.28 10.08
N LEU A 60 3.45 2.36 9.26
CA LEU A 60 2.57 1.19 9.09
C LEU A 60 3.42 -0.07 8.90
N ILE A 61 4.28 -0.06 7.91
CA ILE A 61 5.13 -1.24 7.65
C ILE A 61 5.84 -1.64 8.94
N ASN A 62 6.12 -0.69 9.78
CA ASN A 62 6.78 -1.04 11.05
C ASN A 62 5.99 -2.15 11.75
N ILE A 63 4.78 -2.45 11.29
CA ILE A 63 4.01 -3.54 11.96
C ILE A 63 4.92 -4.74 12.21
N LYS A 64 4.97 -5.64 11.28
CA LYS A 64 5.86 -6.83 11.43
C LYS A 64 7.32 -6.39 11.38
N GLY A 65 7.61 -5.37 10.62
CA GLY A 65 9.03 -4.89 10.53
C GLY A 65 9.41 -4.65 9.07
N ILE A 66 8.45 -4.37 8.21
CA ILE A 66 8.80 -4.13 6.78
C ILE A 66 9.16 -2.65 6.56
N SER A 67 8.79 -2.12 5.41
CA SER A 67 9.07 -0.71 5.07
C SER A 67 8.68 -0.50 3.61
N GLU A 68 9.50 0.14 2.82
CA GLU A 68 9.15 0.29 1.40
C GLU A 68 8.92 -1.10 0.80
N ALA A 69 9.43 -2.10 1.48
CA ALA A 69 9.27 -3.49 0.99
C ALA A 69 7.89 -3.72 0.40
N LYS A 70 6.90 -3.92 1.24
CA LYS A 70 5.53 -4.15 0.72
C LYS A 70 4.82 -2.81 0.52
N ALA A 71 4.96 -1.89 1.43
CA ALA A 71 4.28 -0.57 1.24
C ALA A 71 4.56 -0.03 -0.16
N ASP A 72 5.81 0.17 -0.48
CA ASP A 72 6.14 0.68 -1.83
C ASP A 72 5.62 -0.29 -2.89
N LYS A 73 5.84 -1.57 -2.71
CA LYS A 73 5.34 -2.55 -3.72
C LYS A 73 3.90 -2.20 -4.10
N ILE A 74 3.17 -1.60 -3.20
CA ILE A 74 1.75 -1.24 -3.53
C ILE A 74 1.72 -0.02 -4.44
N LEU A 75 2.21 1.11 -3.98
CA LEU A 75 2.20 2.32 -4.83
C LEU A 75 2.77 1.98 -6.22
N ALA A 76 3.56 0.94 -6.31
CA ALA A 76 4.14 0.55 -7.61
C ALA A 76 3.18 -0.38 -8.36
N GLU A 77 2.73 -1.42 -7.70
CA GLU A 77 1.78 -2.36 -8.37
C GLU A 77 0.45 -1.67 -8.63
N ALA A 78 0.10 -0.69 -7.85
CA ALA A 78 -1.19 0.02 -8.07
C ALA A 78 -1.07 0.99 -9.25
N ALA A 79 -0.14 1.90 -9.18
CA ALA A 79 0.03 2.88 -10.31
C ALA A 79 0.23 2.12 -11.63
N LYS A 80 0.58 0.87 -11.56
CA LYS A 80 0.80 0.08 -12.80
C LYS A 80 -0.43 -0.80 -13.09
N LEU A 81 -1.31 -0.93 -12.14
CA LEU A 81 -2.52 -1.77 -12.36
C LEU A 81 -3.77 -0.91 -12.48
N VAL A 82 -3.94 0.02 -11.58
CA VAL A 82 -5.15 0.90 -11.64
C VAL A 82 -4.74 2.37 -11.71
N PRO A 83 -3.98 2.70 -12.72
CA PRO A 83 -3.51 4.09 -12.92
C PRO A 83 -4.67 4.97 -13.38
N MET A 84 -4.57 6.26 -13.17
CA MET A 84 -5.67 7.16 -13.60
C MET A 84 -5.10 8.44 -14.22
N GLY A 85 -4.03 8.95 -13.68
CA GLY A 85 -3.42 10.19 -14.24
C GLY A 85 -2.50 9.82 -15.40
N GLU A 16 11.54 10.71 -7.65
CA GLU A 16 12.67 9.80 -7.32
C GLU A 16 12.14 8.48 -6.74
N GLU A 17 11.16 8.55 -5.89
CA GLU A 17 10.60 7.30 -5.29
C GLU A 17 9.73 6.58 -6.32
N GLU A 18 8.61 6.04 -5.90
CA GLU A 18 7.73 5.32 -6.86
C GLU A 18 6.26 5.56 -6.52
N SER A 19 5.65 6.54 -7.12
CA SER A 19 4.22 6.82 -6.83
C SER A 19 3.64 7.75 -7.88
N PHE A 20 2.45 7.47 -8.37
CA PHE A 20 1.83 8.35 -9.41
C PHE A 20 1.05 9.48 -8.75
N GLY A 21 -0.03 9.17 -8.10
CA GLY A 21 -0.83 10.24 -7.44
C GLY A 21 -1.92 9.60 -6.57
N PRO A 22 -2.87 8.98 -7.23
CA PRO A 22 -3.98 8.32 -6.51
C PRO A 22 -3.47 7.06 -5.81
N GLN A 23 -4.32 6.37 -5.09
CA GLN A 23 -3.87 5.14 -4.39
C GLN A 23 -5.03 4.21 -4.09
N PRO A 24 -5.81 3.93 -5.10
CA PRO A 24 -6.94 3.01 -4.93
C PRO A 24 -6.39 1.60 -4.72
N ILE A 25 -5.59 1.43 -3.71
CA ILE A 25 -5.00 0.09 -3.45
C ILE A 25 -6.07 -0.83 -2.87
N SER A 26 -7.24 -0.28 -2.63
CA SER A 26 -8.37 -1.08 -2.05
C SER A 26 -8.26 -2.55 -2.45
N ARG A 27 -8.47 -2.86 -3.70
CA ARG A 27 -8.40 -4.28 -4.14
C ARG A 27 -6.95 -4.72 -4.34
N LEU A 28 -6.07 -3.81 -4.64
CA LEU A 28 -4.65 -4.19 -4.87
C LEU A 28 -4.13 -5.10 -3.76
N GLU A 29 -3.92 -4.58 -2.58
CA GLU A 29 -3.40 -5.43 -1.47
C GLU A 29 -4.54 -6.23 -0.82
N GLN A 30 -5.72 -5.67 -0.75
CA GLN A 30 -6.83 -6.42 -0.11
C GLN A 30 -7.14 -7.68 -0.90
N CYS A 31 -6.98 -7.63 -2.19
CA CYS A 31 -7.25 -8.84 -3.01
C CYS A 31 -6.08 -9.80 -2.89
N GLY A 32 -4.98 -9.32 -2.37
CA GLY A 32 -3.79 -10.21 -2.20
C GLY A 32 -2.62 -9.71 -3.05
N ILE A 33 -2.11 -8.54 -2.78
CA ILE A 33 -0.95 -8.07 -3.57
C ILE A 33 0.29 -8.77 -3.02
N ASN A 34 1.32 -8.06 -2.72
CA ASN A 34 2.52 -8.72 -2.14
C ASN A 34 2.30 -8.95 -0.64
N ALA A 35 3.34 -8.93 0.15
CA ALA A 35 3.18 -9.17 1.61
C ALA A 35 2.19 -8.16 2.23
N ASN A 36 1.98 -7.04 1.58
CA ASN A 36 1.05 -6.02 2.15
C ASN A 36 -0.20 -6.66 2.71
N ASP A 37 -1.01 -7.23 1.85
CA ASP A 37 -2.29 -7.83 2.29
C ASP A 37 -2.23 -8.25 3.76
N VAL A 38 -1.54 -9.31 4.03
CA VAL A 38 -1.42 -9.82 5.43
C VAL A 38 -0.89 -8.78 6.42
N LYS A 39 0.26 -8.23 6.19
CA LYS A 39 0.81 -7.28 7.20
C LYS A 39 0.24 -5.88 7.05
N LYS A 40 0.50 -5.27 5.94
CA LYS A 40 0.03 -3.87 5.71
C LYS A 40 -1.39 -3.64 6.22
N LEU A 41 -2.36 -4.31 5.67
CA LEU A 41 -3.78 -4.04 6.07
C LEU A 41 -4.28 -4.85 7.27
N GLU A 42 -3.67 -5.93 7.65
CA GLU A 42 -4.27 -6.71 8.76
C GLU A 42 -4.14 -6.00 10.11
N GLU A 43 -3.00 -5.47 10.45
CA GLU A 43 -2.92 -4.80 11.77
C GLU A 43 -3.88 -3.61 11.80
N ALA A 44 -4.06 -2.97 10.69
CA ALA A 44 -4.96 -1.79 10.63
C ALA A 44 -5.95 -1.94 9.48
N GLY A 45 -5.47 -1.98 8.27
CA GLY A 45 -6.38 -2.12 7.10
C GLY A 45 -6.18 -0.94 6.14
N PHE A 46 -4.96 -0.64 5.82
CA PHE A 46 -4.71 0.52 4.88
C PHE A 46 -5.02 0.11 3.44
N HIS A 47 -5.47 -1.10 3.24
CA HIS A 47 -5.77 -1.56 1.86
C HIS A 47 -6.92 -0.74 1.24
N THR A 48 -6.68 0.51 0.94
CA THR A 48 -7.74 1.36 0.32
C THR A 48 -7.36 2.83 0.38
N VAL A 49 -6.47 3.26 -0.48
CA VAL A 49 -6.06 4.69 -0.50
C VAL A 49 -5.47 5.11 0.85
N GLU A 50 -5.24 4.18 1.74
CA GLU A 50 -4.65 4.55 3.06
C GLU A 50 -3.11 4.50 2.96
N ALA A 51 -2.60 4.23 1.79
CA ALA A 51 -1.12 4.17 1.62
C ALA A 51 -0.57 5.57 1.35
N VAL A 52 -1.36 6.58 1.60
CA VAL A 52 -0.88 7.97 1.36
C VAL A 52 -1.61 8.96 2.30
N ALA A 53 -2.89 9.15 2.11
CA ALA A 53 -3.63 10.10 2.98
C ALA A 53 -4.07 9.40 4.27
N TYR A 54 -3.17 9.27 5.22
CA TYR A 54 -3.52 8.61 6.50
C TYR A 54 -2.28 8.50 7.38
N ALA A 55 -1.33 7.70 6.99
CA ALA A 55 -0.09 7.56 7.80
C ALA A 55 1.12 7.33 6.87
N PRO A 56 2.28 7.58 7.39
CA PRO A 56 3.52 7.39 6.61
C PRO A 56 3.78 5.91 6.39
N LYS A 57 3.85 5.49 5.16
CA LYS A 57 4.09 4.04 4.87
C LYS A 57 5.13 3.48 5.84
N LYS A 58 6.10 4.26 6.22
CA LYS A 58 7.15 3.75 7.16
C LYS A 58 6.51 3.33 8.50
N GLU A 59 5.48 4.01 8.90
CA GLU A 59 4.82 3.65 10.19
C GLU A 59 3.89 2.45 9.98
N LEU A 60 3.11 2.48 8.94
CA LEU A 60 2.23 1.32 8.68
C LEU A 60 3.11 0.07 8.53
N ILE A 61 3.99 0.07 7.58
CA ILE A 61 4.87 -1.10 7.38
C ILE A 61 5.46 -1.52 8.72
N ASN A 62 5.62 -0.58 9.61
CA ASN A 62 6.16 -0.92 10.95
C ASN A 62 5.39 -2.11 11.51
N ILE A 63 4.24 -2.43 10.96
CA ILE A 63 3.47 -3.59 11.49
C ILE A 63 4.41 -4.74 11.80
N LYS A 64 4.72 -5.53 10.82
CA LYS A 64 5.64 -6.67 11.06
C LYS A 64 7.09 -6.18 11.08
N GLY A 65 7.30 -4.94 10.73
CA GLY A 65 8.69 -4.40 10.75
C GLY A 65 9.20 -4.19 9.32
N ILE A 66 8.34 -3.99 8.37
CA ILE A 66 8.83 -3.78 6.98
C ILE A 66 9.12 -2.30 6.71
N SER A 67 8.77 -1.85 5.54
CA SER A 67 9.01 -0.42 5.15
C SER A 67 8.56 -0.27 3.70
N GLU A 68 9.32 0.40 2.89
CA GLU A 68 8.92 0.51 1.47
C GLU A 68 8.84 -0.91 0.88
N ALA A 69 9.43 -1.87 1.57
CA ALA A 69 9.40 -3.27 1.07
C ALA A 69 8.03 -3.63 0.50
N LYS A 70 7.09 -3.92 1.34
CA LYS A 70 5.73 -4.29 0.84
C LYS A 70 4.95 -3.01 0.51
N ALA A 71 5.04 -2.00 1.34
CA ALA A 71 4.30 -0.75 1.05
C ALA A 71 4.63 -0.25 -0.36
N ASP A 72 5.86 0.07 -0.61
CA ASP A 72 6.25 0.55 -1.97
C ASP A 72 5.72 -0.41 -3.03
N LYS A 73 5.98 -1.69 -2.88
CA LYS A 73 5.49 -2.67 -3.89
C LYS A 73 4.04 -2.34 -4.27
N ILE A 74 3.30 -1.76 -3.37
CA ILE A 74 1.88 -1.42 -3.71
C ILE A 74 1.86 -0.20 -4.63
N LEU A 75 2.57 0.83 -4.30
CA LEU A 75 2.59 2.04 -5.17
C LEU A 75 3.10 1.66 -6.56
N ALA A 76 3.80 0.57 -6.67
CA ALA A 76 4.32 0.13 -7.99
C ALA A 76 3.19 -0.50 -8.80
N GLU A 77 2.59 -1.53 -8.27
CA GLU A 77 1.47 -2.19 -8.99
C GLU A 77 0.27 -1.24 -9.07
N ALA A 78 -0.03 -0.55 -8.01
CA ALA A 78 -1.18 0.40 -8.02
C ALA A 78 -1.07 1.33 -9.23
N ALA A 79 0.08 1.87 -9.46
CA ALA A 79 0.25 2.79 -10.63
C ALA A 79 0.11 2.01 -11.94
N LYS A 80 0.40 0.74 -11.91
CA LYS A 80 0.29 -0.08 -13.16
C LYS A 80 -0.66 -1.26 -12.94
N LEU A 81 -1.72 -1.06 -12.21
CA LEU A 81 -2.68 -2.18 -11.96
C LEU A 81 -4.07 -1.63 -11.68
N VAL A 82 -4.19 -0.72 -10.76
CA VAL A 82 -5.53 -0.14 -10.45
C VAL A 82 -5.52 1.38 -10.63
N PRO A 83 -5.08 1.79 -11.79
CA PRO A 83 -5.02 3.24 -12.10
C PRO A 83 -6.42 3.80 -12.36
N MET A 84 -6.78 4.86 -11.70
CA MET A 84 -8.13 5.46 -11.91
C MET A 84 -8.10 6.96 -11.65
N GLY A 85 -8.78 7.73 -12.46
CA GLY A 85 -8.78 9.21 -12.26
C GLY A 85 -8.63 9.90 -13.61
N GLU A 16 8.65 2.80 -6.14
CA GLU A 16 9.72 3.65 -6.72
C GLU A 16 10.67 4.14 -5.63
N GLU A 17 10.14 4.75 -4.60
CA GLU A 17 11.02 5.25 -3.50
C GLU A 17 10.17 5.84 -2.38
N GLU A 18 9.06 6.44 -2.71
CA GLU A 18 8.19 7.03 -1.66
C GLU A 18 6.81 7.35 -2.23
N SER A 19 5.82 7.53 -1.39
CA SER A 19 4.45 7.83 -1.89
C SER A 19 4.34 9.31 -2.26
N PHE A 20 3.84 9.61 -3.43
CA PHE A 20 3.71 11.03 -3.85
C PHE A 20 2.65 11.19 -4.95
N GLY A 21 1.78 10.22 -5.09
CA GLY A 21 0.74 10.31 -6.14
C GLY A 21 -0.55 9.63 -5.64
N PRO A 22 -1.22 8.97 -6.54
CA PRO A 22 -2.49 8.27 -6.18
C PRO A 22 -2.17 7.02 -5.35
N GLN A 23 -3.17 6.31 -4.92
CA GLN A 23 -2.91 5.08 -4.10
C GLN A 23 -4.18 4.28 -3.87
N PRO A 24 -4.91 4.02 -4.91
CA PRO A 24 -6.13 3.20 -4.77
C PRO A 24 -5.70 1.76 -4.53
N ILE A 25 -4.97 1.54 -3.47
CA ILE A 25 -4.49 0.16 -3.17
C ILE A 25 -5.66 -0.70 -2.67
N SER A 26 -6.81 -0.10 -2.55
CA SER A 26 -8.02 -0.85 -2.05
C SER A 26 -7.99 -2.33 -2.47
N ARG A 27 -8.22 -2.61 -3.72
CA ARG A 27 -8.26 -4.04 -4.17
C ARG A 27 -6.86 -4.61 -4.44
N LEU A 28 -5.86 -3.79 -4.60
CA LEU A 28 -4.51 -4.36 -4.87
C LEU A 28 -4.07 -5.28 -3.74
N GLU A 29 -3.79 -4.75 -2.58
CA GLU A 29 -3.35 -5.62 -1.46
C GLU A 29 -4.54 -6.30 -0.80
N GLN A 30 -5.71 -5.72 -0.86
CA GLN A 30 -6.90 -6.38 -0.22
C GLN A 30 -7.19 -7.72 -0.90
N CYS A 31 -7.01 -7.79 -2.19
CA CYS A 31 -7.29 -9.07 -2.90
C CYS A 31 -6.10 -10.01 -2.70
N GLY A 32 -5.02 -9.54 -2.14
CA GLY A 32 -3.86 -10.42 -1.89
C GLY A 32 -2.67 -10.02 -2.76
N ILE A 33 -2.11 -8.86 -2.56
CA ILE A 33 -0.93 -8.49 -3.38
C ILE A 33 0.31 -9.18 -2.78
N ASN A 34 1.33 -8.46 -2.46
CA ASN A 34 2.54 -9.10 -1.88
C ASN A 34 2.35 -9.29 -0.36
N ALA A 35 3.42 -9.39 0.39
CA ALA A 35 3.28 -9.57 1.86
C ALA A 35 2.22 -8.63 2.41
N ASN A 36 2.01 -7.54 1.75
CA ASN A 36 1.00 -6.55 2.22
C ASN A 36 -0.23 -7.25 2.77
N ASP A 37 -0.86 -8.05 1.96
CA ASP A 37 -2.10 -8.76 2.39
C ASP A 37 -2.07 -9.01 3.90
N VAL A 38 -1.27 -9.94 4.33
CA VAL A 38 -1.18 -10.25 5.78
C VAL A 38 -0.94 -9.00 6.65
N LYS A 39 0.15 -8.33 6.47
CA LYS A 39 0.46 -7.17 7.36
C LYS A 39 -0.15 -5.84 6.90
N LYS A 40 0.02 -5.46 5.66
CA LYS A 40 -0.50 -4.14 5.21
C LYS A 40 -2.01 -4.02 5.46
N LEU A 41 -2.78 -4.98 5.05
CA LEU A 41 -4.26 -4.85 5.23
C LEU A 41 -4.76 -5.40 6.58
N GLU A 42 -4.00 -6.18 7.29
CA GLU A 42 -4.58 -6.74 8.55
C GLU A 42 -4.48 -5.79 9.73
N GLU A 43 -3.31 -5.34 10.09
CA GLU A 43 -3.22 -4.45 11.28
C GLU A 43 -4.22 -3.29 11.17
N ALA A 44 -3.77 -2.16 10.74
CA ALA A 44 -4.70 -1.00 10.61
C ALA A 44 -5.69 -1.22 9.47
N GLY A 45 -5.27 -1.93 8.47
CA GLY A 45 -6.17 -2.17 7.31
C GLY A 45 -5.97 -1.06 6.29
N PHE A 46 -4.75 -0.79 5.92
CA PHE A 46 -4.50 0.30 4.90
C PHE A 46 -4.89 -0.16 3.50
N HIS A 47 -5.60 -1.25 3.38
CA HIS A 47 -5.97 -1.74 2.02
C HIS A 47 -6.88 -0.75 1.29
N THR A 48 -6.36 0.38 0.93
CA THR A 48 -7.18 1.39 0.21
C THR A 48 -6.42 2.71 0.11
N VAL A 49 -6.99 3.67 -0.60
CA VAL A 49 -6.32 5.00 -0.74
C VAL A 49 -5.55 5.39 0.52
N GLU A 50 -6.00 4.93 1.66
CA GLU A 50 -5.31 5.25 2.95
C GLU A 50 -3.78 5.25 2.77
N ALA A 51 -3.27 4.53 1.80
CA ALA A 51 -1.78 4.48 1.59
C ALA A 51 -1.10 5.77 2.03
N VAL A 52 -1.39 6.86 1.37
CA VAL A 52 -0.75 8.16 1.75
C VAL A 52 -1.63 8.91 2.75
N ALA A 53 -1.92 8.31 3.88
CA ALA A 53 -2.76 8.98 4.89
C ALA A 53 -1.90 9.59 6.00
N TYR A 54 -2.50 9.96 7.09
CA TYR A 54 -1.70 10.56 8.21
C TYR A 54 -0.43 9.74 8.46
N ALA A 55 -0.49 8.46 8.27
CA ALA A 55 0.72 7.61 8.51
C ALA A 55 1.40 7.27 7.19
N PRO A 56 2.69 7.47 7.15
CA PRO A 56 3.47 7.18 5.93
C PRO A 56 3.61 5.67 5.73
N LYS A 57 3.90 5.25 4.53
CA LYS A 57 4.04 3.78 4.29
C LYS A 57 5.09 3.20 5.24
N LYS A 58 5.90 4.03 5.83
CA LYS A 58 6.95 3.51 6.76
C LYS A 58 6.37 3.30 8.16
N GLU A 59 5.29 3.96 8.48
CA GLU A 59 4.68 3.78 9.84
C GLU A 59 3.81 2.54 9.84
N LEU A 60 3.11 2.31 8.78
CA LEU A 60 2.26 1.09 8.73
C LEU A 60 3.18 -0.12 8.67
N ILE A 61 3.98 -0.22 7.64
CA ILE A 61 4.90 -1.38 7.52
C ILE A 61 5.61 -1.59 8.85
N ASN A 62 5.82 -0.54 9.60
CA ASN A 62 6.49 -0.69 10.91
C ASN A 62 5.77 -1.77 11.72
N ILE A 63 4.58 -2.16 11.33
CA ILE A 63 3.88 -3.22 12.10
C ILE A 63 4.81 -4.40 12.32
N LYS A 64 5.06 -5.14 11.29
CA LYS A 64 5.97 -6.32 11.40
C LYS A 64 7.43 -5.87 11.32
N GLY A 65 7.67 -4.73 10.73
CA GLY A 65 9.06 -4.23 10.61
C GLY A 65 9.44 -4.08 9.14
N ILE A 66 8.47 -4.02 8.27
CA ILE A 66 8.81 -3.86 6.83
C ILE A 66 9.12 -2.40 6.52
N SER A 67 8.73 -1.94 5.36
CA SER A 67 8.99 -0.54 4.95
C SER A 67 8.61 -0.41 3.48
N GLU A 68 9.46 0.12 2.66
CA GLU A 68 9.13 0.20 1.22
C GLU A 68 8.90 -1.22 0.71
N ALA A 69 9.34 -2.20 1.44
CA ALA A 69 9.16 -3.61 1.00
C ALA A 69 7.76 -3.81 0.42
N LYS A 70 6.77 -3.97 1.25
CA LYS A 70 5.40 -4.18 0.74
C LYS A 70 4.72 -2.83 0.48
N ALA A 71 4.85 -1.89 1.38
CA ALA A 71 4.19 -0.56 1.14
C ALA A 71 4.53 -0.04 -0.25
N ASP A 72 5.80 0.03 -0.55
CA ASP A 72 6.21 0.55 -1.89
C ASP A 72 5.70 -0.38 -2.99
N LYS A 73 5.82 -1.66 -2.79
CA LYS A 73 5.34 -2.62 -3.82
C LYS A 73 3.90 -2.31 -4.22
N ILE A 74 3.17 -1.62 -3.39
CA ILE A 74 1.76 -1.30 -3.74
C ILE A 74 1.69 -0.02 -4.58
N LEU A 75 2.07 1.10 -4.03
CA LEU A 75 2.02 2.36 -4.80
C LEU A 75 2.66 2.17 -6.18
N ALA A 76 3.50 1.18 -6.32
CA ALA A 76 4.16 0.94 -7.63
C ALA A 76 3.22 0.18 -8.57
N GLU A 77 2.86 -1.02 -8.22
CA GLU A 77 1.94 -1.82 -9.09
C GLU A 77 0.58 -1.14 -9.16
N ALA A 78 0.25 -0.34 -8.19
CA ALA A 78 -1.07 0.36 -8.20
C ALA A 78 -1.06 1.51 -9.21
N ALA A 79 0.01 2.26 -9.25
CA ALA A 79 0.08 3.41 -10.21
C ALA A 79 0.04 2.89 -11.65
N LYS A 80 0.53 1.71 -11.89
CA LYS A 80 0.52 1.18 -13.29
C LYS A 80 -0.70 0.29 -13.52
N LEU A 81 -1.29 -0.22 -12.47
CA LEU A 81 -2.49 -1.10 -12.65
C LEU A 81 -3.77 -0.30 -12.46
N VAL A 82 -3.93 0.35 -11.34
CA VAL A 82 -5.17 1.15 -11.11
C VAL A 82 -4.81 2.59 -10.70
N PRO A 83 -4.35 3.33 -11.65
CA PRO A 83 -3.97 4.75 -11.40
C PRO A 83 -5.23 5.61 -11.24
N MET A 84 -6.38 5.05 -11.56
CA MET A 84 -7.64 5.83 -11.41
C MET A 84 -8.22 5.66 -10.00
N GLY A 85 -8.72 6.71 -9.42
CA GLY A 85 -9.30 6.60 -8.05
C GLY A 85 -9.99 7.90 -7.67
N GLU A 16 15.35 1.34 -8.98
CA GLU A 16 14.79 2.72 -9.02
C GLU A 16 13.40 2.74 -8.38
N GLU A 17 13.32 3.10 -7.12
CA GLU A 17 11.99 3.15 -6.45
C GLU A 17 11.23 4.41 -6.86
N GLU A 18 9.97 4.51 -6.53
CA GLU A 18 9.20 5.71 -6.91
C GLU A 18 8.10 5.99 -5.87
N SER A 19 7.72 7.23 -5.71
CA SER A 19 6.66 7.56 -4.72
C SER A 19 5.88 8.79 -5.19
N PHE A 20 4.64 8.62 -5.53
CA PHE A 20 3.81 9.78 -5.99
C PHE A 20 2.45 9.30 -6.50
N GLY A 21 1.42 10.07 -6.29
CA GLY A 21 0.08 9.65 -6.76
C GLY A 21 -0.62 8.88 -5.65
N PRO A 22 -1.92 8.86 -5.72
CA PRO A 22 -2.74 8.15 -4.73
C PRO A 22 -2.97 6.72 -5.19
N GLN A 23 -3.56 5.90 -4.37
CA GLN A 23 -3.80 4.49 -4.78
C GLN A 23 -4.92 3.85 -4.01
N PRO A 24 -6.06 3.86 -4.64
CA PRO A 24 -7.24 3.21 -4.04
C PRO A 24 -6.97 1.72 -4.13
N ILE A 25 -5.96 1.28 -3.42
CA ILE A 25 -5.56 -0.16 -3.46
C ILE A 25 -6.67 -1.04 -2.91
N SER A 26 -7.87 -0.84 -3.35
CA SER A 26 -8.97 -1.69 -2.84
C SER A 26 -8.70 -3.15 -3.18
N ARG A 27 -8.78 -3.50 -4.43
CA ARG A 27 -8.53 -4.90 -4.85
C ARG A 27 -7.02 -5.17 -4.97
N LEU A 28 -6.23 -4.14 -5.05
CA LEU A 28 -4.76 -4.35 -5.17
C LEU A 28 -4.24 -5.22 -4.03
N GLU A 29 -4.08 -4.65 -2.86
CA GLU A 29 -3.55 -5.43 -1.70
C GLU A 29 -4.67 -6.12 -0.92
N GLN A 30 -5.86 -5.59 -0.90
CA GLN A 30 -6.92 -6.28 -0.11
C GLN A 30 -7.33 -7.58 -0.82
N CYS A 31 -7.24 -7.61 -2.13
CA CYS A 31 -7.61 -8.84 -2.86
C CYS A 31 -6.45 -9.83 -2.77
N GLY A 32 -5.29 -9.36 -2.38
CA GLY A 32 -4.12 -10.27 -2.25
C GLY A 32 -2.97 -9.82 -3.16
N ILE A 33 -2.35 -8.70 -2.86
CA ILE A 33 -1.21 -8.27 -3.71
C ILE A 33 0.02 -9.08 -3.29
N ASN A 34 1.09 -8.44 -2.91
CA ASN A 34 2.29 -9.20 -2.48
C ASN A 34 2.22 -9.48 -0.97
N ALA A 35 3.18 -9.02 -0.21
CA ALA A 35 3.14 -9.28 1.26
C ALA A 35 2.18 -8.31 1.94
N ASN A 36 2.00 -7.16 1.35
CA ASN A 36 1.12 -6.14 1.96
C ASN A 36 -0.12 -6.74 2.59
N ASP A 37 -1.02 -7.25 1.77
CA ASP A 37 -2.29 -7.83 2.30
C ASP A 37 -2.12 -8.33 3.73
N VAL A 38 -1.23 -9.26 3.93
CA VAL A 38 -1.00 -9.82 5.28
C VAL A 38 -0.64 -8.76 6.34
N LYS A 39 0.53 -8.17 6.23
CA LYS A 39 0.94 -7.18 7.26
C LYS A 39 0.42 -5.78 6.98
N LYS A 40 0.26 -5.41 5.76
CA LYS A 40 -0.23 -4.04 5.48
C LYS A 40 -1.69 -3.89 5.88
N LEU A 41 -2.58 -4.62 5.27
CA LEU A 41 -4.03 -4.46 5.59
C LEU A 41 -4.44 -5.13 6.90
N GLU A 42 -3.71 -6.10 7.39
CA GLU A 42 -4.16 -6.76 8.65
C GLU A 42 -3.70 -6.01 9.90
N GLU A 43 -2.60 -5.32 9.82
CA GLU A 43 -2.12 -4.58 11.04
C GLU A 43 -2.89 -3.27 11.20
N ALA A 44 -3.89 -3.06 10.40
CA ALA A 44 -4.68 -1.81 10.49
C ALA A 44 -5.78 -1.81 9.44
N GLY A 45 -5.43 -2.10 8.22
CA GLY A 45 -6.45 -2.13 7.15
C GLY A 45 -6.26 -0.95 6.19
N PHE A 46 -5.07 -0.72 5.71
CA PHE A 46 -4.89 0.42 4.73
C PHE A 46 -5.27 -0.03 3.33
N HIS A 47 -6.01 -1.09 3.21
CA HIS A 47 -6.41 -1.59 1.87
C HIS A 47 -7.26 -0.55 1.12
N THR A 48 -6.69 0.57 0.79
CA THR A 48 -7.47 1.61 0.05
C THR A 48 -6.60 2.84 -0.25
N VAL A 49 -7.16 3.83 -0.89
CA VAL A 49 -6.37 5.05 -1.23
C VAL A 49 -5.41 5.43 -0.10
N GLU A 50 -5.70 5.05 1.10
CA GLU A 50 -4.80 5.38 2.24
C GLU A 50 -3.33 5.13 1.89
N ALA A 51 -3.04 4.36 0.86
CA ALA A 51 -1.62 4.11 0.52
C ALA A 51 -0.93 5.41 0.10
N VAL A 52 0.09 5.81 0.80
CA VAL A 52 0.81 7.07 0.45
C VAL A 52 -0.17 8.25 0.44
N ALA A 53 -0.56 8.71 1.60
CA ALA A 53 -1.51 9.86 1.68
C ALA A 53 -1.94 10.09 3.13
N TYR A 54 -2.34 9.06 3.82
CA TYR A 54 -2.76 9.23 5.23
C TYR A 54 -1.64 8.82 6.19
N ALA A 55 -1.23 7.57 6.16
CA ALA A 55 -0.14 7.13 7.06
C ALA A 55 1.16 6.96 6.27
N PRO A 56 2.25 7.34 6.89
CA PRO A 56 3.57 7.22 6.25
C PRO A 56 3.95 5.75 6.12
N LYS A 57 4.02 5.27 4.90
CA LYS A 57 4.37 3.84 4.67
C LYS A 57 5.40 3.35 5.69
N LYS A 58 6.36 4.16 6.02
CA LYS A 58 7.41 3.72 6.99
C LYS A 58 6.81 3.45 8.38
N GLU A 59 5.69 4.05 8.67
CA GLU A 59 5.06 3.82 10.01
C GLU A 59 4.22 2.55 9.98
N LEU A 60 3.33 2.45 9.04
CA LEU A 60 2.50 1.23 8.97
C LEU A 60 3.44 0.02 8.94
N ILE A 61 4.24 -0.09 7.91
CA ILE A 61 5.18 -1.25 7.83
C ILE A 61 5.87 -1.42 9.17
N ASN A 62 6.11 -0.35 9.86
CA ASN A 62 6.76 -0.46 11.18
C ASN A 62 6.06 -1.54 12.00
N ILE A 63 4.87 -1.97 11.62
CA ILE A 63 4.20 -3.02 12.42
C ILE A 63 5.08 -4.26 12.46
N LYS A 64 4.92 -5.13 11.51
CA LYS A 64 5.77 -6.35 11.48
C LYS A 64 7.24 -5.94 11.43
N GLY A 65 7.51 -4.70 11.07
CA GLY A 65 8.91 -4.22 11.02
C GLY A 65 9.36 -4.10 9.56
N ILE A 66 8.45 -3.99 8.63
CA ILE A 66 8.86 -3.88 7.21
C ILE A 66 9.23 -2.43 6.86
N SER A 67 8.87 -2.01 5.67
CA SER A 67 9.18 -0.63 5.21
C SER A 67 8.81 -0.54 3.73
N GLU A 68 9.64 0.02 2.92
CA GLU A 68 9.31 0.08 1.48
C GLU A 68 9.06 -1.34 0.98
N ALA A 69 9.56 -2.32 1.70
CA ALA A 69 9.38 -3.73 1.28
C ALA A 69 7.96 -3.98 0.75
N LYS A 70 7.01 -4.15 1.62
CA LYS A 70 5.62 -4.40 1.16
C LYS A 70 4.93 -3.08 0.82
N ALA A 71 5.12 -2.07 1.63
CA ALA A 71 4.46 -0.76 1.33
C ALA A 71 4.79 -0.29 -0.09
N ASP A 72 6.05 -0.12 -0.40
CA ASP A 72 6.41 0.35 -1.77
C ASP A 72 5.86 -0.61 -2.84
N LYS A 73 6.04 -1.89 -2.65
CA LYS A 73 5.52 -2.85 -3.66
C LYS A 73 4.04 -2.56 -3.96
N ILE A 74 3.35 -1.93 -3.03
CA ILE A 74 1.91 -1.64 -3.27
C ILE A 74 1.74 -0.32 -4.04
N LEU A 75 2.30 0.76 -3.55
CA LEU A 75 2.16 2.05 -4.26
C LEU A 75 2.77 1.94 -5.66
N ALA A 76 3.58 0.94 -5.88
CA ALA A 76 4.20 0.77 -7.22
C ALA A 76 3.21 0.11 -8.18
N GLU A 77 2.65 -1.00 -7.80
CA GLU A 77 1.67 -1.69 -8.69
C GLU A 77 0.38 -0.87 -8.78
N ALA A 78 -0.02 -0.25 -7.71
CA ALA A 78 -1.26 0.57 -7.74
C ALA A 78 -1.15 1.67 -8.78
N ALA A 79 -0.08 2.44 -8.74
CA ALA A 79 0.09 3.53 -9.75
C ALA A 79 0.20 2.95 -11.16
N LYS A 80 0.64 1.73 -11.27
CA LYS A 80 0.77 1.11 -12.62
C LYS A 80 -0.56 0.49 -13.07
N LEU A 81 -1.45 0.27 -12.13
CA LEU A 81 -2.77 -0.32 -12.49
C LEU A 81 -3.90 0.68 -12.21
N VAL A 82 -4.15 0.98 -10.96
CA VAL A 82 -5.22 1.95 -10.63
C VAL A 82 -4.61 3.24 -10.07
N PRO A 83 -4.18 4.09 -10.98
CA PRO A 83 -3.56 5.38 -10.57
C PRO A 83 -4.63 6.36 -10.05
N MET A 84 -5.52 6.81 -10.90
CA MET A 84 -6.57 7.76 -10.44
C MET A 84 -7.90 7.04 -10.26
N GLY A 85 -7.93 5.76 -10.48
CA GLY A 85 -9.20 5.00 -10.31
C GLY A 85 -10.09 5.22 -11.53
N GLU A 16 12.86 5.45 -3.35
CA GLU A 16 12.18 5.21 -4.66
C GLU A 16 10.66 5.27 -4.48
N GLU A 17 10.04 6.32 -4.94
CA GLU A 17 8.56 6.43 -4.80
C GLU A 17 7.92 6.66 -6.18
N GLU A 18 7.02 5.80 -6.58
CA GLU A 18 6.36 5.97 -7.90
C GLU A 18 4.93 6.49 -7.72
N SER A 19 4.77 7.51 -6.92
CA SER A 19 3.39 8.06 -6.69
C SER A 19 2.93 8.84 -7.94
N PHE A 20 1.69 8.66 -8.33
CA PHE A 20 1.19 9.39 -9.52
C PHE A 20 -0.15 10.07 -9.21
N GLY A 21 -1.08 9.36 -8.63
CA GLY A 21 -2.40 9.98 -8.31
C GLY A 21 -2.87 9.48 -6.93
N PRO A 22 -4.03 8.88 -6.92
CA PRO A 22 -4.60 8.38 -5.66
C PRO A 22 -3.95 7.04 -5.29
N GLN A 23 -4.59 6.28 -4.43
CA GLN A 23 -4.00 4.97 -4.05
C GLN A 23 -5.08 3.96 -3.72
N PRO A 24 -6.00 3.81 -4.63
CA PRO A 24 -7.09 2.83 -4.43
C PRO A 24 -6.47 1.44 -4.45
N ILE A 25 -5.58 1.19 -3.53
CA ILE A 25 -4.90 -0.12 -3.46
C ILE A 25 -5.86 -1.16 -2.92
N SER A 26 -7.05 -0.75 -2.58
CA SER A 26 -8.05 -1.71 -2.04
C SER A 26 -8.01 -3.03 -2.82
N ARG A 27 -8.57 -3.06 -3.98
CA ARG A 27 -8.56 -4.32 -4.78
C ARG A 27 -7.11 -4.78 -5.04
N LEU A 28 -6.17 -3.89 -5.02
CA LEU A 28 -4.76 -4.30 -5.27
C LEU A 28 -4.21 -5.10 -4.09
N GLU A 29 -4.00 -4.45 -2.97
CA GLU A 29 -3.43 -5.18 -1.81
C GLU A 29 -4.53 -5.90 -1.01
N GLN A 30 -5.73 -5.38 -1.01
CA GLN A 30 -6.80 -6.07 -0.23
C GLN A 30 -7.29 -7.32 -0.97
N CYS A 31 -7.25 -7.31 -2.28
CA CYS A 31 -7.70 -8.52 -3.03
C CYS A 31 -6.58 -9.56 -3.06
N GLY A 32 -5.39 -9.20 -2.67
CA GLY A 32 -4.29 -10.20 -2.66
C GLY A 32 -3.07 -9.72 -3.48
N ILE A 33 -2.36 -8.74 -3.01
CA ILE A 33 -1.15 -8.29 -3.75
C ILE A 33 0.05 -9.06 -3.21
N ASN A 34 1.12 -8.40 -2.87
CA ASN A 34 2.31 -9.12 -2.32
C ASN A 34 2.14 -9.29 -0.81
N ALA A 35 3.22 -9.28 -0.06
CA ALA A 35 3.10 -9.45 1.42
C ALA A 35 2.07 -8.50 2.00
N ASN A 36 1.97 -7.32 1.44
CA ASN A 36 1.01 -6.32 1.97
C ASN A 36 -0.27 -6.99 2.46
N ASP A 37 -0.70 -8.03 1.81
CA ASP A 37 -1.95 -8.71 2.26
C ASP A 37 -1.93 -8.85 3.78
N VAL A 38 -1.09 -9.69 4.29
CA VAL A 38 -1.03 -9.88 5.76
C VAL A 38 -0.53 -8.63 6.49
N LYS A 39 0.57 -8.08 6.06
CA LYS A 39 1.14 -6.89 6.75
C LYS A 39 0.41 -5.57 6.45
N LYS A 40 0.24 -5.22 5.19
CA LYS A 40 -0.40 -3.89 4.89
C LYS A 40 -1.88 -3.84 5.27
N LEU A 41 -2.65 -4.88 5.05
CA LEU A 41 -4.11 -4.80 5.39
C LEU A 41 -4.47 -5.28 6.80
N GLU A 42 -3.86 -6.31 7.33
CA GLU A 42 -4.29 -6.80 8.67
C GLU A 42 -3.71 -5.95 9.80
N GLU A 43 -2.48 -5.56 9.69
CA GLU A 43 -1.86 -4.70 10.73
C GLU A 43 -2.84 -3.65 11.26
N ALA A 44 -3.83 -3.29 10.48
CA ALA A 44 -4.81 -2.27 10.91
C ALA A 44 -5.91 -2.15 9.85
N GLY A 45 -5.54 -1.92 8.62
CA GLY A 45 -6.56 -1.80 7.55
C GLY A 45 -6.11 -0.79 6.47
N PHE A 46 -4.83 -0.62 6.25
CA PHE A 46 -4.40 0.36 5.18
C PHE A 46 -4.75 -0.14 3.77
N HIS A 47 -5.41 -1.25 3.67
CA HIS A 47 -5.76 -1.80 2.31
C HIS A 47 -6.68 -0.84 1.56
N THR A 48 -6.20 0.31 1.17
CA THR A 48 -7.04 1.27 0.41
C THR A 48 -6.29 2.59 0.21
N VAL A 49 -6.90 3.52 -0.48
CA VAL A 49 -6.25 4.86 -0.74
C VAL A 49 -5.41 5.29 0.47
N GLU A 50 -5.79 4.87 1.65
CA GLU A 50 -5.04 5.27 2.87
C GLU A 50 -3.52 5.33 2.60
N ALA A 51 -3.03 4.56 1.67
CA ALA A 51 -1.57 4.61 1.39
C ALA A 51 -1.21 5.94 0.73
N VAL A 52 -1.29 7.01 1.47
CA VAL A 52 -0.95 8.35 0.89
C VAL A 52 -0.58 9.35 1.99
N ALA A 53 -1.57 9.94 2.62
CA ALA A 53 -1.27 10.94 3.69
C ALA A 53 -1.79 10.43 5.03
N TYR A 54 -2.70 9.51 5.03
CA TYR A 54 -3.23 8.98 6.33
C TYR A 54 -2.09 8.45 7.19
N ALA A 55 -0.99 8.10 6.57
CA ALA A 55 0.17 7.58 7.35
C ALA A 55 1.35 7.33 6.42
N PRO A 56 2.52 7.62 6.93
CA PRO A 56 3.77 7.42 6.14
C PRO A 56 4.05 5.93 5.97
N LYS A 57 4.14 5.47 4.75
CA LYS A 57 4.41 4.04 4.50
C LYS A 57 5.43 3.48 5.50
N LYS A 58 6.34 4.28 5.94
CA LYS A 58 7.37 3.79 6.91
C LYS A 58 6.75 3.54 8.29
N GLU A 59 5.67 4.20 8.58
CA GLU A 59 5.03 4.01 9.91
C GLU A 59 4.17 2.75 9.90
N LEU A 60 3.23 2.68 9.00
CA LEU A 60 2.37 1.46 8.93
C LEU A 60 3.26 0.23 8.90
N ILE A 61 4.07 0.10 7.88
CA ILE A 61 4.97 -1.09 7.80
C ILE A 61 5.65 -1.29 9.14
N ASN A 62 5.92 -0.23 9.84
CA ASN A 62 6.55 -0.37 11.16
C ASN A 62 5.75 -1.37 12.00
N ILE A 63 4.55 -1.70 11.58
CA ILE A 63 3.76 -2.68 12.37
C ILE A 63 4.55 -3.98 12.47
N LYS A 64 4.38 -4.85 11.52
CA LYS A 64 5.14 -6.12 11.53
C LYS A 64 6.64 -5.80 11.55
N GLY A 65 7.02 -4.67 11.03
CA GLY A 65 8.46 -4.30 11.03
C GLY A 65 8.97 -4.20 9.59
N ILE A 66 8.10 -3.98 8.64
CA ILE A 66 8.57 -3.89 7.23
C ILE A 66 9.02 -2.46 6.89
N SER A 67 8.64 -1.99 5.73
CA SER A 67 9.02 -0.63 5.27
C SER A 67 8.61 -0.52 3.80
N GLU A 68 9.37 0.15 2.99
CA GLU A 68 9.00 0.21 1.56
C GLU A 68 8.86 -1.23 1.05
N ALA A 69 9.39 -2.17 1.79
CA ALA A 69 9.30 -3.61 1.38
C ALA A 69 7.97 -3.90 0.69
N LYS A 70 6.94 -4.11 1.46
CA LYS A 70 5.61 -4.39 0.87
C LYS A 70 4.90 -3.07 0.58
N ALA A 71 5.02 -2.12 1.47
CA ALA A 71 4.34 -0.81 1.23
C ALA A 71 4.69 -0.30 -0.16
N ASP A 72 5.96 -0.13 -0.44
CA ASP A 72 6.37 0.36 -1.77
C ASP A 72 5.86 -0.58 -2.87
N LYS A 73 6.07 -1.87 -2.69
CA LYS A 73 5.59 -2.83 -3.73
C LYS A 73 4.15 -2.50 -4.14
N ILE A 74 3.39 -1.90 -3.27
CA ILE A 74 1.98 -1.56 -3.63
C ILE A 74 1.95 -0.28 -4.47
N LEU A 75 2.66 0.74 -4.06
CA LEU A 75 2.67 2.01 -4.84
C LEU A 75 3.05 1.74 -6.29
N ALA A 76 3.73 0.65 -6.55
CA ALA A 76 4.12 0.32 -7.95
C ALA A 76 2.96 -0.34 -8.69
N GLU A 77 2.41 -1.39 -8.16
CA GLU A 77 1.28 -2.08 -8.84
C GLU A 77 0.02 -1.21 -8.82
N ALA A 78 -0.10 -0.34 -7.85
CA ALA A 78 -1.31 0.52 -7.77
C ALA A 78 -1.28 1.58 -8.87
N ALA A 79 -0.19 2.29 -9.00
CA ALA A 79 -0.09 3.34 -10.05
C ALA A 79 0.02 2.71 -11.44
N LYS A 80 0.35 1.45 -11.51
CA LYS A 80 0.48 0.78 -12.83
C LYS A 80 -0.81 0.05 -13.20
N LEU A 81 -1.65 -0.24 -12.24
CA LEU A 81 -2.91 -0.96 -12.55
C LEU A 81 -4.13 -0.07 -12.28
N VAL A 82 -4.20 0.53 -11.13
CA VAL A 82 -5.37 1.40 -10.81
C VAL A 82 -4.93 2.85 -10.56
N PRO A 83 -4.50 3.49 -11.62
CA PRO A 83 -4.05 4.91 -11.52
C PRO A 83 -5.26 5.84 -11.44
N MET A 84 -6.12 5.81 -12.41
CA MET A 84 -7.32 6.69 -12.39
C MET A 84 -6.90 8.15 -12.21
N GLY A 85 -7.86 9.06 -12.20
CA GLY A 85 -7.52 10.50 -12.03
C GLY A 85 -8.66 11.35 -12.56
N GLU A 16 13.36 10.51 -1.13
CA GLU A 16 13.04 10.35 -2.59
C GLU A 16 12.04 9.22 -2.78
N GLU A 17 10.83 9.39 -2.33
CA GLU A 17 9.80 8.32 -2.48
C GLU A 17 9.13 8.43 -3.86
N GLU A 18 7.98 7.83 -4.02
CA GLU A 18 7.29 7.90 -5.34
C GLU A 18 5.79 8.10 -5.14
N SER A 19 5.20 8.94 -5.95
CA SER A 19 3.73 9.18 -5.83
C SER A 19 3.23 9.89 -7.09
N PHE A 20 2.29 9.32 -7.79
CA PHE A 20 1.80 9.97 -9.04
C PHE A 20 0.30 10.30 -8.94
N GLY A 21 -0.54 9.31 -8.83
CA GLY A 21 -2.00 9.60 -8.76
C GLY A 21 -2.56 9.19 -7.39
N PRO A 22 -3.77 8.68 -7.44
CA PRO A 22 -4.48 8.24 -6.21
C PRO A 22 -3.91 6.90 -5.71
N GLN A 23 -4.69 6.17 -4.95
CA GLN A 23 -4.19 4.87 -4.44
C GLN A 23 -5.34 3.91 -4.18
N PRO A 24 -6.11 3.66 -5.20
CA PRO A 24 -7.23 2.71 -5.07
C PRO A 24 -6.65 1.32 -4.88
N ILE A 25 -5.89 1.13 -3.82
CA ILE A 25 -5.27 -0.19 -3.56
C ILE A 25 -6.34 -1.18 -3.11
N SER A 26 -7.55 -0.71 -2.98
CA SER A 26 -8.67 -1.59 -2.53
C SER A 26 -8.47 -3.05 -2.97
N ARG A 27 -8.61 -3.34 -4.23
CA ARG A 27 -8.42 -4.74 -4.70
C ARG A 27 -6.93 -5.09 -4.81
N LEU A 28 -6.08 -4.10 -4.82
CA LEU A 28 -4.62 -4.38 -4.94
C LEU A 28 -4.11 -5.24 -3.78
N GLU A 29 -3.95 -4.65 -2.61
CA GLU A 29 -3.43 -5.45 -1.45
C GLU A 29 -4.56 -6.17 -0.72
N GLN A 30 -5.78 -5.69 -0.80
CA GLN A 30 -6.88 -6.37 -0.08
C GLN A 30 -7.21 -7.70 -0.78
N CYS A 31 -7.07 -7.74 -2.08
CA CYS A 31 -7.36 -9.00 -2.81
C CYS A 31 -6.18 -9.93 -2.67
N GLY A 32 -5.06 -9.41 -2.21
CA GLY A 32 -3.87 -10.27 -2.03
C GLY A 32 -2.71 -9.81 -2.91
N ILE A 33 -2.13 -8.67 -2.63
CA ILE A 33 -0.99 -8.21 -3.46
C ILE A 33 0.25 -8.99 -2.98
N ASN A 34 1.29 -8.32 -2.57
CA ASN A 34 2.49 -9.05 -2.08
C ASN A 34 2.32 -9.35 -0.58
N ALA A 35 3.26 -8.96 0.24
CA ALA A 35 3.12 -9.22 1.70
C ALA A 35 2.16 -8.19 2.33
N ASN A 36 1.89 -7.12 1.64
CA ASN A 36 1.00 -6.08 2.21
C ASN A 36 -0.29 -6.70 2.74
N ASP A 37 -1.07 -7.31 1.89
CA ASP A 37 -2.36 -7.92 2.32
C ASP A 37 -2.30 -8.29 3.80
N VAL A 38 -1.60 -9.33 4.12
CA VAL A 38 -1.49 -9.76 5.54
C VAL A 38 -0.93 -8.67 6.46
N LYS A 39 0.25 -8.19 6.19
CA LYS A 39 0.86 -7.17 7.11
C LYS A 39 0.32 -5.76 6.88
N LYS A 40 0.39 -5.25 5.69
CA LYS A 40 -0.07 -3.85 5.44
C LYS A 40 -1.48 -3.59 5.96
N LEU A 41 -2.48 -4.28 5.47
CA LEU A 41 -3.87 -3.97 5.92
C LEU A 41 -4.27 -4.63 7.24
N GLU A 42 -3.67 -5.72 7.63
CA GLU A 42 -4.13 -6.34 8.91
C GLU A 42 -3.78 -5.47 10.11
N GLU A 43 -2.53 -5.16 10.31
CA GLU A 43 -2.16 -4.32 11.48
C GLU A 43 -3.16 -3.17 11.66
N ALA A 44 -3.68 -2.68 10.58
CA ALA A 44 -4.65 -1.55 10.66
C ALA A 44 -5.76 -1.72 9.63
N GLY A 45 -5.45 -1.58 8.38
CA GLY A 45 -6.49 -1.74 7.32
C GLY A 45 -6.32 -0.65 6.27
N PHE A 46 -5.12 -0.48 5.76
CA PHE A 46 -4.91 0.59 4.71
C PHE A 46 -5.31 0.06 3.33
N HIS A 47 -5.88 -1.11 3.28
CA HIS A 47 -6.27 -1.69 1.97
C HIS A 47 -7.42 -0.89 1.32
N THR A 48 -7.16 0.34 0.94
CA THR A 48 -8.22 1.17 0.27
C THR A 48 -7.85 2.66 0.26
N VAL A 49 -7.01 3.06 -0.66
CA VAL A 49 -6.62 4.51 -0.75
C VAL A 49 -5.86 4.97 0.49
N GLU A 50 -5.62 4.09 1.43
CA GLU A 50 -4.87 4.52 2.65
C GLU A 50 -3.37 4.28 2.44
N ALA A 51 -3.02 3.60 1.39
CA ALA A 51 -1.58 3.33 1.12
C ALA A 51 -0.76 4.62 1.26
N VAL A 52 -1.34 5.74 0.96
CA VAL A 52 -0.59 7.03 1.09
C VAL A 52 -1.56 8.18 1.42
N ALA A 53 -2.43 7.97 2.37
CA ALA A 53 -3.40 9.05 2.73
C ALA A 53 -3.81 8.92 4.20
N TYR A 54 -2.88 8.67 5.07
CA TYR A 54 -3.23 8.53 6.52
C TYR A 54 -1.94 8.36 7.35
N ALA A 55 -1.00 7.58 6.88
CA ALA A 55 0.26 7.39 7.65
C ALA A 55 1.43 7.22 6.68
N PRO A 56 2.62 7.48 7.17
CA PRO A 56 3.84 7.35 6.33
C PRO A 56 4.13 5.87 6.07
N LYS A 57 4.21 5.49 4.83
CA LYS A 57 4.48 4.05 4.50
C LYS A 57 5.53 3.46 5.46
N LYS A 58 6.40 4.28 5.99
CA LYS A 58 7.44 3.75 6.92
C LYS A 58 6.82 3.42 8.30
N GLU A 59 5.75 4.06 8.64
CA GLU A 59 5.12 3.80 9.97
C GLU A 59 4.30 2.51 9.92
N LEU A 60 3.27 2.48 9.14
CA LEU A 60 2.46 1.24 9.06
C LEU A 60 3.41 0.06 8.86
N ILE A 61 4.19 0.06 7.83
CA ILE A 61 5.11 -1.09 7.62
C ILE A 61 5.83 -1.40 8.92
N ASN A 62 6.08 -0.39 9.72
CA ASN A 62 6.77 -0.64 11.00
C ASN A 62 6.07 -1.77 11.75
N ILE A 63 4.85 -2.13 11.37
CA ILE A 63 4.15 -3.23 12.06
C ILE A 63 5.00 -4.51 12.07
N LYS A 64 4.51 -5.56 11.47
CA LYS A 64 5.28 -6.85 11.45
C LYS A 64 6.77 -6.58 11.31
N GLY A 65 7.13 -5.50 10.67
CA GLY A 65 8.57 -5.18 10.50
C GLY A 65 8.89 -5.02 9.01
N ILE A 66 8.10 -4.28 8.30
CA ILE A 66 8.37 -4.09 6.86
C ILE A 66 8.88 -2.67 6.60
N SER A 67 8.59 -2.14 5.44
CA SER A 67 9.02 -0.76 5.09
C SER A 67 8.65 -0.53 3.63
N GLU A 68 9.51 0.07 2.87
CA GLU A 68 9.20 0.25 1.44
C GLU A 68 8.92 -1.14 0.85
N ALA A 69 9.38 -2.16 1.52
CA ALA A 69 9.15 -3.56 1.04
C ALA A 69 7.70 -3.76 0.61
N LYS A 70 6.84 -3.97 1.56
CA LYS A 70 5.41 -4.19 1.23
C LYS A 70 4.74 -2.89 0.79
N ALA A 71 4.81 -1.87 1.60
CA ALA A 71 4.16 -0.58 1.22
C ALA A 71 4.57 -0.15 -0.19
N ASP A 72 5.80 0.27 -0.36
CA ASP A 72 6.24 0.73 -1.71
C ASP A 72 5.77 -0.23 -2.81
N LYS A 73 6.05 -1.50 -2.69
CA LYS A 73 5.61 -2.44 -3.75
C LYS A 73 4.19 -2.13 -4.20
N ILE A 74 3.37 -1.60 -3.31
CA ILE A 74 1.97 -1.28 -3.71
C ILE A 74 1.94 0.01 -4.53
N LEU A 75 2.75 0.97 -4.16
CA LEU A 75 2.78 2.25 -4.91
C LEU A 75 3.30 2.02 -6.34
N ALA A 76 3.96 0.92 -6.56
CA ALA A 76 4.49 0.63 -7.92
C ALA A 76 3.37 0.07 -8.81
N GLU A 77 2.74 -0.99 -8.39
CA GLU A 77 1.65 -1.59 -9.20
C GLU A 77 0.42 -0.67 -9.18
N ALA A 78 0.15 -0.03 -8.08
CA ALA A 78 -1.03 0.87 -8.01
C ALA A 78 -0.82 2.10 -8.90
N ALA A 79 0.40 2.55 -9.04
CA ALA A 79 0.66 3.75 -9.88
C ALA A 79 0.84 3.37 -11.35
N LYS A 80 1.10 2.12 -11.64
CA LYS A 80 1.30 1.72 -13.07
C LYS A 80 0.29 0.64 -13.48
N LEU A 81 -0.47 0.13 -12.56
CA LEU A 81 -1.46 -0.93 -12.91
C LEU A 81 -2.86 -0.56 -12.42
N VAL A 82 -2.96 0.32 -11.44
CA VAL A 82 -4.30 0.70 -10.93
C VAL A 82 -4.41 2.22 -10.81
N PRO A 83 -4.56 2.86 -11.94
CA PRO A 83 -4.68 4.34 -11.97
C PRO A 83 -6.08 4.79 -11.52
N MET A 84 -7.06 4.69 -12.37
CA MET A 84 -8.43 5.10 -11.98
C MET A 84 -9.48 4.24 -12.70
N GLY A 85 -9.58 4.38 -13.99
CA GLY A 85 -10.58 3.57 -14.74
C GLY A 85 -10.08 3.35 -16.18
N GLU A 16 8.64 10.53 3.20
CA GLU A 16 9.49 10.59 1.99
C GLU A 16 9.05 9.54 0.97
N GLU A 17 7.98 9.80 0.27
CA GLU A 17 7.49 8.83 -0.75
C GLU A 17 7.11 9.55 -2.04
N GLU A 18 6.39 8.90 -2.90
CA GLU A 18 5.98 9.56 -4.18
C GLU A 18 4.68 10.34 -4.00
N SER A 19 4.18 10.96 -5.03
CA SER A 19 2.92 11.74 -4.91
C SER A 19 2.00 11.46 -6.09
N PHE A 20 0.87 12.12 -6.15
CA PHE A 20 -0.08 11.90 -7.27
C PHE A 20 -0.56 10.45 -7.29
N GLY A 21 -1.77 10.22 -7.74
CA GLY A 21 -2.29 8.82 -7.77
C GLY A 21 -3.40 8.67 -6.72
N PRO A 22 -4.50 8.12 -7.15
CA PRO A 22 -5.64 7.89 -6.23
C PRO A 22 -5.31 6.79 -5.21
N GLN A 23 -4.29 6.03 -5.48
CA GLN A 23 -3.88 4.96 -4.52
C GLN A 23 -4.97 3.92 -4.28
N PRO A 24 -5.73 3.61 -5.29
CA PRO A 24 -6.78 2.57 -5.15
C PRO A 24 -6.09 1.22 -4.93
N ILE A 25 -5.33 1.12 -3.88
CA ILE A 25 -4.59 -0.12 -3.59
C ILE A 25 -5.54 -1.19 -3.06
N SER A 26 -6.72 -0.80 -2.72
CA SER A 26 -7.71 -1.78 -2.18
C SER A 26 -7.65 -3.08 -2.97
N ARG A 27 -8.12 -3.06 -4.18
CA ARG A 27 -8.10 -4.30 -5.02
C ARG A 27 -6.69 -4.88 -5.11
N LEU A 28 -5.69 -4.06 -5.04
CA LEU A 28 -4.30 -4.58 -5.15
C LEU A 28 -3.91 -5.41 -3.91
N GLU A 29 -3.71 -4.78 -2.79
CA GLU A 29 -3.32 -5.54 -1.57
C GLU A 29 -4.52 -6.25 -0.95
N GLN A 30 -5.67 -5.64 -0.95
CA GLN A 30 -6.85 -6.31 -0.34
C GLN A 30 -7.15 -7.60 -1.09
N CYS A 31 -6.92 -7.62 -2.37
CA CYS A 31 -7.18 -8.86 -3.14
C CYS A 31 -6.04 -9.85 -2.90
N GLY A 32 -4.97 -9.41 -2.30
CA GLY A 32 -3.84 -10.31 -2.00
C GLY A 32 -2.60 -9.90 -2.81
N ILE A 33 -2.05 -8.74 -2.56
CA ILE A 33 -0.83 -8.34 -3.31
C ILE A 33 0.36 -9.01 -2.63
N ASN A 34 1.39 -8.30 -2.36
CA ASN A 34 2.58 -8.90 -1.68
C ASN A 34 2.30 -9.02 -0.19
N ALA A 35 3.32 -9.01 0.62
CA ALA A 35 3.11 -9.11 2.10
C ALA A 35 2.13 -8.04 2.58
N ASN A 36 1.88 -7.03 1.81
CA ASN A 36 0.97 -5.95 2.26
C ASN A 36 -0.34 -6.52 2.80
N ASP A 37 -1.17 -7.04 1.93
CA ASP A 37 -2.48 -7.58 2.36
C ASP A 37 -2.40 -8.10 3.80
N VAL A 38 -1.74 -9.21 3.98
CA VAL A 38 -1.62 -9.79 5.33
C VAL A 38 -1.20 -8.75 6.39
N LYS A 39 -0.04 -8.16 6.29
CA LYS A 39 0.38 -7.21 7.37
C LYS A 39 -0.08 -5.77 7.15
N LYS A 40 0.17 -5.21 6.00
CA LYS A 40 -0.22 -3.78 5.79
C LYS A 40 -1.66 -3.57 6.26
N LEU A 41 -2.60 -4.26 5.68
CA LEU A 41 -4.03 -4.05 6.08
C LEU A 41 -4.39 -4.71 7.41
N GLU A 42 -3.61 -5.62 7.93
CA GLU A 42 -4.06 -6.27 9.20
C GLU A 42 -3.94 -5.35 10.42
N GLU A 43 -2.77 -4.95 10.81
CA GLU A 43 -2.67 -4.10 12.03
C GLU A 43 -3.44 -2.79 11.83
N ALA A 44 -3.69 -2.42 10.61
CA ALA A 44 -4.43 -1.15 10.37
C ALA A 44 -5.52 -1.38 9.33
N GLY A 45 -5.16 -1.69 8.12
CA GLY A 45 -6.19 -1.92 7.07
C GLY A 45 -6.04 -0.87 5.97
N PHE A 46 -4.85 -0.69 5.46
CA PHE A 46 -4.68 0.33 4.35
C PHE A 46 -5.13 -0.24 3.01
N HIS A 47 -5.91 -1.28 3.01
CA HIS A 47 -6.37 -1.88 1.72
C HIS A 47 -7.23 -0.89 0.92
N THR A 48 -6.68 0.23 0.53
CA THR A 48 -7.47 1.21 -0.26
C THR A 48 -6.73 2.55 -0.36
N VAL A 49 -7.25 3.46 -1.15
CA VAL A 49 -6.62 4.79 -1.29
C VAL A 49 -6.04 5.29 0.04
N GLU A 50 -6.58 4.84 1.14
CA GLU A 50 -6.07 5.28 2.47
C GLU A 50 -4.54 5.44 2.46
N ALA A 51 -3.86 4.71 1.62
CA ALA A 51 -2.38 4.85 1.57
C ALA A 51 -1.98 6.33 1.49
N VAL A 52 -2.88 7.17 1.06
CA VAL A 52 -2.55 8.62 0.96
C VAL A 52 -3.01 9.37 2.21
N ALA A 53 -2.24 10.34 2.66
CA ALA A 53 -2.63 11.12 3.87
C ALA A 53 -3.18 10.19 4.95
N TYR A 54 -2.34 9.75 5.85
CA TYR A 54 -2.81 8.85 6.95
C TYR A 54 -1.64 8.48 7.86
N ALA A 55 -0.60 7.92 7.30
CA ALA A 55 0.58 7.55 8.13
C ALA A 55 1.80 7.28 7.23
N PRO A 56 2.95 7.48 7.79
CA PRO A 56 4.21 7.26 7.02
C PRO A 56 4.38 5.77 6.76
N LYS A 57 4.36 5.37 5.52
CA LYS A 57 4.51 3.93 5.19
C LYS A 57 5.53 3.28 6.11
N LYS A 58 6.59 3.97 6.42
CA LYS A 58 7.63 3.39 7.32
C LYS A 58 7.03 2.99 8.67
N GLU A 59 5.99 3.68 9.09
CA GLU A 59 5.36 3.33 10.40
C GLU A 59 4.41 2.16 10.21
N LEU A 60 3.55 2.25 9.24
CA LEU A 60 2.61 1.13 9.00
C LEU A 60 3.44 -0.15 8.81
N ILE A 61 4.26 -0.19 7.79
CA ILE A 61 5.09 -1.39 7.54
C ILE A 61 5.77 -1.81 8.83
N ASN A 62 6.06 -0.88 9.68
CA ASN A 62 6.69 -1.23 10.97
C ASN A 62 5.89 -2.37 11.63
N ILE A 63 4.70 -2.66 11.15
CA ILE A 63 3.91 -3.76 11.77
C ILE A 63 4.82 -4.97 12.05
N LYS A 64 4.97 -5.82 11.08
CA LYS A 64 5.83 -7.01 11.27
C LYS A 64 7.31 -6.61 11.21
N GLY A 65 7.66 -5.82 10.23
CA GLY A 65 9.07 -5.38 10.10
C GLY A 65 9.36 -5.10 8.63
N ILE A 66 8.46 -4.44 7.96
CA ILE A 66 8.66 -4.14 6.52
C ILE A 66 9.10 -2.69 6.33
N SER A 67 8.73 -2.11 5.22
CA SER A 67 9.09 -0.69 4.92
C SER A 67 8.67 -0.42 3.48
N GLU A 68 9.49 0.26 2.73
CA GLU A 68 9.12 0.48 1.31
C GLU A 68 8.86 -0.89 0.69
N ALA A 69 9.39 -1.92 1.30
CA ALA A 69 9.19 -3.30 0.77
C ALA A 69 7.75 -3.50 0.32
N LYS A 70 6.86 -3.73 1.23
CA LYS A 70 5.45 -3.96 0.86
C LYS A 70 4.73 -2.62 0.61
N ALA A 71 4.81 -1.70 1.54
CA ALA A 71 4.13 -0.39 1.33
C ALA A 71 4.45 0.16 -0.07
N ASP A 72 5.66 0.55 -0.28
CA ASP A 72 6.05 1.09 -1.63
C ASP A 72 5.66 0.11 -2.72
N LYS A 73 5.77 -1.17 -2.46
CA LYS A 73 5.42 -2.18 -3.49
C LYS A 73 3.95 -2.01 -3.92
N ILE A 74 3.14 -1.43 -3.07
CA ILE A 74 1.71 -1.24 -3.44
C ILE A 74 1.56 0.00 -4.34
N LEU A 75 2.25 1.06 -4.00
CA LEU A 75 2.16 2.29 -4.84
C LEU A 75 2.70 1.99 -6.24
N ALA A 76 3.50 0.97 -6.36
CA ALA A 76 4.06 0.62 -7.69
C ALA A 76 3.06 -0.21 -8.47
N GLU A 77 2.55 -1.25 -7.89
CA GLU A 77 1.55 -2.11 -8.58
C GLU A 77 0.25 -1.34 -8.76
N ALA A 78 -0.14 -0.56 -7.79
CA ALA A 78 -1.41 0.23 -7.92
C ALA A 78 -1.29 1.23 -9.07
N ALA A 79 -0.17 1.88 -9.19
CA ALA A 79 0.00 2.87 -10.29
C ALA A 79 0.13 2.15 -11.63
N LYS A 80 0.48 0.90 -11.62
CA LYS A 80 0.62 0.15 -12.91
C LYS A 80 -0.67 -0.62 -13.21
N LEU A 81 -1.58 -0.66 -12.28
CA LEU A 81 -2.85 -1.40 -12.52
C LEU A 81 -4.04 -0.43 -12.49
N VAL A 82 -4.15 0.33 -11.43
CA VAL A 82 -5.28 1.30 -11.33
C VAL A 82 -4.75 2.72 -11.22
N PRO A 83 -4.31 3.24 -12.33
CA PRO A 83 -3.76 4.62 -12.37
C PRO A 83 -4.89 5.65 -12.25
N MET A 84 -6.08 5.29 -12.63
CA MET A 84 -7.21 6.24 -12.55
C MET A 84 -8.53 5.49 -12.31
N GLY A 85 -9.63 6.18 -12.28
CA GLY A 85 -10.93 5.50 -12.05
C GLY A 85 -10.98 4.94 -10.63
N GLU A 16 10.49 11.81 -4.87
CA GLU A 16 10.81 11.43 -6.28
C GLU A 16 9.94 10.24 -6.72
N GLU A 17 9.69 9.33 -5.82
CA GLU A 17 8.87 8.14 -6.19
C GLU A 17 7.46 8.27 -5.59
N GLU A 18 6.97 7.24 -4.95
CA GLU A 18 5.61 7.33 -4.35
C GLU A 18 4.57 7.58 -5.45
N SER A 19 3.32 7.70 -5.08
CA SER A 19 2.27 7.96 -6.10
C SER A 19 1.98 9.46 -6.20
N PHE A 20 1.13 9.86 -7.12
CA PHE A 20 0.82 11.30 -7.27
C PHE A 20 -0.64 11.49 -7.71
N GLY A 21 -1.48 10.52 -7.47
CA GLY A 21 -2.90 10.64 -7.87
C GLY A 21 -3.78 9.86 -6.89
N PRO A 22 -4.57 8.97 -7.42
CA PRO A 22 -5.48 8.15 -6.58
C PRO A 22 -4.71 6.96 -5.99
N GLN A 23 -5.25 6.33 -4.98
CA GLN A 23 -4.55 5.17 -4.38
C GLN A 23 -5.53 4.10 -3.93
N PRO A 24 -6.53 3.85 -4.74
CA PRO A 24 -7.53 2.80 -4.39
C PRO A 24 -6.82 1.44 -4.45
N ILE A 25 -5.82 1.28 -3.62
CA ILE A 25 -5.07 0.01 -3.59
C ILE A 25 -5.94 -1.11 -3.05
N SER A 26 -7.09 -0.74 -2.54
CA SER A 26 -8.00 -1.77 -1.97
C SER A 26 -8.01 -3.02 -2.86
N ARG A 27 -8.53 -2.90 -4.04
CA ARG A 27 -8.58 -4.08 -4.96
C ARG A 27 -7.18 -4.68 -5.16
N LEU A 28 -6.15 -3.86 -5.09
CA LEU A 28 -4.77 -4.39 -5.30
C LEU A 28 -4.28 -5.23 -4.12
N GLU A 29 -4.07 -4.62 -2.98
CA GLU A 29 -3.58 -5.40 -1.81
C GLU A 29 -4.72 -6.17 -1.13
N GLN A 30 -5.90 -5.64 -1.12
CA GLN A 30 -7.01 -6.37 -0.45
C GLN A 30 -7.37 -7.61 -1.26
N CYS A 31 -7.23 -7.55 -2.56
CA CYS A 31 -7.58 -8.75 -3.38
C CYS A 31 -6.44 -9.76 -3.31
N GLY A 32 -5.30 -9.35 -2.83
CA GLY A 32 -4.17 -10.30 -2.71
C GLY A 32 -2.96 -9.79 -3.50
N ILE A 33 -2.31 -8.75 -3.04
CA ILE A 33 -1.11 -8.26 -3.76
C ILE A 33 0.13 -8.98 -3.21
N ASN A 34 1.15 -8.27 -2.87
CA ASN A 34 2.38 -8.92 -2.31
C ASN A 34 2.21 -9.15 -0.80
N ALA A 35 3.29 -9.22 -0.08
CA ALA A 35 3.20 -9.45 1.40
C ALA A 35 2.18 -8.51 2.02
N ASN A 36 1.98 -7.38 1.42
CA ASN A 36 1.02 -6.39 2.00
C ASN A 36 -0.21 -7.08 2.56
N ASP A 37 -0.77 -7.99 1.81
CA ASP A 37 -1.99 -8.70 2.29
C ASP A 37 -1.95 -8.88 3.81
N VAL A 38 -1.17 -9.83 4.25
CA VAL A 38 -1.04 -10.12 5.71
C VAL A 38 -0.64 -8.88 6.51
N LYS A 39 0.47 -8.28 6.20
CA LYS A 39 0.92 -7.11 7.01
C LYS A 39 0.15 -5.84 6.70
N LYS A 40 0.31 -5.31 5.52
CA LYS A 40 -0.35 -4.02 5.16
C LYS A 40 -1.80 -3.91 5.66
N LEU A 41 -2.67 -4.79 5.25
CA LEU A 41 -4.10 -4.63 5.66
C LEU A 41 -4.46 -5.26 7.01
N GLU A 42 -3.66 -6.13 7.56
CA GLU A 42 -4.09 -6.75 8.82
C GLU A 42 -3.91 -5.82 10.03
N GLU A 43 -2.71 -5.37 10.28
CA GLU A 43 -2.50 -4.49 11.48
C GLU A 43 -3.65 -3.48 11.61
N ALA A 44 -3.68 -2.50 10.76
CA ALA A 44 -4.77 -1.49 10.85
C ALA A 44 -5.81 -1.75 9.76
N GLY A 45 -5.37 -1.88 8.54
CA GLY A 45 -6.32 -2.12 7.42
C GLY A 45 -6.09 -1.04 6.35
N PHE A 46 -4.86 -0.79 6.03
CA PHE A 46 -4.57 0.26 4.98
C PHE A 46 -4.90 -0.23 3.57
N HIS A 47 -5.57 -1.34 3.43
CA HIS A 47 -5.91 -1.83 2.06
C HIS A 47 -6.83 -0.85 1.34
N THR A 48 -6.33 0.32 1.02
CA THR A 48 -7.17 1.33 0.30
C THR A 48 -6.41 2.66 0.12
N VAL A 49 -7.03 3.61 -0.52
CA VAL A 49 -6.39 4.94 -0.76
C VAL A 49 -5.47 5.35 0.41
N GLU A 50 -5.75 4.91 1.60
CA GLU A 50 -4.90 5.28 2.76
C GLU A 50 -3.40 5.25 2.39
N ALA A 51 -3.03 4.49 1.40
CA ALA A 51 -1.59 4.41 1.00
C ALA A 51 -1.07 5.80 0.60
N VAL A 52 -1.95 6.74 0.35
CA VAL A 52 -1.48 8.10 -0.06
C VAL A 52 -1.50 9.05 1.13
N ALA A 53 -0.44 9.80 1.31
CA ALA A 53 -0.38 10.77 2.45
C ALA A 53 -0.99 10.14 3.71
N TYR A 54 -1.62 10.92 4.54
CA TYR A 54 -2.23 10.36 5.78
C TYR A 54 -1.18 9.63 6.62
N ALA A 55 -0.85 8.43 6.28
CA ALA A 55 0.16 7.67 7.07
C ALA A 55 1.39 7.35 6.19
N PRO A 56 2.54 7.63 6.72
CA PRO A 56 3.79 7.36 5.99
C PRO A 56 4.03 5.86 5.91
N LYS A 57 3.97 5.31 4.73
CA LYS A 57 4.17 3.83 4.57
C LYS A 57 5.27 3.33 5.51
N LYS A 58 6.32 4.08 5.67
CA LYS A 58 7.41 3.64 6.57
C LYS A 58 6.87 3.41 7.99
N GLU A 59 5.87 4.15 8.37
CA GLU A 59 5.29 3.98 9.72
C GLU A 59 4.34 2.80 9.72
N LEU A 60 3.43 2.75 8.80
CA LEU A 60 2.50 1.60 8.75
C LEU A 60 3.33 0.32 8.77
N ILE A 61 4.15 0.13 7.76
CA ILE A 61 4.99 -1.09 7.71
C ILE A 61 5.66 -1.31 9.05
N ASN A 62 5.94 -0.24 9.75
CA ASN A 62 6.56 -0.41 11.08
C ASN A 62 5.78 -1.42 11.91
N ILE A 63 4.58 -1.79 11.50
CA ILE A 63 3.82 -2.78 12.30
C ILE A 63 4.67 -4.03 12.54
N LYS A 64 4.77 -4.85 11.54
CA LYS A 64 5.58 -6.09 11.68
C LYS A 64 7.07 -5.75 11.60
N GLY A 65 7.40 -4.64 10.99
CA GLY A 65 8.83 -4.25 10.89
C GLY A 65 9.24 -4.16 9.43
N ILE A 66 8.31 -4.06 8.52
CA ILE A 66 8.70 -3.98 7.08
C ILE A 66 9.12 -2.55 6.75
N SER A 67 8.74 -2.09 5.58
CA SER A 67 9.10 -0.71 5.14
C SER A 67 8.67 -0.57 3.69
N GLU A 68 9.47 0.05 2.88
CA GLU A 68 9.08 0.15 1.45
C GLU A 68 8.89 -1.27 0.92
N ALA A 69 9.41 -2.25 1.62
CA ALA A 69 9.27 -3.66 1.18
C ALA A 69 7.86 -3.94 0.65
N LYS A 70 6.95 -4.17 1.54
CA LYS A 70 5.55 -4.45 1.10
C LYS A 70 4.84 -3.13 0.76
N ALA A 71 5.00 -2.12 1.57
CA ALA A 71 4.33 -0.82 1.26
C ALA A 71 4.63 -0.39 -0.18
N ASP A 72 5.87 -0.07 -0.47
CA ASP A 72 6.22 0.34 -1.85
C ASP A 72 5.60 -0.60 -2.88
N LYS A 73 5.78 -1.88 -2.71
CA LYS A 73 5.20 -2.84 -3.69
C LYS A 73 3.75 -2.44 -4.01
N ILE A 74 3.08 -1.80 -3.09
CA ILE A 74 1.67 -1.40 -3.35
C ILE A 74 1.62 -0.09 -4.16
N LEU A 75 2.31 0.92 -3.70
CA LEU A 75 2.31 2.20 -4.46
C LEU A 75 2.87 1.99 -5.86
N ALA A 76 3.59 0.91 -6.06
CA ALA A 76 4.16 0.63 -7.40
C ALA A 76 3.16 -0.15 -8.25
N GLU A 77 2.55 -1.16 -7.69
CA GLU A 77 1.56 -1.96 -8.45
C GLU A 77 0.32 -1.11 -8.73
N ALA A 78 -0.04 -0.23 -7.81
CA ALA A 78 -1.23 0.63 -8.02
C ALA A 78 -0.87 1.79 -8.95
N ALA A 79 0.34 2.27 -8.87
CA ALA A 79 0.76 3.40 -9.75
C ALA A 79 0.90 2.91 -11.19
N LYS A 80 1.09 1.63 -11.38
CA LYS A 80 1.24 1.11 -12.77
C LYS A 80 0.01 0.27 -13.15
N LEU A 81 -0.81 -0.07 -12.20
CA LEU A 81 -2.02 -0.89 -12.53
C LEU A 81 -3.29 -0.15 -12.09
N VAL A 82 -3.16 0.84 -11.26
CA VAL A 82 -4.36 1.61 -10.80
C VAL A 82 -4.15 3.10 -11.03
N PRO A 83 -3.88 3.45 -12.25
CA PRO A 83 -3.65 4.87 -12.61
C PRO A 83 -4.96 5.66 -12.58
N MET A 84 -6.06 4.98 -12.40
CA MET A 84 -7.37 5.69 -12.36
C MET A 84 -8.29 5.08 -11.30
N GLY A 85 -9.42 5.68 -11.05
CA GLY A 85 -10.34 5.13 -10.02
C GLY A 85 -11.73 4.94 -10.63
#